data_5F5G
# 
_entry.id   5F5G 
# 
_audit_conform.dict_name       mmcif_pdbx.dic 
_audit_conform.dict_version    5.395 
_audit_conform.dict_location   http://mmcif.pdb.org/dictionaries/ascii/mmcif_pdbx.dic 
# 
loop_
_database_2.database_id 
_database_2.database_code 
_database_2.pdbx_database_accession 
_database_2.pdbx_DOI 
PDB   5F5G         pdb_00005f5g 10.2210/pdb5f5g/pdb 
WWPDB D_1000216053 ?            ?                   
# 
loop_
_pdbx_audit_revision_history.ordinal 
_pdbx_audit_revision_history.data_content_type 
_pdbx_audit_revision_history.major_revision 
_pdbx_audit_revision_history.minor_revision 
_pdbx_audit_revision_history.revision_date 
1 'Structure model' 1 0 2016-04-06 
2 'Structure model' 2 0 2024-07-10 
# 
_pdbx_audit_revision_details.ordinal             1 
_pdbx_audit_revision_details.revision_ordinal    1 
_pdbx_audit_revision_details.data_content_type   'Structure model' 
_pdbx_audit_revision_details.provider            repository 
_pdbx_audit_revision_details.type                'Initial release' 
_pdbx_audit_revision_details.description         ? 
_pdbx_audit_revision_details.details             ? 
# 
loop_
_pdbx_audit_revision_group.ordinal 
_pdbx_audit_revision_group.revision_ordinal 
_pdbx_audit_revision_group.data_content_type 
_pdbx_audit_revision_group.group 
1 2 'Structure model' 'Data collection'      
2 2 'Structure model' 'Database references'  
3 2 'Structure model' 'Derived calculations' 
4 2 'Structure model' 'Polymer sequence'     
# 
loop_
_pdbx_audit_revision_category.ordinal 
_pdbx_audit_revision_category.revision_ordinal 
_pdbx_audit_revision_category.data_content_type 
_pdbx_audit_revision_category.category 
1 2 'Structure model' chem_comp_atom        
2 2 'Structure model' chem_comp_bond        
3 2 'Structure model' citation              
4 2 'Structure model' database_2            
5 2 'Structure model' entity_poly           
6 2 'Structure model' pdbx_struct_oper_list 
7 2 'Structure model' struct_conn           
# 
loop_
_pdbx_audit_revision_item.ordinal 
_pdbx_audit_revision_item.revision_ordinal 
_pdbx_audit_revision_item.data_content_type 
_pdbx_audit_revision_item.item 
1 2 'Structure model' '_citation.journal_id_CSD'                  
2 2 'Structure model' '_database_2.pdbx_DOI'                      
3 2 'Structure model' '_database_2.pdbx_database_accession'       
4 2 'Structure model' '_entity_poly.pdbx_seq_one_letter_code_can' 
5 2 'Structure model' '_pdbx_struct_oper_list.symmetry_operation' 
6 2 'Structure model' '_struct_conn.pdbx_leaving_atom_flag'       
# 
_pdbx_database_status.status_code                     REL 
_pdbx_database_status.status_code_sf                  REL 
_pdbx_database_status.status_code_mr                  ? 
_pdbx_database_status.entry_id                        5F5G 
_pdbx_database_status.recvd_initial_deposition_date   2015-12-04 
_pdbx_database_status.SG_entry                        N 
_pdbx_database_status.deposit_site                    RCSB 
_pdbx_database_status.process_site                    RCSB 
_pdbx_database_status.status_code_cs                  ? 
_pdbx_database_status.methods_development_category    ? 
_pdbx_database_status.pdb_format_compatible           Y 
_pdbx_database_status.status_code_nmr_data            ? 
# 
loop_
_pdbx_database_related.content_type 
_pdbx_database_related.db_id 
_pdbx_database_related.db_name 
_pdbx_database_related.details 
unspecified 5F5B PDB . 
unspecified 5F5D PDB . 
unspecified 5F5J PDB . 
unspecified 5F5K PDB . 
# 
loop_
_audit_author.name 
_audit_author.pdbx_ordinal 
'Urban, S.'    1 
'Cho, S.'      2 
'Dickey, S.W.' 3 
# 
_citation.abstract                  ? 
_citation.abstract_id_CAS           ? 
_citation.book_id_ISBN              ? 
_citation.book_publisher            ? 
_citation.book_publisher_city       ? 
_citation.book_title                ? 
_citation.coordinate_linkage        ? 
_citation.country                   US 
_citation.database_id_Medline       ? 
_citation.details                   ? 
_citation.id                        primary 
_citation.journal_abbrev            Mol.Cell 
_citation.journal_id_ASTM           MOCEFL 
_citation.journal_id_CSD            2168 
_citation.journal_id_ISSN           1097-2765 
_citation.journal_full              ? 
_citation.journal_issue             ? 
_citation.journal_volume            61 
_citation.language                  ? 
_citation.page_first                329 
_citation.page_last                 340 
_citation.title                     
;Crystal Structures and Inhibition Kinetics Reveal a Two-Stage Catalytic Mechanism with Drug Design Implications for Rhomboid Proteolysis.
;
_citation.year                      2016 
_citation.database_id_CSD           ? 
_citation.pdbx_database_id_DOI      10.1016/j.molcel.2015.12.022 
_citation.pdbx_database_id_PubMed   26805573 
_citation.unpublished_flag          ? 
# 
loop_
_citation_author.citation_id 
_citation_author.name 
_citation_author.ordinal 
_citation_author.identifier_ORCID 
primary 'Cho, S.'      1 ? 
primary 'Dickey, S.W.' 2 ? 
primary 'Urban, S.'    3 ? 
# 
loop_
_entity.id 
_entity.type 
_entity.src_method 
_entity.pdbx_description 
_entity.formula_weight 
_entity.pdbx_number_of_molecules 
_entity.pdbx_ec 
_entity.pdbx_mutation 
_entity.pdbx_fragment 
_entity.details 
1 polymer man 'Rhomboid protease GlpG' 23800.133 1  3.4.21.105 Y205F                                                             
'UNP residues 87-276' ? 
2 polymer syn ACE-ARG-MET-ALA-aldehyde 387.521   1  ?          'Acetylation at N-terminus and functional aldehyde at C-terminus' ? 
? 
3 water   nat water                    18.015    30 ?          ?                                                                 ? 
? 
# 
_entity_name_com.entity_id   1 
_entity_name_com.name        'Intramembrane serine protease' 
# 
loop_
_entity_poly.entity_id 
_entity_poly.type 
_entity_poly.nstd_linkage 
_entity_poly.nstd_monomer 
_entity_poly.pdbx_seq_one_letter_code 
_entity_poly.pdbx_seq_one_letter_code_can 
_entity_poly.pdbx_strand_id 
_entity_poly.pdbx_target_identifier 
1 'polypeptide(L)' no no  
;MGSSHHHHHHSSGLVPRGSHMAALRERAGPVTWVMMIACVVVFIAMQILGDQEVMLWLAWPFDPTLKFEFWRYFTHALMH
FSLMHILFNLLWWWYLGGAVEKRLGSGKLIVITLISALLSGYVQQKFSGPWFGGLSGVVFALMGYVWLRGERDPQSGIYL
QRGLIIFALIWIVAGWFDLFGMSMANGAHIAGLAVGLAMAFVDSLNARKRK
;
;MGSSHHHHHHSSGLVPRGSHMAALRERAGPVTWVMMIACVVVFIAMQILGDQEVMLWLAWPFDPTLKFEFWRYFTHALMH
FSLMHILFNLLWWWYLGGAVEKRLGSGKLIVITLISALLSGYVQQKFSGPWFGGLSGVVFALMGYVWLRGERDPQSGIYL
QRGLIIFALIWIVAGWFDLFGMSMANGAHIAGLAVGLAMAFVDSLNARKRK
;
A ? 
2 'polypeptide(L)' no yes '(ACE)RM(5XU)' XRMA B ? 
# 
_pdbx_entity_nonpoly.entity_id   3 
_pdbx_entity_nonpoly.name        water 
_pdbx_entity_nonpoly.comp_id     HOH 
# 
loop_
_entity_poly_seq.entity_id 
_entity_poly_seq.num 
_entity_poly_seq.mon_id 
_entity_poly_seq.hetero 
1 1   MET n 
1 2   GLY n 
1 3   SER n 
1 4   SER n 
1 5   HIS n 
1 6   HIS n 
1 7   HIS n 
1 8   HIS n 
1 9   HIS n 
1 10  HIS n 
1 11  SER n 
1 12  SER n 
1 13  GLY n 
1 14  LEU n 
1 15  VAL n 
1 16  PRO n 
1 17  ARG n 
1 18  GLY n 
1 19  SER n 
1 20  HIS n 
1 21  MET n 
1 22  ALA n 
1 23  ALA n 
1 24  LEU n 
1 25  ARG n 
1 26  GLU n 
1 27  ARG n 
1 28  ALA n 
1 29  GLY n 
1 30  PRO n 
1 31  VAL n 
1 32  THR n 
1 33  TRP n 
1 34  VAL n 
1 35  MET n 
1 36  MET n 
1 37  ILE n 
1 38  ALA n 
1 39  CYS n 
1 40  VAL n 
1 41  VAL n 
1 42  VAL n 
1 43  PHE n 
1 44  ILE n 
1 45  ALA n 
1 46  MET n 
1 47  GLN n 
1 48  ILE n 
1 49  LEU n 
1 50  GLY n 
1 51  ASP n 
1 52  GLN n 
1 53  GLU n 
1 54  VAL n 
1 55  MET n 
1 56  LEU n 
1 57  TRP n 
1 58  LEU n 
1 59  ALA n 
1 60  TRP n 
1 61  PRO n 
1 62  PHE n 
1 63  ASP n 
1 64  PRO n 
1 65  THR n 
1 66  LEU n 
1 67  LYS n 
1 68  PHE n 
1 69  GLU n 
1 70  PHE n 
1 71  TRP n 
1 72  ARG n 
1 73  TYR n 
1 74  PHE n 
1 75  THR n 
1 76  HIS n 
1 77  ALA n 
1 78  LEU n 
1 79  MET n 
1 80  HIS n 
1 81  PHE n 
1 82  SER n 
1 83  LEU n 
1 84  MET n 
1 85  HIS n 
1 86  ILE n 
1 87  LEU n 
1 88  PHE n 
1 89  ASN n 
1 90  LEU n 
1 91  LEU n 
1 92  TRP n 
1 93  TRP n 
1 94  TRP n 
1 95  TYR n 
1 96  LEU n 
1 97  GLY n 
1 98  GLY n 
1 99  ALA n 
1 100 VAL n 
1 101 GLU n 
1 102 LYS n 
1 103 ARG n 
1 104 LEU n 
1 105 GLY n 
1 106 SER n 
1 107 GLY n 
1 108 LYS n 
1 109 LEU n 
1 110 ILE n 
1 111 VAL n 
1 112 ILE n 
1 113 THR n 
1 114 LEU n 
1 115 ILE n 
1 116 SER n 
1 117 ALA n 
1 118 LEU n 
1 119 LEU n 
1 120 SER n 
1 121 GLY n 
1 122 TYR n 
1 123 VAL n 
1 124 GLN n 
1 125 GLN n 
1 126 LYS n 
1 127 PHE n 
1 128 SER n 
1 129 GLY n 
1 130 PRO n 
1 131 TRP n 
1 132 PHE n 
1 133 GLY n 
1 134 GLY n 
1 135 LEU n 
1 136 SER n 
1 137 GLY n 
1 138 VAL n 
1 139 VAL n 
1 140 PHE n 
1 141 ALA n 
1 142 LEU n 
1 143 MET n 
1 144 GLY n 
1 145 TYR n 
1 146 VAL n 
1 147 TRP n 
1 148 LEU n 
1 149 ARG n 
1 150 GLY n 
1 151 GLU n 
1 152 ARG n 
1 153 ASP n 
1 154 PRO n 
1 155 GLN n 
1 156 SER n 
1 157 GLY n 
1 158 ILE n 
1 159 TYR n 
1 160 LEU n 
1 161 GLN n 
1 162 ARG n 
1 163 GLY n 
1 164 LEU n 
1 165 ILE n 
1 166 ILE n 
1 167 PHE n 
1 168 ALA n 
1 169 LEU n 
1 170 ILE n 
1 171 TRP n 
1 172 ILE n 
1 173 VAL n 
1 174 ALA n 
1 175 GLY n 
1 176 TRP n 
1 177 PHE n 
1 178 ASP n 
1 179 LEU n 
1 180 PHE n 
1 181 GLY n 
1 182 MET n 
1 183 SER n 
1 184 MET n 
1 185 ALA n 
1 186 ASN n 
1 187 GLY n 
1 188 ALA n 
1 189 HIS n 
1 190 ILE n 
1 191 ALA n 
1 192 GLY n 
1 193 LEU n 
1 194 ALA n 
1 195 VAL n 
1 196 GLY n 
1 197 LEU n 
1 198 ALA n 
1 199 MET n 
1 200 ALA n 
1 201 PHE n 
1 202 VAL n 
1 203 ASP n 
1 204 SER n 
1 205 LEU n 
1 206 ASN n 
1 207 ALA n 
1 208 ARG n 
1 209 LYS n 
1 210 ARG n 
1 211 LYS n 
2 1   ACE n 
2 2   ARG n 
2 3   MET n 
2 4   5XU n 
# 
_entity_src_gen.entity_id                          1 
_entity_src_gen.pdbx_src_id                        1 
_entity_src_gen.pdbx_alt_source_flag               sample 
_entity_src_gen.pdbx_seq_type                      'Biological sequence' 
_entity_src_gen.pdbx_beg_seq_num                   1 
_entity_src_gen.pdbx_end_seq_num                   211 
_entity_src_gen.gene_src_common_name               ? 
_entity_src_gen.gene_src_genus                     ? 
_entity_src_gen.pdbx_gene_src_gene                 'glpG, APT88_21985, SK83_00858' 
_entity_src_gen.gene_src_species                   ? 
_entity_src_gen.gene_src_strain                    ? 
_entity_src_gen.gene_src_tissue                    ? 
_entity_src_gen.gene_src_tissue_fraction           ? 
_entity_src_gen.gene_src_details                   ? 
_entity_src_gen.pdbx_gene_src_fragment             ? 
_entity_src_gen.pdbx_gene_src_scientific_name      'Escherichia coli' 
_entity_src_gen.pdbx_gene_src_ncbi_taxonomy_id     562 
_entity_src_gen.pdbx_gene_src_variant              ? 
_entity_src_gen.pdbx_gene_src_cell_line            ? 
_entity_src_gen.pdbx_gene_src_atcc                 ? 
_entity_src_gen.pdbx_gene_src_organ                ? 
_entity_src_gen.pdbx_gene_src_organelle            ? 
_entity_src_gen.pdbx_gene_src_cell                 ? 
_entity_src_gen.pdbx_gene_src_cellular_location    ? 
_entity_src_gen.host_org_common_name               ? 
_entity_src_gen.pdbx_host_org_scientific_name      'Escherichia coli' 
_entity_src_gen.pdbx_host_org_ncbi_taxonomy_id     562 
_entity_src_gen.host_org_genus                     ? 
_entity_src_gen.pdbx_host_org_gene                 ? 
_entity_src_gen.pdbx_host_org_organ                ? 
_entity_src_gen.host_org_species                   ? 
_entity_src_gen.pdbx_host_org_tissue               ? 
_entity_src_gen.pdbx_host_org_tissue_fraction      ? 
_entity_src_gen.pdbx_host_org_strain               'BL21(C43)' 
_entity_src_gen.pdbx_host_org_variant              ? 
_entity_src_gen.pdbx_host_org_cell_line            ? 
_entity_src_gen.pdbx_host_org_atcc                 ? 
_entity_src_gen.pdbx_host_org_culture_collection   ? 
_entity_src_gen.pdbx_host_org_cell                 ? 
_entity_src_gen.pdbx_host_org_organelle            ? 
_entity_src_gen.pdbx_host_org_cellular_location    ? 
_entity_src_gen.pdbx_host_org_vector_type          ? 
_entity_src_gen.pdbx_host_org_vector               ? 
_entity_src_gen.host_org_details                   ? 
_entity_src_gen.expression_system_id               ? 
_entity_src_gen.plasmid_name                       ? 
_entity_src_gen.plasmid_details                    ? 
_entity_src_gen.pdbx_description                   ? 
# 
_pdbx_entity_src_syn.entity_id              2 
_pdbx_entity_src_syn.pdbx_src_id            1 
_pdbx_entity_src_syn.pdbx_alt_source_flag   sample 
_pdbx_entity_src_syn.pdbx_beg_seq_num       1 
_pdbx_entity_src_syn.pdbx_end_seq_num       4 
_pdbx_entity_src_syn.organism_scientific    'Drosophila melanogaster' 
_pdbx_entity_src_syn.organism_common_name   ? 
_pdbx_entity_src_syn.ncbi_taxonomy_id       7227 
_pdbx_entity_src_syn.details                ? 
# 
loop_
_chem_comp.id 
_chem_comp.type 
_chem_comp.mon_nstd_flag 
_chem_comp.name 
_chem_comp.pdbx_synonyms 
_chem_comp.formula 
_chem_comp.formula_weight 
5XU 'L-peptide linking' n '(2~{S})-2-azanylpropanal' Ala-aldehyde 'C3 H7 N O'      73.094  
ACE non-polymer         . 'ACETYL GROUP'             ?            'C2 H4 O'        44.053  
ALA 'L-peptide linking' y ALANINE                    ?            'C3 H7 N O2'     89.093  
ARG 'L-peptide linking' y ARGININE                   ?            'C6 H15 N4 O2 1' 175.209 
ASN 'L-peptide linking' y ASPARAGINE                 ?            'C4 H8 N2 O3'    132.118 
ASP 'L-peptide linking' y 'ASPARTIC ACID'            ?            'C4 H7 N O4'     133.103 
CYS 'L-peptide linking' y CYSTEINE                   ?            'C3 H7 N O2 S'   121.158 
GLN 'L-peptide linking' y GLUTAMINE                  ?            'C5 H10 N2 O3'   146.144 
GLU 'L-peptide linking' y 'GLUTAMIC ACID'            ?            'C5 H9 N O4'     147.129 
GLY 'peptide linking'   y GLYCINE                    ?            'C2 H5 N O2'     75.067  
HIS 'L-peptide linking' y HISTIDINE                  ?            'C6 H10 N3 O2 1' 156.162 
HOH non-polymer         . WATER                      ?            'H2 O'           18.015  
ILE 'L-peptide linking' y ISOLEUCINE                 ?            'C6 H13 N O2'    131.173 
LEU 'L-peptide linking' y LEUCINE                    ?            'C6 H13 N O2'    131.173 
LYS 'L-peptide linking' y LYSINE                     ?            'C6 H15 N2 O2 1' 147.195 
MET 'L-peptide linking' y METHIONINE                 ?            'C5 H11 N O2 S'  149.211 
PHE 'L-peptide linking' y PHENYLALANINE              ?            'C9 H11 N O2'    165.189 
PRO 'L-peptide linking' y PROLINE                    ?            'C5 H9 N O2'     115.130 
SER 'L-peptide linking' y SERINE                     ?            'C3 H7 N O3'     105.093 
THR 'L-peptide linking' y THREONINE                  ?            'C4 H9 N O3'     119.119 
TRP 'L-peptide linking' y TRYPTOPHAN                 ?            'C11 H12 N2 O2'  204.225 
TYR 'L-peptide linking' y TYROSINE                   ?            'C9 H11 N O3'    181.189 
VAL 'L-peptide linking' y VALINE                     ?            'C5 H11 N O2'    117.146 
# 
loop_
_pdbx_poly_seq_scheme.asym_id 
_pdbx_poly_seq_scheme.entity_id 
_pdbx_poly_seq_scheme.seq_id 
_pdbx_poly_seq_scheme.mon_id 
_pdbx_poly_seq_scheme.ndb_seq_num 
_pdbx_poly_seq_scheme.pdb_seq_num 
_pdbx_poly_seq_scheme.auth_seq_num 
_pdbx_poly_seq_scheme.pdb_mon_id 
_pdbx_poly_seq_scheme.auth_mon_id 
_pdbx_poly_seq_scheme.pdb_strand_id 
_pdbx_poly_seq_scheme.pdb_ins_code 
_pdbx_poly_seq_scheme.hetero 
A 1 1   MET 1   66  ?   ?   ?   A . n 
A 1 2   GLY 2   67  ?   ?   ?   A . n 
A 1 3   SER 3   68  ?   ?   ?   A . n 
A 1 4   SER 4   69  ?   ?   ?   A . n 
A 1 5   HIS 5   70  ?   ?   ?   A . n 
A 1 6   HIS 6   71  ?   ?   ?   A . n 
A 1 7   HIS 7   72  ?   ?   ?   A . n 
A 1 8   HIS 8   73  ?   ?   ?   A . n 
A 1 9   HIS 9   74  ?   ?   ?   A . n 
A 1 10  HIS 10  75  ?   ?   ?   A . n 
A 1 11  SER 11  76  ?   ?   ?   A . n 
A 1 12  SER 12  77  ?   ?   ?   A . n 
A 1 13  GLY 13  78  ?   ?   ?   A . n 
A 1 14  LEU 14  79  ?   ?   ?   A . n 
A 1 15  VAL 15  80  ?   ?   ?   A . n 
A 1 16  PRO 16  81  ?   ?   ?   A . n 
A 1 17  ARG 17  82  ?   ?   ?   A . n 
A 1 18  GLY 18  83  ?   ?   ?   A . n 
A 1 19  SER 19  84  ?   ?   ?   A . n 
A 1 20  HIS 20  85  ?   ?   ?   A . n 
A 1 21  MET 21  86  ?   ?   ?   A . n 
A 1 22  ALA 22  87  ?   ?   ?   A . n 
A 1 23  ALA 23  88  ?   ?   ?   A . n 
A 1 24  LEU 24  89  ?   ?   ?   A . n 
A 1 25  ARG 25  90  ?   ?   ?   A . n 
A 1 26  GLU 26  91  ?   ?   ?   A . n 
A 1 27  ARG 27  92  92  ARG ARG A . n 
A 1 28  ALA 28  93  93  ALA ALA A . n 
A 1 29  GLY 29  94  94  GLY GLY A . n 
A 1 30  PRO 30  95  95  PRO PRO A . n 
A 1 31  VAL 31  96  96  VAL VAL A . n 
A 1 32  THR 32  97  97  THR THR A . n 
A 1 33  TRP 33  98  98  TRP TRP A . n 
A 1 34  VAL 34  99  99  VAL VAL A . n 
A 1 35  MET 35  100 100 MET MET A . n 
A 1 36  MET 36  101 101 MET MET A . n 
A 1 37  ILE 37  102 102 ILE ILE A . n 
A 1 38  ALA 38  103 103 ALA ALA A . n 
A 1 39  CYS 39  104 104 CYS CYS A . n 
A 1 40  VAL 40  105 105 VAL VAL A . n 
A 1 41  VAL 41  106 106 VAL VAL A . n 
A 1 42  VAL 42  107 107 VAL VAL A . n 
A 1 43  PHE 43  108 108 PHE PHE A . n 
A 1 44  ILE 44  109 109 ILE ILE A . n 
A 1 45  ALA 45  110 110 ALA ALA A . n 
A 1 46  MET 46  111 111 MET MET A . n 
A 1 47  GLN 47  112 112 GLN GLN A . n 
A 1 48  ILE 48  113 113 ILE ILE A . n 
A 1 49  LEU 49  114 114 LEU LEU A . n 
A 1 50  GLY 50  115 115 GLY GLY A . n 
A 1 51  ASP 51  116 116 ASP ASP A . n 
A 1 52  GLN 52  117 117 GLN GLN A . n 
A 1 53  GLU 53  118 118 GLU GLU A . n 
A 1 54  VAL 54  119 119 VAL VAL A . n 
A 1 55  MET 55  120 120 MET MET A . n 
A 1 56  LEU 56  121 121 LEU LEU A . n 
A 1 57  TRP 57  122 122 TRP TRP A . n 
A 1 58  LEU 58  123 123 LEU LEU A . n 
A 1 59  ALA 59  124 124 ALA ALA A . n 
A 1 60  TRP 60  125 125 TRP TRP A . n 
A 1 61  PRO 61  126 126 PRO PRO A . n 
A 1 62  PHE 62  127 127 PHE PHE A . n 
A 1 63  ASP 63  128 128 ASP ASP A . n 
A 1 64  PRO 64  129 129 PRO PRO A . n 
A 1 65  THR 65  130 130 THR THR A . n 
A 1 66  LEU 66  131 131 LEU LEU A . n 
A 1 67  LYS 67  132 132 LYS LYS A . n 
A 1 68  PHE 68  133 133 PHE PHE A . n 
A 1 69  GLU 69  134 134 GLU GLU A . n 
A 1 70  PHE 70  135 135 PHE PHE A . n 
A 1 71  TRP 71  136 136 TRP TRP A . n 
A 1 72  ARG 72  137 137 ARG ARG A . n 
A 1 73  TYR 73  138 138 TYR TYR A . n 
A 1 74  PHE 74  139 139 PHE PHE A . n 
A 1 75  THR 75  140 140 THR THR A . n 
A 1 76  HIS 76  141 141 HIS HIS A . n 
A 1 77  ALA 77  142 142 ALA ALA A . n 
A 1 78  LEU 78  143 143 LEU LEU A . n 
A 1 79  MET 79  144 144 MET MET A . n 
A 1 80  HIS 80  145 145 HIS HIS A . n 
A 1 81  PHE 81  146 146 PHE PHE A . n 
A 1 82  SER 82  147 147 SER SER A . n 
A 1 83  LEU 83  148 148 LEU LEU A . n 
A 1 84  MET 84  149 149 MET MET A . n 
A 1 85  HIS 85  150 150 HIS HIS A . n 
A 1 86  ILE 86  151 151 ILE ILE A . n 
A 1 87  LEU 87  152 152 LEU LEU A . n 
A 1 88  PHE 88  153 153 PHE PHE A . n 
A 1 89  ASN 89  154 154 ASN ASN A . n 
A 1 90  LEU 90  155 155 LEU LEU A . n 
A 1 91  LEU 91  156 156 LEU LEU A . n 
A 1 92  TRP 92  157 157 TRP TRP A . n 
A 1 93  TRP 93  158 158 TRP TRP A . n 
A 1 94  TRP 94  159 159 TRP TRP A . n 
A 1 95  TYR 95  160 160 TYR TYR A . n 
A 1 96  LEU 96  161 161 LEU LEU A . n 
A 1 97  GLY 97  162 162 GLY GLY A . n 
A 1 98  GLY 98  163 163 GLY GLY A . n 
A 1 99  ALA 99  164 164 ALA ALA A . n 
A 1 100 VAL 100 165 165 VAL VAL A . n 
A 1 101 GLU 101 166 166 GLU GLU A . n 
A 1 102 LYS 102 167 167 LYS LYS A . n 
A 1 103 ARG 103 168 168 ARG ARG A . n 
A 1 104 LEU 104 169 169 LEU LEU A . n 
A 1 105 GLY 105 170 170 GLY GLY A . n 
A 1 106 SER 106 171 171 SER SER A . n 
A 1 107 GLY 107 172 172 GLY GLY A . n 
A 1 108 LYS 108 173 173 LYS LYS A . n 
A 1 109 LEU 109 174 174 LEU LEU A . n 
A 1 110 ILE 110 175 175 ILE ILE A . n 
A 1 111 VAL 111 176 176 VAL VAL A . n 
A 1 112 ILE 112 177 177 ILE ILE A . n 
A 1 113 THR 113 178 178 THR THR A . n 
A 1 114 LEU 114 179 179 LEU LEU A . n 
A 1 115 ILE 115 180 180 ILE ILE A . n 
A 1 116 SER 116 181 181 SER SER A . n 
A 1 117 ALA 117 182 182 ALA ALA A . n 
A 1 118 LEU 118 183 183 LEU LEU A . n 
A 1 119 LEU 119 184 184 LEU LEU A . n 
A 1 120 SER 120 185 185 SER SER A . n 
A 1 121 GLY 121 186 186 GLY GLY A . n 
A 1 122 TYR 122 187 187 TYR TYR A . n 
A 1 123 VAL 123 188 188 VAL VAL A . n 
A 1 124 GLN 124 189 189 GLN GLN A . n 
A 1 125 GLN 125 190 190 GLN GLN A . n 
A 1 126 LYS 126 191 191 LYS LYS A . n 
A 1 127 PHE 127 192 192 PHE PHE A . n 
A 1 128 SER 128 193 193 SER SER A . n 
A 1 129 GLY 129 194 194 GLY GLY A . n 
A 1 130 PRO 130 195 195 PRO PRO A . n 
A 1 131 TRP 131 196 196 TRP TRP A . n 
A 1 132 PHE 132 197 197 PHE PHE A . n 
A 1 133 GLY 133 198 198 GLY GLY A . n 
A 1 134 GLY 134 199 199 GLY GLY A . n 
A 1 135 LEU 135 200 200 LEU LEU A . n 
A 1 136 SER 136 201 201 SER SER A . n 
A 1 137 GLY 137 202 202 GLY GLY A . n 
A 1 138 VAL 138 203 203 VAL VAL A . n 
A 1 139 VAL 139 204 204 VAL VAL A . n 
A 1 140 PHE 140 205 205 PHE PHE A . n 
A 1 141 ALA 141 206 206 ALA ALA A . n 
A 1 142 LEU 142 207 207 LEU LEU A . n 
A 1 143 MET 143 208 208 MET MET A . n 
A 1 144 GLY 144 209 209 GLY GLY A . n 
A 1 145 TYR 145 210 210 TYR TYR A . n 
A 1 146 VAL 146 211 211 VAL VAL A . n 
A 1 147 TRP 147 212 212 TRP TRP A . n 
A 1 148 LEU 148 213 213 LEU LEU A . n 
A 1 149 ARG 149 214 214 ARG ARG A . n 
A 1 150 GLY 150 215 215 GLY GLY A . n 
A 1 151 GLU 151 216 216 GLU GLU A . n 
A 1 152 ARG 152 217 217 ARG ARG A . n 
A 1 153 ASP 153 218 218 ASP ASP A . n 
A 1 154 PRO 154 219 219 PRO PRO A . n 
A 1 155 GLN 155 220 220 GLN GLN A . n 
A 1 156 SER 156 221 221 SER SER A . n 
A 1 157 GLY 157 222 222 GLY GLY A . n 
A 1 158 ILE 158 223 223 ILE ILE A . n 
A 1 159 TYR 159 224 224 TYR TYR A . n 
A 1 160 LEU 160 225 225 LEU LEU A . n 
A 1 161 GLN 161 226 226 GLN GLN A . n 
A 1 162 ARG 162 227 227 ARG ARG A . n 
A 1 163 GLY 163 228 228 GLY GLY A . n 
A 1 164 LEU 164 229 229 LEU LEU A . n 
A 1 165 ILE 165 230 230 ILE ILE A . n 
A 1 166 ILE 166 231 231 ILE ILE A . n 
A 1 167 PHE 167 232 232 PHE PHE A . n 
A 1 168 ALA 168 233 233 ALA ALA A . n 
A 1 169 LEU 169 234 234 LEU LEU A . n 
A 1 170 ILE 170 235 235 ILE ILE A . n 
A 1 171 TRP 171 236 236 TRP TRP A . n 
A 1 172 ILE 172 237 237 ILE ILE A . n 
A 1 173 VAL 173 238 238 VAL VAL A . n 
A 1 174 ALA 174 239 239 ALA ALA A . n 
A 1 175 GLY 175 240 240 GLY GLY A . n 
A 1 176 TRP 176 241 241 TRP TRP A . n 
A 1 177 PHE 177 242 242 PHE PHE A . n 
A 1 178 ASP 178 243 243 ASP ASP A . n 
A 1 179 LEU 179 244 244 LEU LEU A . n 
A 1 180 PHE 180 245 245 PHE PHE A . n 
A 1 181 GLY 181 246 246 GLY GLY A . n 
A 1 182 MET 182 247 247 MET MET A . n 
A 1 183 SER 183 248 248 SER SER A . n 
A 1 184 MET 184 249 249 MET MET A . n 
A 1 185 ALA 185 250 250 ALA ALA A . n 
A 1 186 ASN 186 251 251 ASN ASN A . n 
A 1 187 GLY 187 252 252 GLY GLY A . n 
A 1 188 ALA 188 253 253 ALA ALA A . n 
A 1 189 HIS 189 254 254 HIS HIS A . n 
A 1 190 ILE 190 255 255 ILE ILE A . n 
A 1 191 ALA 191 256 256 ALA ALA A . n 
A 1 192 GLY 192 257 257 GLY GLY A . n 
A 1 193 LEU 193 258 258 LEU LEU A . n 
A 1 194 ALA 194 259 259 ALA ALA A . n 
A 1 195 VAL 195 260 260 VAL VAL A . n 
A 1 196 GLY 196 261 261 GLY GLY A . n 
A 1 197 LEU 197 262 262 LEU LEU A . n 
A 1 198 ALA 198 263 263 ALA ALA A . n 
A 1 199 MET 199 264 264 MET MET A . n 
A 1 200 ALA 200 265 265 ALA ALA A . n 
A 1 201 PHE 201 266 266 PHE PHE A . n 
A 1 202 VAL 202 267 267 VAL VAL A . n 
A 1 203 ASP 203 268 268 ASP ASP A . n 
A 1 204 SER 204 269 269 SER SER A . n 
A 1 205 LEU 205 270 270 LEU LEU A . n 
A 1 206 ASN 206 271 271 ASN ASN A . n 
A 1 207 ALA 207 272 272 ALA ALA A . n 
A 1 208 ARG 208 273 ?   ?   ?   A . n 
A 1 209 LYS 209 274 ?   ?   ?   A . n 
A 1 210 ARG 210 275 ?   ?   ?   A . n 
A 1 211 LYS 211 276 ?   ?   ?   A . n 
B 2 1   ACE 1   500 500 ACE ACE B . n 
B 2 2   ARG 2   501 501 ARG ARG B . n 
B 2 3   MET 3   502 502 MET MET B . n 
B 2 4   5XU 4   503 503 5XU ALA B . n 
# 
loop_
_pdbx_nonpoly_scheme.asym_id 
_pdbx_nonpoly_scheme.entity_id 
_pdbx_nonpoly_scheme.mon_id 
_pdbx_nonpoly_scheme.ndb_seq_num 
_pdbx_nonpoly_scheme.pdb_seq_num 
_pdbx_nonpoly_scheme.auth_seq_num 
_pdbx_nonpoly_scheme.pdb_mon_id 
_pdbx_nonpoly_scheme.auth_mon_id 
_pdbx_nonpoly_scheme.pdb_strand_id 
_pdbx_nonpoly_scheme.pdb_ins_code 
C 3 HOH 1  301 515 HOH HOH A . 
C 3 HOH 2  302 506 HOH HOH A . 
C 3 HOH 3  303 516 HOH HOH A . 
C 3 HOH 4  304 519 HOH HOH A . 
C 3 HOH 5  305 518 HOH HOH A . 
C 3 HOH 6  306 502 HOH HOH A . 
C 3 HOH 7  307 514 HOH HOH A . 
C 3 HOH 8  308 525 HOH HOH A . 
C 3 HOH 9  309 508 HOH HOH A . 
C 3 HOH 10 310 513 HOH HOH A . 
C 3 HOH 11 311 529 HOH HOH A . 
C 3 HOH 12 312 520 HOH HOH A . 
C 3 HOH 13 313 512 HOH HOH A . 
C 3 HOH 14 314 522 HOH HOH A . 
C 3 HOH 15 315 523 HOH HOH A . 
C 3 HOH 16 316 521 HOH HOH A . 
C 3 HOH 17 317 517 HOH HOH A . 
C 3 HOH 18 318 526 HOH HOH A . 
C 3 HOH 19 319 524 HOH HOH A . 
C 3 HOH 20 320 527 HOH HOH A . 
C 3 HOH 21 321 500 HOH HOH A . 
C 3 HOH 22 322 507 HOH HOH A . 
C 3 HOH 23 323 528 HOH HOH A . 
C 3 HOH 24 324 504 HOH HOH A . 
C 3 HOH 25 325 503 HOH HOH A . 
C 3 HOH 26 326 505 HOH HOH A . 
C 3 HOH 27 327 510 HOH HOH A . 
C 3 HOH 28 328 501 HOH HOH A . 
C 3 HOH 29 329 511 HOH HOH A . 
C 3 HOH 30 330 509 HOH HOH A . 
# 
loop_
_software.citation_id 
_software.classification 
_software.compiler_name 
_software.compiler_version 
_software.contact_author 
_software.contact_author_email 
_software.date 
_software.description 
_software.dependencies 
_software.hardware 
_software.language 
_software.location 
_software.mods 
_software.name 
_software.os 
_software.os_version 
_software.type 
_software.version 
_software.pdbx_ordinal 
? refinement       ? ? ? ? ? ? ? ? ? ? ? REFMAC  ? ? ? 5.8.0103 1 
? 'data reduction' ? ? ? ? ? ? ? ? ? ? ? iMOSFLM ? ? ? .        2 
? 'data scaling'   ? ? ? ? ? ? ? ? ? ? ? Aimless ? ? ? .        3 
? phasing          ? ? ? ? ? ? ? ? ? ? ? MOLREP  ? ? ? .        4 
# 
_cell.entry_id           5F5G 
_cell.length_a           70.830 
_cell.length_b           97.500 
_cell.length_c           62.790 
_cell.angle_alpha        90.00 
_cell.angle_beta         90.00 
_cell.angle_gamma        90.00 
_cell.Z_PDB              8 
_cell.pdbx_unique_axis   ? 
# 
_symmetry.entry_id                         5F5G 
_symmetry.space_group_name_H-M             'C 2 2 21' 
_symmetry.pdbx_full_space_group_name_H-M   ? 
_symmetry.cell_setting                     ? 
_symmetry.Int_Tables_number                20 
# 
_exptl.absorpt_coefficient_mu     ? 
_exptl.absorpt_correction_T_max   ? 
_exptl.absorpt_correction_T_min   ? 
_exptl.absorpt_correction_type    ? 
_exptl.absorpt_process_details    ? 
_exptl.entry_id                   5F5G 
_exptl.crystals_number            1 
_exptl.details                    ? 
_exptl.method                     'X-RAY DIFFRACTION' 
_exptl.method_details             ? 
# 
_exptl_crystal.colour                      ? 
_exptl_crystal.density_diffrn              ? 
_exptl_crystal.density_Matthews            2.24 
_exptl_crystal.density_method              ? 
_exptl_crystal.density_percent_sol         45.08 
_exptl_crystal.description                 ? 
_exptl_crystal.F_000                       ? 
_exptl_crystal.id                          1 
_exptl_crystal.preparation                 ? 
_exptl_crystal.size_max                    ? 
_exptl_crystal.size_mid                    ? 
_exptl_crystal.size_min                    ? 
_exptl_crystal.size_rad                    ? 
_exptl_crystal.colour_lustre               ? 
_exptl_crystal.colour_modifier             ? 
_exptl_crystal.colour_primary              ? 
_exptl_crystal.density_meas                ? 
_exptl_crystal.density_meas_esd            ? 
_exptl_crystal.density_meas_gt             ? 
_exptl_crystal.density_meas_lt             ? 
_exptl_crystal.density_meas_temp           ? 
_exptl_crystal.density_meas_temp_esd       ? 
_exptl_crystal.density_meas_temp_gt        ? 
_exptl_crystal.density_meas_temp_lt        ? 
_exptl_crystal.pdbx_crystal_image_url      ? 
_exptl_crystal.pdbx_crystal_image_format   ? 
_exptl_crystal.pdbx_mosaicity              ? 
_exptl_crystal.pdbx_mosaicity_esd          ? 
# 
_exptl_crystal_grow.apparatus       ? 
_exptl_crystal_grow.atmosphere      ? 
_exptl_crystal_grow.crystal_id      1 
_exptl_crystal_grow.details         ? 
_exptl_crystal_grow.method          'VAPOR DIFFUSION, HANGING DROP' 
_exptl_crystal_grow.method_ref      ? 
_exptl_crystal_grow.pH              ? 
_exptl_crystal_grow.pressure        ? 
_exptl_crystal_grow.pressure_esd    ? 
_exptl_crystal_grow.seeding         ? 
_exptl_crystal_grow.seeding_ref     ? 
_exptl_crystal_grow.temp            298 
_exptl_crystal_grow.temp_details    ? 
_exptl_crystal_grow.temp_esd        ? 
_exptl_crystal_grow.time            ? 
_exptl_crystal_grow.pdbx_details    
;2.5M NaCl, 0.1M sodium acetate pH 4.5,
5% Glycerol, 7% DMPC/CHAPSO bicelle
;
_exptl_crystal_grow.pdbx_pH_range   ? 
# 
_diffrn.ambient_environment    ? 
_diffrn.ambient_temp           100 
_diffrn.ambient_temp_details   ? 
_diffrn.ambient_temp_esd       ? 
_diffrn.crystal_id             1 
_diffrn.crystal_support        ? 
_diffrn.crystal_treatment      ? 
_diffrn.details                ? 
_diffrn.id                     1 
_diffrn.ambient_pressure       ? 
_diffrn.ambient_pressure_esd   ? 
_diffrn.ambient_pressure_gt    ? 
_diffrn.ambient_pressure_lt    ? 
_diffrn.ambient_temp_gt        ? 
_diffrn.ambient_temp_lt        ? 
# 
_diffrn_detector.details                      ? 
_diffrn_detector.detector                     CCD 
_diffrn_detector.diffrn_id                    1 
_diffrn_detector.type                         'ADSC QUANTUM 270' 
_diffrn_detector.area_resol_mean              ? 
_diffrn_detector.dtime                        ? 
_diffrn_detector.pdbx_frames_total            ? 
_diffrn_detector.pdbx_collection_time_total   ? 
_diffrn_detector.pdbx_collection_date         2014-06-17 
# 
_diffrn_radiation.collimation                      ? 
_diffrn_radiation.diffrn_id                        1 
_diffrn_radiation.filter_edge                      ? 
_diffrn_radiation.inhomogeneity                    ? 
_diffrn_radiation.monochromator                    ? 
_diffrn_radiation.polarisn_norm                    ? 
_diffrn_radiation.polarisn_ratio                   ? 
_diffrn_radiation.probe                            ? 
_diffrn_radiation.type                             ? 
_diffrn_radiation.xray_symbol                      ? 
_diffrn_radiation.wavelength_id                    1 
_diffrn_radiation.pdbx_monochromatic_or_laue_m_l   M 
_diffrn_radiation.pdbx_wavelength_list             ? 
_diffrn_radiation.pdbx_wavelength                  ? 
_diffrn_radiation.pdbx_diffrn_protocol             'SINGLE WAVELENGTH' 
_diffrn_radiation.pdbx_analyzer                    ? 
_diffrn_radiation.pdbx_scattering_type             x-ray 
# 
_diffrn_radiation_wavelength.id           1 
_diffrn_radiation_wavelength.wavelength   0.981 
_diffrn_radiation_wavelength.wt           1.0 
# 
_diffrn_source.current                     ? 
_diffrn_source.details                     ? 
_diffrn_source.diffrn_id                   1 
_diffrn_source.power                       ? 
_diffrn_source.size                        ? 
_diffrn_source.source                      SYNCHROTRON 
_diffrn_source.target                      ? 
_diffrn_source.type                        'CHESS BEAMLINE F1' 
_diffrn_source.voltage                     ? 
_diffrn_source.take-off_angle              ? 
_diffrn_source.pdbx_wavelength_list        0.981 
_diffrn_source.pdbx_wavelength             ? 
_diffrn_source.pdbx_synchrotron_beamline   F1 
_diffrn_source.pdbx_synchrotron_site       CHESS 
# 
_reflns.B_iso_Wilson_estimate            ? 
_reflns.entry_id                         5F5G 
_reflns.data_reduction_details           ? 
_reflns.data_reduction_method            ? 
_reflns.d_resolution_high                2.2 
_reflns.d_resolution_low                 50.01 
_reflns.details                          ? 
_reflns.limit_h_max                      ? 
_reflns.limit_h_min                      ? 
_reflns.limit_k_max                      ? 
_reflns.limit_k_min                      ? 
_reflns.limit_l_max                      ? 
_reflns.limit_l_min                      ? 
_reflns.number_all                       ? 
_reflns.number_obs                       10422 
_reflns.observed_criterion               ? 
_reflns.observed_criterion_F_max         ? 
_reflns.observed_criterion_F_min         ? 
_reflns.observed_criterion_I_max         ? 
_reflns.observed_criterion_I_min         ? 
_reflns.observed_criterion_sigma_F       ? 
_reflns.observed_criterion_sigma_I       ? 
_reflns.percent_possible_obs             91.3 
_reflns.R_free_details                   ? 
_reflns.Rmerge_F_all                     ? 
_reflns.Rmerge_F_obs                     ? 
_reflns.Friedel_coverage                 ? 
_reflns.number_gt                        ? 
_reflns.threshold_expression             ? 
_reflns.pdbx_redundancy                  5.3 
_reflns.pdbx_Rmerge_I_obs                ? 
_reflns.pdbx_Rmerge_I_all                ? 
_reflns.pdbx_Rsym_value                  ? 
_reflns.pdbx_netI_over_av_sigmaI         ? 
_reflns.pdbx_netI_over_sigmaI            6.7 
_reflns.pdbx_res_netI_over_av_sigmaI_2   ? 
_reflns.pdbx_res_netI_over_sigmaI_2      ? 
_reflns.pdbx_chi_squared                 ? 
_reflns.pdbx_scaling_rejects             ? 
_reflns.pdbx_d_res_high_opt              ? 
_reflns.pdbx_d_res_low_opt               ? 
_reflns.pdbx_d_res_opt_method            ? 
_reflns.phase_calculation_details        ? 
_reflns.pdbx_Rrim_I_all                  ? 
_reflns.pdbx_Rpim_I_all                  ? 
_reflns.pdbx_d_opt                       ? 
_reflns.pdbx_number_measured_all         ? 
_reflns.pdbx_diffrn_id                   1 
_reflns.pdbx_ordinal                     1 
_reflns.pdbx_CC_half                     ? 
_reflns.pdbx_R_split                     ? 
# 
_reflns_shell.Rmerge_F_all                ? 
_reflns_shell.Rmerge_F_gt                 ? 
_reflns_shell.Rmerge_F_obs                ? 
_reflns_shell.Rmerge_I_all                ? 
_reflns_shell.Rmerge_I_gt                 ? 
_reflns_shell.Rmerge_I_obs                ? 
_reflns_shell.d_res_high                  2.2 
_reflns_shell.d_res_low                   ? 
_reflns_shell.meanI_over_sigI_all         ? 
_reflns_shell.meanI_over_sigI_gt          ? 
_reflns_shell.meanI_over_sigI_obs         ? 
_reflns_shell.meanI_over_uI_all           ? 
_reflns_shell.meanI_over_uI_gt            ? 
_reflns_shell.number_measured_all         ? 
_reflns_shell.number_measured_gt          ? 
_reflns_shell.number_measured_obs         ? 
_reflns_shell.number_possible             ? 
_reflns_shell.number_unique_all           ? 
_reflns_shell.number_unique_gt            ? 
_reflns_shell.number_unique_obs           ? 
_reflns_shell.pdbx_CC_half                ? 
_reflns_shell.pdbx_R_split                ? 
_reflns_shell.pdbx_Rpim_I_all             ? 
_reflns_shell.pdbx_Rrim_I_all             ? 
_reflns_shell.pdbx_Rsym_value             ? 
_reflns_shell.pdbx_chi_squared            ? 
_reflns_shell.pdbx_diffrn_id              1 
_reflns_shell.pdbx_netI_over_sigmaI_all   ? 
_reflns_shell.pdbx_netI_over_sigmaI_obs   ? 
_reflns_shell.pdbx_ordinal                1 
_reflns_shell.pdbx_redundancy             ? 
_reflns_shell.pdbx_rejects                ? 
_reflns_shell.percent_possible_all        ? 
_reflns_shell.percent_possible_gt         ? 
_reflns_shell.percent_possible_obs        ? 
# 
_refine.pdbx_refine_id                           'X-RAY DIFFRACTION' 
_refine.entry_id                                 5F5G 
_refine.pdbx_diffrn_id                           1 
_refine.pdbx_TLS_residual_ADP_flag               ? 
_refine.ls_number_reflns_obs                     8510 
_refine.ls_number_reflns_all                     ? 
_refine.pdbx_ls_sigma_I                          ? 
_refine.pdbx_ls_sigma_F                          ? 
_refine.pdbx_data_cutoff_high_absF               ? 
_refine.pdbx_data_cutoff_low_absF                ? 
_refine.pdbx_data_cutoff_high_rms_absF           ? 
_refine.ls_d_res_low                             50.01 
_refine.ls_d_res_high                            2.30 
_refine.ls_percent_reflns_obs                    89.36 
_refine.ls_R_factor_obs                          0.20911 
_refine.ls_R_factor_all                          ? 
_refine.ls_R_factor_R_work                       0.20676 
_refine.ls_R_factor_R_free                       0.25476 
_refine.ls_R_factor_R_free_error                 ? 
_refine.ls_R_factor_R_free_error_details         ? 
_refine.ls_percent_reflns_R_free                 4.7 
_refine.ls_number_reflns_R_free                  418 
_refine.ls_number_parameters                     ? 
_refine.ls_number_restraints                     ? 
_refine.occupancy_min                            ? 
_refine.occupancy_max                            ? 
_refine.correlation_coeff_Fo_to_Fc               0.941 
_refine.correlation_coeff_Fo_to_Fc_free          0.910 
_refine.B_iso_mean                               46.943 
_refine.aniso_B[1][1]                            6.44 
_refine.aniso_B[2][2]                            -2.58 
_refine.aniso_B[3][3]                            -3.86 
_refine.aniso_B[1][2]                            0.00 
_refine.aniso_B[1][3]                            -0.00 
_refine.aniso_B[2][3]                            0.00 
_refine.solvent_model_details                    MASK 
_refine.solvent_model_param_ksol                 ? 
_refine.solvent_model_param_bsol                 ? 
_refine.pdbx_solvent_vdw_probe_radii             1.20 
_refine.pdbx_solvent_ion_probe_radii             0.80 
_refine.pdbx_solvent_shrinkage_radii             0.80 
_refine.pdbx_ls_cross_valid_method               THROUGHOUT 
_refine.details                                  ? 
_refine.pdbx_starting_model                      ? 
_refine.pdbx_method_to_determine_struct          ? 
_refine.pdbx_isotropic_thermal_model             ? 
_refine.pdbx_stereochemistry_target_values       'MAXIMUM LIKELIHOOD' 
_refine.pdbx_stereochem_target_val_spec_case     ? 
_refine.pdbx_R_Free_selection_details            RANDOM 
_refine.pdbx_overall_ESU_R                       0.387 
_refine.pdbx_overall_ESU_R_Free                  0.259 
_refine.overall_SU_ML                            0.255 
_refine.pdbx_overall_phase_error                 ? 
_refine.overall_SU_B                             11.609 
_refine.overall_SU_R_Cruickshank_DPI             ? 
_refine.pdbx_overall_SU_R_free_Cruickshank_DPI   ? 
_refine.pdbx_overall_SU_R_Blow_DPI               ? 
_refine.pdbx_overall_SU_R_free_Blow_DPI          ? 
# 
_refine_hist.pdbx_refine_id                   'X-RAY DIFFRACTION' 
_refine_hist.cycle_id                         LAST 
_refine_hist.pdbx_number_atoms_protein        1468 
_refine_hist.pdbx_number_atoms_nucleic_acid   0 
_refine_hist.pdbx_number_atoms_ligand         0 
_refine_hist.number_atoms_solvent             30 
_refine_hist.number_atoms_total               1498 
_refine_hist.d_res_high                       2.30 
_refine_hist.d_res_low                        50.01 
# 
loop_
_refine_ls_restr.type 
_refine_ls_restr.dev_ideal 
_refine_ls_restr.dev_ideal_target 
_refine_ls_restr.weight 
_refine_ls_restr.number 
_refine_ls_restr.pdbx_refine_id 
_refine_ls_restr.pdbx_restraint_function 
r_bond_refined_d             0.013  0.019  ? 1516 'X-RAY DIFFRACTION' ? 
r_bond_other_d               ?      ?      ? ?    'X-RAY DIFFRACTION' ? 
r_angle_refined_deg          1.485  1.921  ? 2059 'X-RAY DIFFRACTION' ? 
r_angle_other_deg            ?      ?      ? ?    'X-RAY DIFFRACTION' ? 
r_dihedral_angle_1_deg       5.710  5.000  ? 183  'X-RAY DIFFRACTION' ? 
r_dihedral_angle_2_deg       32.900 21.864 ? 59   'X-RAY DIFFRACTION' ? 
r_dihedral_angle_3_deg       15.779 15.000 ? 237  'X-RAY DIFFRACTION' ? 
r_dihedral_angle_4_deg       17.513 15.000 ? 7    'X-RAY DIFFRACTION' ? 
r_chiral_restr               0.100  0.200  ? 221  'X-RAY DIFFRACTION' ? 
r_gen_planes_refined         0.007  0.021  ? 1131 'X-RAY DIFFRACTION' ? 
r_gen_planes_other           ?      ?      ? ?    'X-RAY DIFFRACTION' ? 
r_nbd_refined                ?      ?      ? ?    'X-RAY DIFFRACTION' ? 
r_nbd_other                  ?      ?      ? ?    'X-RAY DIFFRACTION' ? 
r_nbtor_refined              ?      ?      ? ?    'X-RAY DIFFRACTION' ? 
r_nbtor_other                ?      ?      ? ?    'X-RAY DIFFRACTION' ? 
r_xyhbond_nbd_refined        ?      ?      ? ?    'X-RAY DIFFRACTION' ? 
r_xyhbond_nbd_other          ?      ?      ? ?    'X-RAY DIFFRACTION' ? 
r_metal_ion_refined          ?      ?      ? ?    'X-RAY DIFFRACTION' ? 
r_metal_ion_other            ?      ?      ? ?    'X-RAY DIFFRACTION' ? 
r_symmetry_vdw_refined       ?      ?      ? ?    'X-RAY DIFFRACTION' ? 
r_symmetry_vdw_other         ?      ?      ? ?    'X-RAY DIFFRACTION' ? 
r_symmetry_hbond_refined     ?      ?      ? ?    'X-RAY DIFFRACTION' ? 
r_symmetry_hbond_other       ?      ?      ? ?    'X-RAY DIFFRACTION' ? 
r_symmetry_metal_ion_refined ?      ?      ? ?    'X-RAY DIFFRACTION' ? 
r_symmetry_metal_ion_other   ?      ?      ? ?    'X-RAY DIFFRACTION' ? 
r_mcbond_it                  3.379  4.436  ? 737  'X-RAY DIFFRACTION' ? 
r_mcbond_other               ?      ?      ? ?    'X-RAY DIFFRACTION' ? 
r_mcangle_it                 5.363  6.641  ? 918  'X-RAY DIFFRACTION' ? 
r_mcangle_other              ?      ?      ? ?    'X-RAY DIFFRACTION' ? 
r_scbond_it                  4.578  4.866  ? 779  'X-RAY DIFFRACTION' ? 
r_scbond_other               ?      ?      ? ?    'X-RAY DIFFRACTION' ? 
r_scangle_it                 ?      ?      ? ?    'X-RAY DIFFRACTION' ? 
r_scangle_other              ?      ?      ? ?    'X-RAY DIFFRACTION' ? 
r_long_range_B_refined       11.093 41.954 ? 6552 'X-RAY DIFFRACTION' ? 
r_long_range_B_other         ?      ?      ? ?    'X-RAY DIFFRACTION' ? 
r_rigid_bond_restr           ?      ?      ? ?    'X-RAY DIFFRACTION' ? 
r_sphericity_free            ?      ?      ? ?    'X-RAY DIFFRACTION' ? 
r_sphericity_bonded          ?      ?      ? ?    'X-RAY DIFFRACTION' ? 
# 
_refine_ls_shell.pdbx_refine_id                   'X-RAY DIFFRACTION' 
_refine_ls_shell.pdbx_total_number_of_bins_used   20 
_refine_ls_shell.d_res_high                       2.300 
_refine_ls_shell.d_res_low                        2.360 
_refine_ls_shell.number_reflns_R_work             647 
_refine_ls_shell.R_factor_R_work                  0.306 
_refine_ls_shell.percent_reflns_obs               91.98 
_refine_ls_shell.R_factor_R_free                  0.298 
_refine_ls_shell.R_factor_R_free_error            ? 
_refine_ls_shell.percent_reflns_R_free            ? 
_refine_ls_shell.number_reflns_R_free             30 
_refine_ls_shell.number_reflns_all                ? 
_refine_ls_shell.R_factor_all                     ? 
_refine_ls_shell.R_factor_obs                     ? 
_refine_ls_shell.number_reflns_obs                ? 
# 
_struct.entry_id                     5F5G 
_struct.title                        
'Structure of E.Coli GlpG Y205F mutant complexed with peptidic inhibitor Ac-RMA-CHO in the DMPC/CHAPSO bicelle' 
_struct.pdbx_model_details           ? 
_struct.pdbx_formula_weight          ? 
_struct.pdbx_formula_weight_method   ? 
_struct.pdbx_model_type_details      ? 
_struct.pdbx_CASP_flag               ? 
# 
_struct_keywords.entry_id        5F5G 
_struct_keywords.text            'GlpG, Rhomboid, intramembrane protease, Bicelle, HYDROLASE-HYDROLASE INHIBITOR complex' 
_struct_keywords.pdbx_keywords   'HYDROLASE/HYDROLASE INHIBITOR' 
# 
loop_
_struct_asym.id 
_struct_asym.pdbx_blank_PDB_chainid_flag 
_struct_asym.pdbx_modified 
_struct_asym.entity_id 
_struct_asym.details 
A N N 1 ? 
B N N 2 ? 
C N N 3 ? 
# 
loop_
_struct_ref.id 
_struct_ref.db_name 
_struct_ref.db_code 
_struct_ref.pdbx_db_accession 
_struct_ref.pdbx_db_isoform 
_struct_ref.entity_id 
_struct_ref.pdbx_seq_one_letter_code 
_struct_ref.pdbx_align_begin 
1 UNP A0A0J2E248_ECOLX A0A0J2E248 ? 1 
;AALRERAGPVTWVMMIACVVVFIAMQILGDQEVMLWLAWPFDPTLKFEFWRYFTHALMHFSLMHILFNLLWWWYLGGAVE
KRLGSGKLIVITLISALLSGYVQQKFSGPWFGGLSGVVYALMGYVWLRGERDPQSGIYLQRGLIIFALIWIVAGWFDLFG
MSMANGAHIAGLAVGLAMAFVDSLNARKRK
;
87 
2 PDB 5F5G             5F5G       ? 2 ? 1  
# 
loop_
_struct_ref_seq.align_id 
_struct_ref_seq.ref_id 
_struct_ref_seq.pdbx_PDB_id_code 
_struct_ref_seq.pdbx_strand_id 
_struct_ref_seq.seq_align_beg 
_struct_ref_seq.pdbx_seq_align_beg_ins_code 
_struct_ref_seq.seq_align_end 
_struct_ref_seq.pdbx_seq_align_end_ins_code 
_struct_ref_seq.pdbx_db_accession 
_struct_ref_seq.db_align_beg 
_struct_ref_seq.pdbx_db_align_beg_ins_code 
_struct_ref_seq.db_align_end 
_struct_ref_seq.pdbx_db_align_end_ins_code 
_struct_ref_seq.pdbx_auth_seq_align_beg 
_struct_ref_seq.pdbx_auth_seq_align_end 
1 1 5F5G A 22 ? 211 ? A0A0J2E248 87  ? 276 ? 87  276 
2 2 5F5G B 1  ? 4   ? 5F5G       500 ? 503 ? 500 503 
# 
loop_
_struct_ref_seq_dif.align_id 
_struct_ref_seq_dif.pdbx_pdb_id_code 
_struct_ref_seq_dif.mon_id 
_struct_ref_seq_dif.pdbx_pdb_strand_id 
_struct_ref_seq_dif.seq_num 
_struct_ref_seq_dif.pdbx_pdb_ins_code 
_struct_ref_seq_dif.pdbx_seq_db_name 
_struct_ref_seq_dif.pdbx_seq_db_accession_code 
_struct_ref_seq_dif.db_mon_id 
_struct_ref_seq_dif.pdbx_seq_db_seq_num 
_struct_ref_seq_dif.details 
_struct_ref_seq_dif.pdbx_auth_seq_num 
_struct_ref_seq_dif.pdbx_ordinal 
1 5F5G MET A 1   ? UNP A0A0J2E248 ?   ?   'initiating methionine' 66  1  
1 5F5G GLY A 2   ? UNP A0A0J2E248 ?   ?   'expression tag'        67  2  
1 5F5G SER A 3   ? UNP A0A0J2E248 ?   ?   'expression tag'        68  3  
1 5F5G SER A 4   ? UNP A0A0J2E248 ?   ?   'expression tag'        69  4  
1 5F5G HIS A 5   ? UNP A0A0J2E248 ?   ?   'expression tag'        70  5  
1 5F5G HIS A 6   ? UNP A0A0J2E248 ?   ?   'expression tag'        71  6  
1 5F5G HIS A 7   ? UNP A0A0J2E248 ?   ?   'expression tag'        72  7  
1 5F5G HIS A 8   ? UNP A0A0J2E248 ?   ?   'expression tag'        73  8  
1 5F5G HIS A 9   ? UNP A0A0J2E248 ?   ?   'expression tag'        74  9  
1 5F5G HIS A 10  ? UNP A0A0J2E248 ?   ?   'expression tag'        75  10 
1 5F5G SER A 11  ? UNP A0A0J2E248 ?   ?   'expression tag'        76  11 
1 5F5G SER A 12  ? UNP A0A0J2E248 ?   ?   'expression tag'        77  12 
1 5F5G GLY A 13  ? UNP A0A0J2E248 ?   ?   'expression tag'        78  13 
1 5F5G LEU A 14  ? UNP A0A0J2E248 ?   ?   'expression tag'        79  14 
1 5F5G VAL A 15  ? UNP A0A0J2E248 ?   ?   'expression tag'        80  15 
1 5F5G PRO A 16  ? UNP A0A0J2E248 ?   ?   'expression tag'        81  16 
1 5F5G ARG A 17  ? UNP A0A0J2E248 ?   ?   'expression tag'        82  17 
1 5F5G GLY A 18  ? UNP A0A0J2E248 ?   ?   'expression tag'        83  18 
1 5F5G SER A 19  ? UNP A0A0J2E248 ?   ?   'expression tag'        84  19 
1 5F5G HIS A 20  ? UNP A0A0J2E248 ?   ?   'expression tag'        85  20 
1 5F5G MET A 21  ? UNP A0A0J2E248 ?   ?   'expression tag'        86  21 
1 5F5G PHE A 140 ? UNP A0A0J2E248 TYR 205 'engineered mutation'   205 22 
# 
_pdbx_struct_assembly.id                   1 
_pdbx_struct_assembly.details              author_and_software_defined_assembly 
_pdbx_struct_assembly.method_details       PISA 
_pdbx_struct_assembly.oligomeric_details   dimeric 
_pdbx_struct_assembly.oligomeric_count     2 
# 
loop_
_pdbx_struct_assembly_prop.biol_id 
_pdbx_struct_assembly_prop.type 
_pdbx_struct_assembly_prop.value 
_pdbx_struct_assembly_prop.details 
1 'ABSA (A^2)' 1090 ? 
1 MORE         -4   ? 
1 'SSA (A^2)'  9160 ? 
# 
_pdbx_struct_assembly_gen.assembly_id       1 
_pdbx_struct_assembly_gen.oper_expression   1 
_pdbx_struct_assembly_gen.asym_id_list      A,B,C 
# 
_pdbx_struct_oper_list.id                   1 
_pdbx_struct_oper_list.type                 'identity operation' 
_pdbx_struct_oper_list.name                 1_555 
_pdbx_struct_oper_list.symmetry_operation   x,y,z 
_pdbx_struct_oper_list.matrix[1][1]         1.0000000000 
_pdbx_struct_oper_list.matrix[1][2]         0.0000000000 
_pdbx_struct_oper_list.matrix[1][3]         0.0000000000 
_pdbx_struct_oper_list.vector[1]            0.0000000000 
_pdbx_struct_oper_list.matrix[2][1]         0.0000000000 
_pdbx_struct_oper_list.matrix[2][2]         1.0000000000 
_pdbx_struct_oper_list.matrix[2][3]         0.0000000000 
_pdbx_struct_oper_list.vector[2]            0.0000000000 
_pdbx_struct_oper_list.matrix[3][1]         0.0000000000 
_pdbx_struct_oper_list.matrix[3][2]         0.0000000000 
_pdbx_struct_oper_list.matrix[3][3]         1.0000000000 
_pdbx_struct_oper_list.vector[3]            0.0000000000 
# 
loop_
_struct_conf.conf_type_id 
_struct_conf.id 
_struct_conf.pdbx_PDB_helix_id 
_struct_conf.beg_label_comp_id 
_struct_conf.beg_label_asym_id 
_struct_conf.beg_label_seq_id 
_struct_conf.pdbx_beg_PDB_ins_code 
_struct_conf.end_label_comp_id 
_struct_conf.end_label_asym_id 
_struct_conf.end_label_seq_id 
_struct_conf.pdbx_end_PDB_ins_code 
_struct_conf.beg_auth_comp_id 
_struct_conf.beg_auth_asym_id 
_struct_conf.beg_auth_seq_id 
_struct_conf.end_auth_comp_id 
_struct_conf.end_auth_asym_id 
_struct_conf.end_auth_seq_id 
_struct_conf.pdbx_PDB_helix_class 
_struct_conf.details 
_struct_conf.pdbx_PDB_helix_length 
HELX_P HELX_P1  AA1 GLY A 29  ? GLY A 50  ? GLY A 94  GLY A 115 1 ? 22 
HELX_P HELX_P2  AA2 GLY A 50  ? ALA A 59  ? GLY A 115 ALA A 124 1 ? 10 
HELX_P HELX_P3  AA3 ASP A 63  ? LYS A 67  ? ASP A 128 LYS A 132 5 ? 5  
HELX_P HELX_P4  AA4 TRP A 71  ? HIS A 76  ? TRP A 136 HIS A 141 1 ? 6  
HELX_P HELX_P5  AA5 ALA A 77  ? MET A 79  ? ALA A 142 MET A 144 5 ? 3  
HELX_P HELX_P6  AA6 SER A 82  ? GLY A 105 ? SER A 147 GLY A 170 1 ? 24 
HELX_P HELX_P7  AA7 GLY A 105 ? GLY A 129 ? GLY A 170 GLY A 194 1 ? 25 
HELX_P HELX_P8  AA8 LEU A 135 ? ASP A 153 ? LEU A 200 ASP A 218 1 ? 19 
HELX_P HELX_P9  AA9 PRO A 154 ? GLY A 157 ? PRO A 219 GLY A 222 5 ? 4  
HELX_P HELX_P10 AB1 GLN A 161 ? PHE A 177 ? GLN A 226 PHE A 242 1 ? 17 
HELX_P HELX_P11 AB2 ASP A 178 ? MET A 182 ? ASP A 243 MET A 247 5 ? 5  
HELX_P HELX_P12 AB3 ALA A 185 ? ALA A 207 ? ALA A 250 ALA A 272 1 ? 23 
# 
_struct_conf_type.id          HELX_P 
_struct_conf_type.criteria    ? 
_struct_conf_type.reference   ? 
# 
loop_
_struct_conn.id 
_struct_conn.conn_type_id 
_struct_conn.pdbx_leaving_atom_flag 
_struct_conn.pdbx_PDB_id 
_struct_conn.ptnr1_label_asym_id 
_struct_conn.ptnr1_label_comp_id 
_struct_conn.ptnr1_label_seq_id 
_struct_conn.ptnr1_label_atom_id 
_struct_conn.pdbx_ptnr1_label_alt_id 
_struct_conn.pdbx_ptnr1_PDB_ins_code 
_struct_conn.pdbx_ptnr1_standard_comp_id 
_struct_conn.ptnr1_symmetry 
_struct_conn.ptnr2_label_asym_id 
_struct_conn.ptnr2_label_comp_id 
_struct_conn.ptnr2_label_seq_id 
_struct_conn.ptnr2_label_atom_id 
_struct_conn.pdbx_ptnr2_label_alt_id 
_struct_conn.pdbx_ptnr2_PDB_ins_code 
_struct_conn.ptnr1_auth_asym_id 
_struct_conn.ptnr1_auth_comp_id 
_struct_conn.ptnr1_auth_seq_id 
_struct_conn.ptnr2_auth_asym_id 
_struct_conn.ptnr2_auth_comp_id 
_struct_conn.ptnr2_auth_seq_id 
_struct_conn.ptnr2_symmetry 
_struct_conn.pdbx_ptnr3_label_atom_id 
_struct_conn.pdbx_ptnr3_label_seq_id 
_struct_conn.pdbx_ptnr3_label_comp_id 
_struct_conn.pdbx_ptnr3_label_asym_id 
_struct_conn.pdbx_ptnr3_label_alt_id 
_struct_conn.pdbx_ptnr3_PDB_ins_code 
_struct_conn.details 
_struct_conn.pdbx_dist_value 
_struct_conn.pdbx_value_order 
_struct_conn.pdbx_role 
covale1 covale both ? B ACE 1 C ? ? ? 1_555 B ARG 2 N ? ? B ACE 500 B ARG 501 1_555 ? ? ? ? ? ? ? 1.334 ? ? 
covale2 covale both ? B MET 3 C ? ? ? 1_555 B 5XU 4 N ? ? B MET 502 B 5XU 503 1_555 ? ? ? ? ? ? ? 1.309 ? ? 
# 
_struct_conn_type.id          covale 
_struct_conn_type.criteria    ? 
_struct_conn_type.reference   ? 
# 
_struct_sheet.id               AA1 
_struct_sheet.type             ? 
_struct_sheet.number_strands   2 
_struct_sheet.details          ? 
# 
_struct_sheet_order.sheet_id     AA1 
_struct_sheet_order.range_id_1   1 
_struct_sheet_order.range_id_2   2 
_struct_sheet_order.offset       ? 
_struct_sheet_order.sense        parallel 
# 
loop_
_struct_sheet_range.sheet_id 
_struct_sheet_range.id 
_struct_sheet_range.beg_label_comp_id 
_struct_sheet_range.beg_label_asym_id 
_struct_sheet_range.beg_label_seq_id 
_struct_sheet_range.pdbx_beg_PDB_ins_code 
_struct_sheet_range.end_label_comp_id 
_struct_sheet_range.end_label_asym_id 
_struct_sheet_range.end_label_seq_id 
_struct_sheet_range.pdbx_end_PDB_ins_code 
_struct_sheet_range.beg_auth_comp_id 
_struct_sheet_range.beg_auth_asym_id 
_struct_sheet_range.beg_auth_seq_id 
_struct_sheet_range.end_auth_comp_id 
_struct_sheet_range.end_auth_asym_id 
_struct_sheet_range.end_auth_seq_id 
AA1 1 PHE A 132 ? GLY A 133 ? PHE A 197 GLY A 198 
AA1 2 ARG B 2   ? MET B 3   ? ARG B 501 MET B 502 
# 
_pdbx_struct_sheet_hbond.sheet_id                AA1 
_pdbx_struct_sheet_hbond.range_id_1              1 
_pdbx_struct_sheet_hbond.range_id_2              2 
_pdbx_struct_sheet_hbond.range_1_label_atom_id   N 
_pdbx_struct_sheet_hbond.range_1_label_comp_id   GLY 
_pdbx_struct_sheet_hbond.range_1_label_asym_id   A 
_pdbx_struct_sheet_hbond.range_1_label_seq_id    133 
_pdbx_struct_sheet_hbond.range_1_PDB_ins_code    ? 
_pdbx_struct_sheet_hbond.range_1_auth_atom_id    N 
_pdbx_struct_sheet_hbond.range_1_auth_comp_id    GLY 
_pdbx_struct_sheet_hbond.range_1_auth_asym_id    A 
_pdbx_struct_sheet_hbond.range_1_auth_seq_id     198 
_pdbx_struct_sheet_hbond.range_2_label_atom_id   O 
_pdbx_struct_sheet_hbond.range_2_label_comp_id   ARG 
_pdbx_struct_sheet_hbond.range_2_label_asym_id   B 
_pdbx_struct_sheet_hbond.range_2_label_seq_id    2 
_pdbx_struct_sheet_hbond.range_2_PDB_ins_code    ? 
_pdbx_struct_sheet_hbond.range_2_auth_atom_id    O 
_pdbx_struct_sheet_hbond.range_2_auth_comp_id    ARG 
_pdbx_struct_sheet_hbond.range_2_auth_asym_id    B 
_pdbx_struct_sheet_hbond.range_2_auth_seq_id     501 
# 
loop_
_pdbx_validate_close_contact.id 
_pdbx_validate_close_contact.PDB_model_num 
_pdbx_validate_close_contact.auth_atom_id_1 
_pdbx_validate_close_contact.auth_asym_id_1 
_pdbx_validate_close_contact.auth_comp_id_1 
_pdbx_validate_close_contact.auth_seq_id_1 
_pdbx_validate_close_contact.PDB_ins_code_1 
_pdbx_validate_close_contact.label_alt_id_1 
_pdbx_validate_close_contact.auth_atom_id_2 
_pdbx_validate_close_contact.auth_asym_id_2 
_pdbx_validate_close_contact.auth_comp_id_2 
_pdbx_validate_close_contact.auth_seq_id_2 
_pdbx_validate_close_contact.PDB_ins_code_2 
_pdbx_validate_close_contact.label_alt_id_2 
_pdbx_validate_close_contact.dist 
1 1 OG A SER 201 ? ? C  B 5XU 503 ? ? 1.62 
2 1 OG A SER 201 ? ? CA B 5XU 503 ? ? 2.10 
# 
_pdbx_validate_symm_contact.id                1 
_pdbx_validate_symm_contact.PDB_model_num     1 
_pdbx_validate_symm_contact.auth_atom_id_1    O 
_pdbx_validate_symm_contact.auth_asym_id_1    A 
_pdbx_validate_symm_contact.auth_comp_id_1    HOH 
_pdbx_validate_symm_contact.auth_seq_id_1     306 
_pdbx_validate_symm_contact.PDB_ins_code_1    ? 
_pdbx_validate_symm_contact.label_alt_id_1    ? 
_pdbx_validate_symm_contact.site_symmetry_1   1_555 
_pdbx_validate_symm_contact.auth_atom_id_2    O 
_pdbx_validate_symm_contact.auth_asym_id_2    A 
_pdbx_validate_symm_contact.auth_comp_id_2    HOH 
_pdbx_validate_symm_contact.auth_seq_id_2     306 
_pdbx_validate_symm_contact.PDB_ins_code_2    ? 
_pdbx_validate_symm_contact.label_alt_id_2    ? 
_pdbx_validate_symm_contact.site_symmetry_2   3_554 
_pdbx_validate_symm_contact.dist              2.08 
# 
loop_
_pdbx_validate_torsion.id 
_pdbx_validate_torsion.PDB_model_num 
_pdbx_validate_torsion.auth_comp_id 
_pdbx_validate_torsion.auth_asym_id 
_pdbx_validate_torsion.auth_seq_id 
_pdbx_validate_torsion.PDB_ins_code 
_pdbx_validate_torsion.label_alt_id 
_pdbx_validate_torsion.phi 
_pdbx_validate_torsion.psi 
1 1 ALA A 93  ? ? -101.20 52.11  
2 1 TRP A 125 ? ? -37.31  137.95 
3 1 LEU A 156 ? ? -48.40  -70.45 
4 1 SER A 193 ? ? -147.51 10.96  
5 1 ASP A 218 ? ? -146.34 58.44  
# 
_pdbx_distant_solvent_atoms.id                                1 
_pdbx_distant_solvent_atoms.PDB_model_num                     1 
_pdbx_distant_solvent_atoms.auth_atom_id                      O 
_pdbx_distant_solvent_atoms.label_alt_id                      ? 
_pdbx_distant_solvent_atoms.auth_asym_id                      A 
_pdbx_distant_solvent_atoms.auth_comp_id                      HOH 
_pdbx_distant_solvent_atoms.auth_seq_id                       330 
_pdbx_distant_solvent_atoms.PDB_ins_code                      ? 
_pdbx_distant_solvent_atoms.neighbor_macromolecule_distance   8.17 
_pdbx_distant_solvent_atoms.neighbor_ligand_distance          . 
# 
loop_
_pdbx_unobs_or_zero_occ_residues.id 
_pdbx_unobs_or_zero_occ_residues.PDB_model_num 
_pdbx_unobs_or_zero_occ_residues.polymer_flag 
_pdbx_unobs_or_zero_occ_residues.occupancy_flag 
_pdbx_unobs_or_zero_occ_residues.auth_asym_id 
_pdbx_unobs_or_zero_occ_residues.auth_comp_id 
_pdbx_unobs_or_zero_occ_residues.auth_seq_id 
_pdbx_unobs_or_zero_occ_residues.PDB_ins_code 
_pdbx_unobs_or_zero_occ_residues.label_asym_id 
_pdbx_unobs_or_zero_occ_residues.label_comp_id 
_pdbx_unobs_or_zero_occ_residues.label_seq_id 
1  1 Y 1 A MET 66  ? A MET 1   
2  1 Y 1 A GLY 67  ? A GLY 2   
3  1 Y 1 A SER 68  ? A SER 3   
4  1 Y 1 A SER 69  ? A SER 4   
5  1 Y 1 A HIS 70  ? A HIS 5   
6  1 Y 1 A HIS 71  ? A HIS 6   
7  1 Y 1 A HIS 72  ? A HIS 7   
8  1 Y 1 A HIS 73  ? A HIS 8   
9  1 Y 1 A HIS 74  ? A HIS 9   
10 1 Y 1 A HIS 75  ? A HIS 10  
11 1 Y 1 A SER 76  ? A SER 11  
12 1 Y 1 A SER 77  ? A SER 12  
13 1 Y 1 A GLY 78  ? A GLY 13  
14 1 Y 1 A LEU 79  ? A LEU 14  
15 1 Y 1 A VAL 80  ? A VAL 15  
16 1 Y 1 A PRO 81  ? A PRO 16  
17 1 Y 1 A ARG 82  ? A ARG 17  
18 1 Y 1 A GLY 83  ? A GLY 18  
19 1 Y 1 A SER 84  ? A SER 19  
20 1 Y 1 A HIS 85  ? A HIS 20  
21 1 Y 1 A MET 86  ? A MET 21  
22 1 Y 1 A ALA 87  ? A ALA 22  
23 1 Y 1 A ALA 88  ? A ALA 23  
24 1 Y 1 A LEU 89  ? A LEU 24  
25 1 Y 1 A ARG 90  ? A ARG 25  
26 1 Y 1 A GLU 91  ? A GLU 26  
27 1 Y 1 A ARG 273 ? A ARG 208 
28 1 Y 1 A LYS 274 ? A LYS 209 
29 1 Y 1 A ARG 275 ? A ARG 210 
30 1 Y 1 A LYS 276 ? A LYS 211 
# 
loop_
_chem_comp_atom.comp_id 
_chem_comp_atom.atom_id 
_chem_comp_atom.type_symbol 
_chem_comp_atom.pdbx_aromatic_flag 
_chem_comp_atom.pdbx_stereo_config 
_chem_comp_atom.pdbx_ordinal 
5XU N    N N N 1   
5XU CA   C N S 2   
5XU C    C N N 3   
5XU O    O N N 4   
5XU CB   C N N 5   
5XU H    H N N 6   
5XU H2   H N N 7   
5XU HA   H N N 8   
5XU HB1  H N N 9   
5XU HB2  H N N 10  
5XU HB3  H N N 11  
5XU H1   H N N 12  
ACE C    C N N 13  
ACE O    O N N 14  
ACE CH3  C N N 15  
ACE H    H N N 16  
ACE H1   H N N 17  
ACE H2   H N N 18  
ACE H3   H N N 19  
ALA N    N N N 20  
ALA CA   C N S 21  
ALA C    C N N 22  
ALA O    O N N 23  
ALA CB   C N N 24  
ALA OXT  O N N 25  
ALA H    H N N 26  
ALA H2   H N N 27  
ALA HA   H N N 28  
ALA HB1  H N N 29  
ALA HB2  H N N 30  
ALA HB3  H N N 31  
ALA HXT  H N N 32  
ARG N    N N N 33  
ARG CA   C N S 34  
ARG C    C N N 35  
ARG O    O N N 36  
ARG CB   C N N 37  
ARG CG   C N N 38  
ARG CD   C N N 39  
ARG NE   N N N 40  
ARG CZ   C N N 41  
ARG NH1  N N N 42  
ARG NH2  N N N 43  
ARG OXT  O N N 44  
ARG H    H N N 45  
ARG H2   H N N 46  
ARG HA   H N N 47  
ARG HB2  H N N 48  
ARG HB3  H N N 49  
ARG HG2  H N N 50  
ARG HG3  H N N 51  
ARG HD2  H N N 52  
ARG HD3  H N N 53  
ARG HE   H N N 54  
ARG HH11 H N N 55  
ARG HH12 H N N 56  
ARG HH21 H N N 57  
ARG HH22 H N N 58  
ARG HXT  H N N 59  
ASN N    N N N 60  
ASN CA   C N S 61  
ASN C    C N N 62  
ASN O    O N N 63  
ASN CB   C N N 64  
ASN CG   C N N 65  
ASN OD1  O N N 66  
ASN ND2  N N N 67  
ASN OXT  O N N 68  
ASN H    H N N 69  
ASN H2   H N N 70  
ASN HA   H N N 71  
ASN HB2  H N N 72  
ASN HB3  H N N 73  
ASN HD21 H N N 74  
ASN HD22 H N N 75  
ASN HXT  H N N 76  
ASP N    N N N 77  
ASP CA   C N S 78  
ASP C    C N N 79  
ASP O    O N N 80  
ASP CB   C N N 81  
ASP CG   C N N 82  
ASP OD1  O N N 83  
ASP OD2  O N N 84  
ASP OXT  O N N 85  
ASP H    H N N 86  
ASP H2   H N N 87  
ASP HA   H N N 88  
ASP HB2  H N N 89  
ASP HB3  H N N 90  
ASP HD2  H N N 91  
ASP HXT  H N N 92  
CYS N    N N N 93  
CYS CA   C N R 94  
CYS C    C N N 95  
CYS O    O N N 96  
CYS CB   C N N 97  
CYS SG   S N N 98  
CYS OXT  O N N 99  
CYS H    H N N 100 
CYS H2   H N N 101 
CYS HA   H N N 102 
CYS HB2  H N N 103 
CYS HB3  H N N 104 
CYS HG   H N N 105 
CYS HXT  H N N 106 
GLN N    N N N 107 
GLN CA   C N S 108 
GLN C    C N N 109 
GLN O    O N N 110 
GLN CB   C N N 111 
GLN CG   C N N 112 
GLN CD   C N N 113 
GLN OE1  O N N 114 
GLN NE2  N N N 115 
GLN OXT  O N N 116 
GLN H    H N N 117 
GLN H2   H N N 118 
GLN HA   H N N 119 
GLN HB2  H N N 120 
GLN HB3  H N N 121 
GLN HG2  H N N 122 
GLN HG3  H N N 123 
GLN HE21 H N N 124 
GLN HE22 H N N 125 
GLN HXT  H N N 126 
GLU N    N N N 127 
GLU CA   C N S 128 
GLU C    C N N 129 
GLU O    O N N 130 
GLU CB   C N N 131 
GLU CG   C N N 132 
GLU CD   C N N 133 
GLU OE1  O N N 134 
GLU OE2  O N N 135 
GLU OXT  O N N 136 
GLU H    H N N 137 
GLU H2   H N N 138 
GLU HA   H N N 139 
GLU HB2  H N N 140 
GLU HB3  H N N 141 
GLU HG2  H N N 142 
GLU HG3  H N N 143 
GLU HE2  H N N 144 
GLU HXT  H N N 145 
GLY N    N N N 146 
GLY CA   C N N 147 
GLY C    C N N 148 
GLY O    O N N 149 
GLY OXT  O N N 150 
GLY H    H N N 151 
GLY H2   H N N 152 
GLY HA2  H N N 153 
GLY HA3  H N N 154 
GLY HXT  H N N 155 
HIS N    N N N 156 
HIS CA   C N S 157 
HIS C    C N N 158 
HIS O    O N N 159 
HIS CB   C N N 160 
HIS CG   C Y N 161 
HIS ND1  N Y N 162 
HIS CD2  C Y N 163 
HIS CE1  C Y N 164 
HIS NE2  N Y N 165 
HIS OXT  O N N 166 
HIS H    H N N 167 
HIS H2   H N N 168 
HIS HA   H N N 169 
HIS HB2  H N N 170 
HIS HB3  H N N 171 
HIS HD1  H N N 172 
HIS HD2  H N N 173 
HIS HE1  H N N 174 
HIS HE2  H N N 175 
HIS HXT  H N N 176 
HOH O    O N N 177 
HOH H1   H N N 178 
HOH H2   H N N 179 
ILE N    N N N 180 
ILE CA   C N S 181 
ILE C    C N N 182 
ILE O    O N N 183 
ILE CB   C N S 184 
ILE CG1  C N N 185 
ILE CG2  C N N 186 
ILE CD1  C N N 187 
ILE OXT  O N N 188 
ILE H    H N N 189 
ILE H2   H N N 190 
ILE HA   H N N 191 
ILE HB   H N N 192 
ILE HG12 H N N 193 
ILE HG13 H N N 194 
ILE HG21 H N N 195 
ILE HG22 H N N 196 
ILE HG23 H N N 197 
ILE HD11 H N N 198 
ILE HD12 H N N 199 
ILE HD13 H N N 200 
ILE HXT  H N N 201 
LEU N    N N N 202 
LEU CA   C N S 203 
LEU C    C N N 204 
LEU O    O N N 205 
LEU CB   C N N 206 
LEU CG   C N N 207 
LEU CD1  C N N 208 
LEU CD2  C N N 209 
LEU OXT  O N N 210 
LEU H    H N N 211 
LEU H2   H N N 212 
LEU HA   H N N 213 
LEU HB2  H N N 214 
LEU HB3  H N N 215 
LEU HG   H N N 216 
LEU HD11 H N N 217 
LEU HD12 H N N 218 
LEU HD13 H N N 219 
LEU HD21 H N N 220 
LEU HD22 H N N 221 
LEU HD23 H N N 222 
LEU HXT  H N N 223 
LYS N    N N N 224 
LYS CA   C N S 225 
LYS C    C N N 226 
LYS O    O N N 227 
LYS CB   C N N 228 
LYS CG   C N N 229 
LYS CD   C N N 230 
LYS CE   C N N 231 
LYS NZ   N N N 232 
LYS OXT  O N N 233 
LYS H    H N N 234 
LYS H2   H N N 235 
LYS HA   H N N 236 
LYS HB2  H N N 237 
LYS HB3  H N N 238 
LYS HG2  H N N 239 
LYS HG3  H N N 240 
LYS HD2  H N N 241 
LYS HD3  H N N 242 
LYS HE2  H N N 243 
LYS HE3  H N N 244 
LYS HZ1  H N N 245 
LYS HZ2  H N N 246 
LYS HZ3  H N N 247 
LYS HXT  H N N 248 
MET N    N N N 249 
MET CA   C N S 250 
MET C    C N N 251 
MET O    O N N 252 
MET CB   C N N 253 
MET CG   C N N 254 
MET SD   S N N 255 
MET CE   C N N 256 
MET OXT  O N N 257 
MET H    H N N 258 
MET H2   H N N 259 
MET HA   H N N 260 
MET HB2  H N N 261 
MET HB3  H N N 262 
MET HG2  H N N 263 
MET HG3  H N N 264 
MET HE1  H N N 265 
MET HE2  H N N 266 
MET HE3  H N N 267 
MET HXT  H N N 268 
PHE N    N N N 269 
PHE CA   C N S 270 
PHE C    C N N 271 
PHE O    O N N 272 
PHE CB   C N N 273 
PHE CG   C Y N 274 
PHE CD1  C Y N 275 
PHE CD2  C Y N 276 
PHE CE1  C Y N 277 
PHE CE2  C Y N 278 
PHE CZ   C Y N 279 
PHE OXT  O N N 280 
PHE H    H N N 281 
PHE H2   H N N 282 
PHE HA   H N N 283 
PHE HB2  H N N 284 
PHE HB3  H N N 285 
PHE HD1  H N N 286 
PHE HD2  H N N 287 
PHE HE1  H N N 288 
PHE HE2  H N N 289 
PHE HZ   H N N 290 
PHE HXT  H N N 291 
PRO N    N N N 292 
PRO CA   C N S 293 
PRO C    C N N 294 
PRO O    O N N 295 
PRO CB   C N N 296 
PRO CG   C N N 297 
PRO CD   C N N 298 
PRO OXT  O N N 299 
PRO H    H N N 300 
PRO HA   H N N 301 
PRO HB2  H N N 302 
PRO HB3  H N N 303 
PRO HG2  H N N 304 
PRO HG3  H N N 305 
PRO HD2  H N N 306 
PRO HD3  H N N 307 
PRO HXT  H N N 308 
SER N    N N N 309 
SER CA   C N S 310 
SER C    C N N 311 
SER O    O N N 312 
SER CB   C N N 313 
SER OG   O N N 314 
SER OXT  O N N 315 
SER H    H N N 316 
SER H2   H N N 317 
SER HA   H N N 318 
SER HB2  H N N 319 
SER HB3  H N N 320 
SER HG   H N N 321 
SER HXT  H N N 322 
THR N    N N N 323 
THR CA   C N S 324 
THR C    C N N 325 
THR O    O N N 326 
THR CB   C N R 327 
THR OG1  O N N 328 
THR CG2  C N N 329 
THR OXT  O N N 330 
THR H    H N N 331 
THR H2   H N N 332 
THR HA   H N N 333 
THR HB   H N N 334 
THR HG1  H N N 335 
THR HG21 H N N 336 
THR HG22 H N N 337 
THR HG23 H N N 338 
THR HXT  H N N 339 
TRP N    N N N 340 
TRP CA   C N S 341 
TRP C    C N N 342 
TRP O    O N N 343 
TRP CB   C N N 344 
TRP CG   C Y N 345 
TRP CD1  C Y N 346 
TRP CD2  C Y N 347 
TRP NE1  N Y N 348 
TRP CE2  C Y N 349 
TRP CE3  C Y N 350 
TRP CZ2  C Y N 351 
TRP CZ3  C Y N 352 
TRP CH2  C Y N 353 
TRP OXT  O N N 354 
TRP H    H N N 355 
TRP H2   H N N 356 
TRP HA   H N N 357 
TRP HB2  H N N 358 
TRP HB3  H N N 359 
TRP HD1  H N N 360 
TRP HE1  H N N 361 
TRP HE3  H N N 362 
TRP HZ2  H N N 363 
TRP HZ3  H N N 364 
TRP HH2  H N N 365 
TRP HXT  H N N 366 
TYR N    N N N 367 
TYR CA   C N S 368 
TYR C    C N N 369 
TYR O    O N N 370 
TYR CB   C N N 371 
TYR CG   C Y N 372 
TYR CD1  C Y N 373 
TYR CD2  C Y N 374 
TYR CE1  C Y N 375 
TYR CE2  C Y N 376 
TYR CZ   C Y N 377 
TYR OH   O N N 378 
TYR OXT  O N N 379 
TYR H    H N N 380 
TYR H2   H N N 381 
TYR HA   H N N 382 
TYR HB2  H N N 383 
TYR HB3  H N N 384 
TYR HD1  H N N 385 
TYR HD2  H N N 386 
TYR HE1  H N N 387 
TYR HE2  H N N 388 
TYR HH   H N N 389 
TYR HXT  H N N 390 
VAL N    N N N 391 
VAL CA   C N S 392 
VAL C    C N N 393 
VAL O    O N N 394 
VAL CB   C N N 395 
VAL CG1  C N N 396 
VAL CG2  C N N 397 
VAL OXT  O N N 398 
VAL H    H N N 399 
VAL H2   H N N 400 
VAL HA   H N N 401 
VAL HB   H N N 402 
VAL HG11 H N N 403 
VAL HG12 H N N 404 
VAL HG13 H N N 405 
VAL HG21 H N N 406 
VAL HG22 H N N 407 
VAL HG23 H N N 408 
VAL HXT  H N N 409 
# 
loop_
_chem_comp_bond.comp_id 
_chem_comp_bond.atom_id_1 
_chem_comp_bond.atom_id_2 
_chem_comp_bond.value_order 
_chem_comp_bond.pdbx_aromatic_flag 
_chem_comp_bond.pdbx_stereo_config 
_chem_comp_bond.pdbx_ordinal 
5XU O   C    doub N N 1   
5XU C   CA   sing N N 2   
5XU CB  CA   sing N N 3   
5XU N   CA   sing N N 4   
5XU N   H    sing N N 5   
5XU N   H2   sing N N 6   
5XU CA  HA   sing N N 7   
5XU CB  HB1  sing N N 8   
5XU CB  HB2  sing N N 9   
5XU CB  HB3  sing N N 10  
5XU C   H1   sing N N 11  
ACE C   O    doub N N 12  
ACE C   CH3  sing N N 13  
ACE C   H    sing N N 14  
ACE CH3 H1   sing N N 15  
ACE CH3 H2   sing N N 16  
ACE CH3 H3   sing N N 17  
ALA N   CA   sing N N 18  
ALA N   H    sing N N 19  
ALA N   H2   sing N N 20  
ALA CA  C    sing N N 21  
ALA CA  CB   sing N N 22  
ALA CA  HA   sing N N 23  
ALA C   O    doub N N 24  
ALA C   OXT  sing N N 25  
ALA CB  HB1  sing N N 26  
ALA CB  HB2  sing N N 27  
ALA CB  HB3  sing N N 28  
ALA OXT HXT  sing N N 29  
ARG N   CA   sing N N 30  
ARG N   H    sing N N 31  
ARG N   H2   sing N N 32  
ARG CA  C    sing N N 33  
ARG CA  CB   sing N N 34  
ARG CA  HA   sing N N 35  
ARG C   O    doub N N 36  
ARG C   OXT  sing N N 37  
ARG CB  CG   sing N N 38  
ARG CB  HB2  sing N N 39  
ARG CB  HB3  sing N N 40  
ARG CG  CD   sing N N 41  
ARG CG  HG2  sing N N 42  
ARG CG  HG3  sing N N 43  
ARG CD  NE   sing N N 44  
ARG CD  HD2  sing N N 45  
ARG CD  HD3  sing N N 46  
ARG NE  CZ   sing N N 47  
ARG NE  HE   sing N N 48  
ARG CZ  NH1  sing N N 49  
ARG CZ  NH2  doub N N 50  
ARG NH1 HH11 sing N N 51  
ARG NH1 HH12 sing N N 52  
ARG NH2 HH21 sing N N 53  
ARG NH2 HH22 sing N N 54  
ARG OXT HXT  sing N N 55  
ASN N   CA   sing N N 56  
ASN N   H    sing N N 57  
ASN N   H2   sing N N 58  
ASN CA  C    sing N N 59  
ASN CA  CB   sing N N 60  
ASN CA  HA   sing N N 61  
ASN C   O    doub N N 62  
ASN C   OXT  sing N N 63  
ASN CB  CG   sing N N 64  
ASN CB  HB2  sing N N 65  
ASN CB  HB3  sing N N 66  
ASN CG  OD1  doub N N 67  
ASN CG  ND2  sing N N 68  
ASN ND2 HD21 sing N N 69  
ASN ND2 HD22 sing N N 70  
ASN OXT HXT  sing N N 71  
ASP N   CA   sing N N 72  
ASP N   H    sing N N 73  
ASP N   H2   sing N N 74  
ASP CA  C    sing N N 75  
ASP CA  CB   sing N N 76  
ASP CA  HA   sing N N 77  
ASP C   O    doub N N 78  
ASP C   OXT  sing N N 79  
ASP CB  CG   sing N N 80  
ASP CB  HB2  sing N N 81  
ASP CB  HB3  sing N N 82  
ASP CG  OD1  doub N N 83  
ASP CG  OD2  sing N N 84  
ASP OD2 HD2  sing N N 85  
ASP OXT HXT  sing N N 86  
CYS N   CA   sing N N 87  
CYS N   H    sing N N 88  
CYS N   H2   sing N N 89  
CYS CA  C    sing N N 90  
CYS CA  CB   sing N N 91  
CYS CA  HA   sing N N 92  
CYS C   O    doub N N 93  
CYS C   OXT  sing N N 94  
CYS CB  SG   sing N N 95  
CYS CB  HB2  sing N N 96  
CYS CB  HB3  sing N N 97  
CYS SG  HG   sing N N 98  
CYS OXT HXT  sing N N 99  
GLN N   CA   sing N N 100 
GLN N   H    sing N N 101 
GLN N   H2   sing N N 102 
GLN CA  C    sing N N 103 
GLN CA  CB   sing N N 104 
GLN CA  HA   sing N N 105 
GLN C   O    doub N N 106 
GLN C   OXT  sing N N 107 
GLN CB  CG   sing N N 108 
GLN CB  HB2  sing N N 109 
GLN CB  HB3  sing N N 110 
GLN CG  CD   sing N N 111 
GLN CG  HG2  sing N N 112 
GLN CG  HG3  sing N N 113 
GLN CD  OE1  doub N N 114 
GLN CD  NE2  sing N N 115 
GLN NE2 HE21 sing N N 116 
GLN NE2 HE22 sing N N 117 
GLN OXT HXT  sing N N 118 
GLU N   CA   sing N N 119 
GLU N   H    sing N N 120 
GLU N   H2   sing N N 121 
GLU CA  C    sing N N 122 
GLU CA  CB   sing N N 123 
GLU CA  HA   sing N N 124 
GLU C   O    doub N N 125 
GLU C   OXT  sing N N 126 
GLU CB  CG   sing N N 127 
GLU CB  HB2  sing N N 128 
GLU CB  HB3  sing N N 129 
GLU CG  CD   sing N N 130 
GLU CG  HG2  sing N N 131 
GLU CG  HG3  sing N N 132 
GLU CD  OE1  doub N N 133 
GLU CD  OE2  sing N N 134 
GLU OE2 HE2  sing N N 135 
GLU OXT HXT  sing N N 136 
GLY N   CA   sing N N 137 
GLY N   H    sing N N 138 
GLY N   H2   sing N N 139 
GLY CA  C    sing N N 140 
GLY CA  HA2  sing N N 141 
GLY CA  HA3  sing N N 142 
GLY C   O    doub N N 143 
GLY C   OXT  sing N N 144 
GLY OXT HXT  sing N N 145 
HIS N   CA   sing N N 146 
HIS N   H    sing N N 147 
HIS N   H2   sing N N 148 
HIS CA  C    sing N N 149 
HIS CA  CB   sing N N 150 
HIS CA  HA   sing N N 151 
HIS C   O    doub N N 152 
HIS C   OXT  sing N N 153 
HIS CB  CG   sing N N 154 
HIS CB  HB2  sing N N 155 
HIS CB  HB3  sing N N 156 
HIS CG  ND1  sing Y N 157 
HIS CG  CD2  doub Y N 158 
HIS ND1 CE1  doub Y N 159 
HIS ND1 HD1  sing N N 160 
HIS CD2 NE2  sing Y N 161 
HIS CD2 HD2  sing N N 162 
HIS CE1 NE2  sing Y N 163 
HIS CE1 HE1  sing N N 164 
HIS NE2 HE2  sing N N 165 
HIS OXT HXT  sing N N 166 
HOH O   H1   sing N N 167 
HOH O   H2   sing N N 168 
ILE N   CA   sing N N 169 
ILE N   H    sing N N 170 
ILE N   H2   sing N N 171 
ILE CA  C    sing N N 172 
ILE CA  CB   sing N N 173 
ILE CA  HA   sing N N 174 
ILE C   O    doub N N 175 
ILE C   OXT  sing N N 176 
ILE CB  CG1  sing N N 177 
ILE CB  CG2  sing N N 178 
ILE CB  HB   sing N N 179 
ILE CG1 CD1  sing N N 180 
ILE CG1 HG12 sing N N 181 
ILE CG1 HG13 sing N N 182 
ILE CG2 HG21 sing N N 183 
ILE CG2 HG22 sing N N 184 
ILE CG2 HG23 sing N N 185 
ILE CD1 HD11 sing N N 186 
ILE CD1 HD12 sing N N 187 
ILE CD1 HD13 sing N N 188 
ILE OXT HXT  sing N N 189 
LEU N   CA   sing N N 190 
LEU N   H    sing N N 191 
LEU N   H2   sing N N 192 
LEU CA  C    sing N N 193 
LEU CA  CB   sing N N 194 
LEU CA  HA   sing N N 195 
LEU C   O    doub N N 196 
LEU C   OXT  sing N N 197 
LEU CB  CG   sing N N 198 
LEU CB  HB2  sing N N 199 
LEU CB  HB3  sing N N 200 
LEU CG  CD1  sing N N 201 
LEU CG  CD2  sing N N 202 
LEU CG  HG   sing N N 203 
LEU CD1 HD11 sing N N 204 
LEU CD1 HD12 sing N N 205 
LEU CD1 HD13 sing N N 206 
LEU CD2 HD21 sing N N 207 
LEU CD2 HD22 sing N N 208 
LEU CD2 HD23 sing N N 209 
LEU OXT HXT  sing N N 210 
LYS N   CA   sing N N 211 
LYS N   H    sing N N 212 
LYS N   H2   sing N N 213 
LYS CA  C    sing N N 214 
LYS CA  CB   sing N N 215 
LYS CA  HA   sing N N 216 
LYS C   O    doub N N 217 
LYS C   OXT  sing N N 218 
LYS CB  CG   sing N N 219 
LYS CB  HB2  sing N N 220 
LYS CB  HB3  sing N N 221 
LYS CG  CD   sing N N 222 
LYS CG  HG2  sing N N 223 
LYS CG  HG3  sing N N 224 
LYS CD  CE   sing N N 225 
LYS CD  HD2  sing N N 226 
LYS CD  HD3  sing N N 227 
LYS CE  NZ   sing N N 228 
LYS CE  HE2  sing N N 229 
LYS CE  HE3  sing N N 230 
LYS NZ  HZ1  sing N N 231 
LYS NZ  HZ2  sing N N 232 
LYS NZ  HZ3  sing N N 233 
LYS OXT HXT  sing N N 234 
MET N   CA   sing N N 235 
MET N   H    sing N N 236 
MET N   H2   sing N N 237 
MET CA  C    sing N N 238 
MET CA  CB   sing N N 239 
MET CA  HA   sing N N 240 
MET C   O    doub N N 241 
MET C   OXT  sing N N 242 
MET CB  CG   sing N N 243 
MET CB  HB2  sing N N 244 
MET CB  HB3  sing N N 245 
MET CG  SD   sing N N 246 
MET CG  HG2  sing N N 247 
MET CG  HG3  sing N N 248 
MET SD  CE   sing N N 249 
MET CE  HE1  sing N N 250 
MET CE  HE2  sing N N 251 
MET CE  HE3  sing N N 252 
MET OXT HXT  sing N N 253 
PHE N   CA   sing N N 254 
PHE N   H    sing N N 255 
PHE N   H2   sing N N 256 
PHE CA  C    sing N N 257 
PHE CA  CB   sing N N 258 
PHE CA  HA   sing N N 259 
PHE C   O    doub N N 260 
PHE C   OXT  sing N N 261 
PHE CB  CG   sing N N 262 
PHE CB  HB2  sing N N 263 
PHE CB  HB3  sing N N 264 
PHE CG  CD1  doub Y N 265 
PHE CG  CD2  sing Y N 266 
PHE CD1 CE1  sing Y N 267 
PHE CD1 HD1  sing N N 268 
PHE CD2 CE2  doub Y N 269 
PHE CD2 HD2  sing N N 270 
PHE CE1 CZ   doub Y N 271 
PHE CE1 HE1  sing N N 272 
PHE CE2 CZ   sing Y N 273 
PHE CE2 HE2  sing N N 274 
PHE CZ  HZ   sing N N 275 
PHE OXT HXT  sing N N 276 
PRO N   CA   sing N N 277 
PRO N   CD   sing N N 278 
PRO N   H    sing N N 279 
PRO CA  C    sing N N 280 
PRO CA  CB   sing N N 281 
PRO CA  HA   sing N N 282 
PRO C   O    doub N N 283 
PRO C   OXT  sing N N 284 
PRO CB  CG   sing N N 285 
PRO CB  HB2  sing N N 286 
PRO CB  HB3  sing N N 287 
PRO CG  CD   sing N N 288 
PRO CG  HG2  sing N N 289 
PRO CG  HG3  sing N N 290 
PRO CD  HD2  sing N N 291 
PRO CD  HD3  sing N N 292 
PRO OXT HXT  sing N N 293 
SER N   CA   sing N N 294 
SER N   H    sing N N 295 
SER N   H2   sing N N 296 
SER CA  C    sing N N 297 
SER CA  CB   sing N N 298 
SER CA  HA   sing N N 299 
SER C   O    doub N N 300 
SER C   OXT  sing N N 301 
SER CB  OG   sing N N 302 
SER CB  HB2  sing N N 303 
SER CB  HB3  sing N N 304 
SER OG  HG   sing N N 305 
SER OXT HXT  sing N N 306 
THR N   CA   sing N N 307 
THR N   H    sing N N 308 
THR N   H2   sing N N 309 
THR CA  C    sing N N 310 
THR CA  CB   sing N N 311 
THR CA  HA   sing N N 312 
THR C   O    doub N N 313 
THR C   OXT  sing N N 314 
THR CB  OG1  sing N N 315 
THR CB  CG2  sing N N 316 
THR CB  HB   sing N N 317 
THR OG1 HG1  sing N N 318 
THR CG2 HG21 sing N N 319 
THR CG2 HG22 sing N N 320 
THR CG2 HG23 sing N N 321 
THR OXT HXT  sing N N 322 
TRP N   CA   sing N N 323 
TRP N   H    sing N N 324 
TRP N   H2   sing N N 325 
TRP CA  C    sing N N 326 
TRP CA  CB   sing N N 327 
TRP CA  HA   sing N N 328 
TRP C   O    doub N N 329 
TRP C   OXT  sing N N 330 
TRP CB  CG   sing N N 331 
TRP CB  HB2  sing N N 332 
TRP CB  HB3  sing N N 333 
TRP CG  CD1  doub Y N 334 
TRP CG  CD2  sing Y N 335 
TRP CD1 NE1  sing Y N 336 
TRP CD1 HD1  sing N N 337 
TRP CD2 CE2  doub Y N 338 
TRP CD2 CE3  sing Y N 339 
TRP NE1 CE2  sing Y N 340 
TRP NE1 HE1  sing N N 341 
TRP CE2 CZ2  sing Y N 342 
TRP CE3 CZ3  doub Y N 343 
TRP CE3 HE3  sing N N 344 
TRP CZ2 CH2  doub Y N 345 
TRP CZ2 HZ2  sing N N 346 
TRP CZ3 CH2  sing Y N 347 
TRP CZ3 HZ3  sing N N 348 
TRP CH2 HH2  sing N N 349 
TRP OXT HXT  sing N N 350 
TYR N   CA   sing N N 351 
TYR N   H    sing N N 352 
TYR N   H2   sing N N 353 
TYR CA  C    sing N N 354 
TYR CA  CB   sing N N 355 
TYR CA  HA   sing N N 356 
TYR C   O    doub N N 357 
TYR C   OXT  sing N N 358 
TYR CB  CG   sing N N 359 
TYR CB  HB2  sing N N 360 
TYR CB  HB3  sing N N 361 
TYR CG  CD1  doub Y N 362 
TYR CG  CD2  sing Y N 363 
TYR CD1 CE1  sing Y N 364 
TYR CD1 HD1  sing N N 365 
TYR CD2 CE2  doub Y N 366 
TYR CD2 HD2  sing N N 367 
TYR CE1 CZ   doub Y N 368 
TYR CE1 HE1  sing N N 369 
TYR CE2 CZ   sing Y N 370 
TYR CE2 HE2  sing N N 371 
TYR CZ  OH   sing N N 372 
TYR OH  HH   sing N N 373 
TYR OXT HXT  sing N N 374 
VAL N   CA   sing N N 375 
VAL N   H    sing N N 376 
VAL N   H2   sing N N 377 
VAL CA  C    sing N N 378 
VAL CA  CB   sing N N 379 
VAL CA  HA   sing N N 380 
VAL C   O    doub N N 381 
VAL C   OXT  sing N N 382 
VAL CB  CG1  sing N N 383 
VAL CB  CG2  sing N N 384 
VAL CB  HB   sing N N 385 
VAL CG1 HG11 sing N N 386 
VAL CG1 HG12 sing N N 387 
VAL CG1 HG13 sing N N 388 
VAL CG2 HG21 sing N N 389 
VAL CG2 HG22 sing N N 390 
VAL CG2 HG23 sing N N 391 
VAL OXT HXT  sing N N 392 
# 
_atom_sites.entry_id                    5F5G 
_atom_sites.fract_transf_matrix[1][1]   0.00470725 
_atom_sites.fract_transf_matrix[1][2]   -0.01258417 
_atom_sites.fract_transf_matrix[1][3]   -0.00433570 
_atom_sites.fract_transf_matrix[2][1]   0.00393286 
_atom_sites.fract_transf_matrix[2][2]   0.00436703 
_atom_sites.fract_transf_matrix[2][3]   -0.00840519 
_atom_sites.fract_transf_matrix[3][1]   0.01371654 
_atom_sites.fract_transf_matrix[3][2]   0.00247629 
_atom_sites.fract_transf_matrix[3][3]   0.00770468 
_atom_sites.fract_transf_vector[1]      -0.053749 
_atom_sites.fract_transf_vector[2]      -0.235062 
_atom_sites.fract_transf_vector[3]      -0.019169 
# 
loop_
_atom_type.symbol 
C 
N 
O 
S 
# 
loop_
_atom_site.group_PDB 
_atom_site.id 
_atom_site.type_symbol 
_atom_site.label_atom_id 
_atom_site.label_alt_id 
_atom_site.label_comp_id 
_atom_site.label_asym_id 
_atom_site.label_entity_id 
_atom_site.label_seq_id 
_atom_site.pdbx_PDB_ins_code 
_atom_site.Cartn_x 
_atom_site.Cartn_y 
_atom_site.Cartn_z 
_atom_site.occupancy 
_atom_site.B_iso_or_equiv 
_atom_site.pdbx_formal_charge 
_atom_site.auth_seq_id 
_atom_site.auth_comp_id 
_atom_site.auth_asym_id 
_atom_site.auth_atom_id 
_atom_site.pdbx_PDB_model_num 
ATOM   1    N N   . ARG A 1 27  ? 3.690   -1.172  16.170  1.00 69.96  ? 92  ARG A N   1 
ATOM   2    C CA  . ARG A 1 27  ? 4.874   -1.089  17.059  1.00 74.83  ? 92  ARG A CA  1 
ATOM   3    C C   . ARG A 1 27  ? 6.218   -1.278  16.269  1.00 76.03  ? 92  ARG A C   1 
ATOM   4    O O   . ARG A 1 27  ? 6.303   -0.925  15.072  1.00 76.39  ? 92  ARG A O   1 
ATOM   5    C CB  . ARG A 1 27  ? 4.691   -2.058  18.252  1.00 77.32  ? 92  ARG A CB  1 
ATOM   6    C CG  . ARG A 1 27  ? 4.920   -1.469  19.657  1.00 92.09  ? 92  ARG A CG  1 
ATOM   7    C CD  . ARG A 1 27  ? 6.392   -1.117  19.904  1.00 103.57 ? 92  ARG A CD  1 
ATOM   8    N NE  . ARG A 1 27  ? 6.789   -0.794  21.278  1.00 106.63 ? 92  ARG A NE  1 
ATOM   9    C CZ  . ARG A 1 27  ? 7.833   -0.024  21.604  1.00 107.01 ? 92  ARG A CZ  1 
ATOM   10   N NH1 . ARG A 1 27  ? 8.584   0.551   20.666  1.00 102.40 ? 92  ARG A NH1 1 
ATOM   11   N NH2 . ARG A 1 27  ? 8.115   0.200   22.883  1.00 109.93 ? 92  ARG A NH2 1 
ATOM   12   N N   . ALA A 1 28  ? 7.246   -1.825  16.928  1.00 70.29  ? 93  ALA A N   1 
ATOM   13   C CA  . ALA A 1 28  ? 8.631   -1.799  16.444  1.00 66.16  ? 93  ALA A CA  1 
ATOM   14   C C   . ALA A 1 28  ? 9.114   -3.104  15.793  1.00 60.92  ? 93  ALA A C   1 
ATOM   15   O O   . ALA A 1 28  ? 10.170  -3.650  16.150  1.00 68.74  ? 93  ALA A O   1 
ATOM   16   C CB  . ALA A 1 28  ? 9.570   -1.382  17.576  1.00 74.20  ? 93  ALA A CB  1 
ATOM   17   N N   . GLY A 1 29  ? 8.358   -3.607  14.832  1.00 49.36  ? 94  GLY A N   1 
ATOM   18   C CA  . GLY A 1 29  ? 8.829   -4.741  14.059  1.00 39.52  ? 94  GLY A CA  1 
ATOM   19   C C   . GLY A 1 29  ? 9.897   -4.272  13.080  1.00 39.14  ? 94  GLY A C   1 
ATOM   20   O O   . GLY A 1 29  ? 9.959   -3.072  12.733  1.00 38.26  ? 94  GLY A O   1 
ATOM   21   N N   . PRO A 1 30  ? 10.752  -5.201  12.631  1.00 35.08  ? 95  PRO A N   1 
ATOM   22   C CA  . PRO A 1 30  ? 11.786  -4.889  11.642  1.00 35.28  ? 95  PRO A CA  1 
ATOM   23   C C   . PRO A 1 30  ? 11.264  -4.669  10.207  1.00 39.73  ? 95  PRO A C   1 
ATOM   24   O O   . PRO A 1 30  ? 11.847  -3.887  9.471   1.00 40.98  ? 95  PRO A O   1 
ATOM   25   C CB  . PRO A 1 30  ? 12.686  -6.114  11.681  1.00 33.22  ? 95  PRO A CB  1 
ATOM   26   C CG  . PRO A 1 30  ? 11.845  -7.195  12.253  1.00 33.95  ? 95  PRO A CG  1 
ATOM   27   C CD  . PRO A 1 30  ? 10.941  -6.528  13.232  1.00 33.11  ? 95  PRO A CD  1 
ATOM   28   N N   . VAL A 1 31  ? 10.201  -5.352  9.792   1.00 38.72  ? 96  VAL A N   1 
ATOM   29   C CA  . VAL A 1 31  ? 9.654   -5.108  8.454   1.00 36.32  ? 96  VAL A CA  1 
ATOM   30   C C   . VAL A 1 31  ? 8.951   -3.752  8.421   1.00 35.78  ? 96  VAL A C   1 
ATOM   31   O O   . VAL A 1 31  ? 9.152   -2.958  7.494   1.00 42.14  ? 96  VAL A O   1 
ATOM   32   C CB  . VAL A 1 31  ? 8.704   -6.223  7.988   1.00 37.03  ? 96  VAL A CB  1 
ATOM   33   C CG1 . VAL A 1 31  ? 8.142   -5.880  6.612   1.00 35.53  ? 96  VAL A CG1 1 
ATOM   34   C CG2 . VAL A 1 31  ? 9.442   -7.554  7.903   1.00 35.51  ? 96  VAL A CG2 1 
ATOM   35   N N   . THR A 1 32  ? 8.162   -3.478  9.451   1.00 33.20  ? 97  THR A N   1 
ATOM   36   C CA  . THR A 1 32  ? 7.519   -2.174  9.652   1.00 32.55  ? 97  THR A CA  1 
ATOM   37   C C   . THR A 1 32  ? 8.503   -1.005  9.511   1.00 36.02  ? 97  THR A C   1 
ATOM   38   O O   . THR A 1 32  ? 8.262   -0.069  8.726   1.00 32.18  ? 97  THR A O   1 
ATOM   39   C CB  . THR A 1 32  ? 6.849   -2.107  11.034  1.00 33.86  ? 97  THR A CB  1 
ATOM   40   O OG1 . THR A 1 32  ? 5.831   -3.117  11.132  1.00 36.55  ? 97  THR A OG1 1 
ATOM   41   C CG2 . THR A 1 32  ? 6.237   -0.754  11.276  1.00 33.68  ? 97  THR A CG2 1 
ATOM   42   N N   . TRP A 1 33  ? 9.615   -1.079  10.266  1.00 37.26  ? 98  TRP A N   1 
ATOM   43   C CA  . TRP A 1 33  ? 10.629  -0.017  10.266  1.00 37.21  ? 98  TRP A CA  1 
ATOM   44   C C   . TRP A 1 33  ? 11.484  0.059   9.007   1.00 36.70  ? 98  TRP A C   1 
ATOM   45   O O   . TRP A 1 33  ? 11.813  1.167   8.570   1.00 35.72  ? 98  TRP A O   1 
ATOM   46   C CB  . TRP A 1 33  ? 11.498  -0.032  11.540  1.00 36.57  ? 98  TRP A CB  1 
ATOM   47   C CG  . TRP A 1 33  ? 10.752  0.639   12.670  1.00 38.43  ? 98  TRP A CG  1 
ATOM   48   C CD1 . TRP A 1 33  ? 10.026  0.024   13.666  1.00 38.55  ? 98  TRP A CD1 1 
ATOM   49   C CD2 . TRP A 1 33  ? 10.579  2.045   12.861  1.00 39.11  ? 98  TRP A CD2 1 
ATOM   50   N NE1 . TRP A 1 33  ? 9.427   0.964   14.468  1.00 39.89  ? 98  TRP A NE1 1 
ATOM   51   C CE2 . TRP A 1 33  ? 9.747   2.213   14.002  1.00 41.55  ? 98  TRP A CE2 1 
ATOM   52   C CE3 . TRP A 1 33  ? 11.041  3.186   12.180  1.00 41.83  ? 98  TRP A CE3 1 
ATOM   53   C CZ2 . TRP A 1 33  ? 9.378   3.490   14.494  1.00 43.69  ? 98  TRP A CZ2 1 
ATOM   54   C CZ3 . TRP A 1 33  ? 10.667  4.461   12.660  1.00 43.71  ? 98  TRP A CZ3 1 
ATOM   55   C CH2 . TRP A 1 33  ? 9.846   4.596   13.813  1.00 42.66  ? 98  TRP A CH2 1 
ATOM   56   N N   . VAL A 1 34  ? 11.837  -1.101  8.436   1.00 34.57  ? 99  VAL A N   1 
ATOM   57   C CA  . VAL A 1 34  ? 12.613  -1.155  7.187   1.00 34.09  ? 99  VAL A CA  1 
ATOM   58   C C   . VAL A 1 34  ? 11.850  -0.498  6.043   1.00 36.08  ? 99  VAL A C   1 
ATOM   59   O O   . VAL A 1 34  ? 12.425  0.214   5.241   1.00 38.13  ? 99  VAL A O   1 
ATOM   60   C CB  . VAL A 1 34  ? 13.042  -2.596  6.826   1.00 34.19  ? 99  VAL A CB  1 
ATOM   61   C CG1 . VAL A 1 34  ? 13.477  -2.714  5.374   1.00 31.38  ? 99  VAL A CG1 1 
ATOM   62   C CG2 . VAL A 1 34  ? 14.193  -3.029  7.739   1.00 36.89  ? 99  VAL A CG2 1 
ATOM   63   N N   . MET A 1 35  ? 10.549  -0.739  5.977   1.00 36.69  ? 100 MET A N   1 
ATOM   64   C CA  . MET A 1 35  ? 9.700   -0.121  4.962   1.00 37.11  ? 100 MET A CA  1 
ATOM   65   C C   . MET A 1 35  ? 9.522   1.380   5.203   1.00 32.62  ? 100 MET A C   1 
ATOM   66   O O   . MET A 1 35  ? 9.565   2.146   4.289   1.00 33.03  ? 100 MET A O   1 
ATOM   67   C CB  . MET A 1 35  ? 8.368   -0.870  4.894   1.00 40.71  ? 100 MET A CB  1 
ATOM   68   C CG  . MET A 1 35  ? 7.343   -0.327  3.906   1.00 50.63  ? 100 MET A CG  1 
ATOM   69   S SD  . MET A 1 35  ? 7.730   -0.467  2.147   1.00 51.88  ? 100 MET A SD  1 
ATOM   70   C CE  . MET A 1 35  ? 8.164   -2.210  1.993   1.00 49.84  ? 100 MET A CE  1 
ATOM   71   N N   . MET A 1 36  ? 9.357   1.795   6.438   1.00 32.06  ? 101 MET A N   1 
ATOM   72   C CA  . MET A 1 36  ? 9.289   3.216   6.748   1.00 35.10  ? 101 MET A CA  1 
ATOM   73   C C   . MET A 1 36  ? 10.592  3.940   6.396   1.00 38.20  ? 101 MET A C   1 
ATOM   74   O O   . MET A 1 36  ? 10.561  5.078   5.916   1.00 40.38  ? 101 MET A O   1 
ATOM   75   C CB  . MET A 1 36  ? 8.946   3.451   8.220   1.00 36.37  ? 101 MET A CB  1 
ATOM   76   C CG  . MET A 1 36  ? 7.489   3.264   8.526   1.00 38.44  ? 101 MET A CG  1 
ATOM   77   S SD  . MET A 1 36  ? 7.143   3.173   10.278  1.00 50.90  ? 101 MET A SD  1 
ATOM   78   C CE  . MET A 1 36  ? 7.394   4.866   10.804  1.00 48.24  ? 101 MET A CE  1 
ATOM   79   N N   . ILE A 1 37  ? 11.732  3.288   6.621   1.00 39.35  ? 102 ILE A N   1 
ATOM   80   C CA  . ILE A 1 37  ? 13.032  3.888   6.302   1.00 40.22  ? 102 ILE A CA  1 
ATOM   81   C C   . ILE A 1 37  ? 13.237  3.961   4.804   1.00 40.88  ? 102 ILE A C   1 
ATOM   82   O O   . ILE A 1 37  ? 13.726  4.984   4.322   1.00 44.12  ? 102 ILE A O   1 
ATOM   83   C CB  . ILE A 1 37  ? 14.206  3.156   6.980   1.00 41.99  ? 102 ILE A CB  1 
ATOM   84   C CG1 . ILE A 1 37  ? 14.121  3.298   8.523   1.00 43.07  ? 102 ILE A CG1 1 
ATOM   85   C CG2 . ILE A 1 37  ? 15.557  3.615   6.421   1.00 41.29  ? 102 ILE A CG2 1 
ATOM   86   C CD1 . ILE A 1 37  ? 13.770  4.684   9.037   1.00 41.17  ? 102 ILE A CD1 1 
ATOM   87   N N   . ALA A 1 38  ? 12.839  2.905   4.078   1.00 37.67  ? 103 ALA A N   1 
ATOM   88   C CA  . ALA A 1 38  ? 12.977  2.860   2.600   1.00 35.75  ? 103 ALA A CA  1 
ATOM   89   C C   . ALA A 1 38  ? 12.205  4.003   1.926   1.00 33.84  ? 103 ALA A C   1 
ATOM   90   O O   . ALA A 1 38  ? 12.738  4.677   1.056   1.00 34.11  ? 103 ALA A O   1 
ATOM   91   C CB  . ALA A 1 38  ? 12.556  1.498   2.056   1.00 32.78  ? 103 ALA A CB  1 
ATOM   92   N N   . CYS A 1 39  ? 10.966  4.213   2.368   1.00 33.71  ? 104 CYS A N   1 
ATOM   93   C CA  . CYS A 1 39  ? 10.097  5.260   1.866   1.00 36.25  ? 104 CYS A CA  1 
ATOM   94   C C   . CYS A 1 39  ? 10.675  6.619   2.125   1.00 39.70  ? 104 CYS A C   1 
ATOM   95   O O   . CYS A 1 39  ? 10.552  7.496   1.280   1.00 42.85  ? 104 CYS A O   1 
ATOM   96   C CB  . CYS A 1 39  ? 8.736   5.193   2.532   1.00 35.22  ? 104 CYS A CB  1 
ATOM   97   S SG  . CYS A 1 39  ? 7.769   3.769   1.992   1.00 39.67  ? 104 CYS A SG  1 
ATOM   98   N N   . VAL A 1 40  ? 11.272  6.789   3.308   1.00 41.87  ? 105 VAL A N   1 
ATOM   99   C CA  . VAL A 1 40  ? 11.914  8.044   3.707   1.00 36.75  ? 105 VAL A CA  1 
ATOM   100  C C   . VAL A 1 40  ? 13.163  8.299   2.862   1.00 35.09  ? 105 VAL A C   1 
ATOM   101  O O   . VAL A 1 40  ? 13.314  9.390   2.330   1.00 36.38  ? 105 VAL A O   1 
ATOM   102  C CB  . VAL A 1 40  ? 12.199  8.037   5.215   1.00 37.70  ? 105 VAL A CB  1 
ATOM   103  C CG1 . VAL A 1 40  ? 13.247  9.074   5.622   1.00 35.83  ? 105 VAL A CG1 1 
ATOM   104  C CG2 . VAL A 1 40  ? 10.893  8.282   5.954   1.00 38.69  ? 105 VAL A CG2 1 
ATOM   105  N N   . VAL A 1 41  ? 14.019  7.292   2.702   1.00 33.12  ? 106 VAL A N   1 
ATOM   106  C CA  . VAL A 1 41  ? 15.183  7.401   1.830   1.00 34.44  ? 106 VAL A CA  1 
ATOM   107  C C   . VAL A 1 41  ? 14.771  7.781   0.387   1.00 39.97  ? 106 VAL A C   1 
ATOM   108  O O   . VAL A 1 41  ? 15.405  8.649   -0.249  1.00 43.30  ? 106 VAL A O   1 
ATOM   109  C CB  . VAL A 1 41  ? 16.034  6.112   1.856   1.00 35.47  ? 106 VAL A CB  1 
ATOM   110  C CG1 . VAL A 1 41  ? 17.168  6.149   0.832   1.00 37.49  ? 106 VAL A CG1 1 
ATOM   111  C CG2 . VAL A 1 41  ? 16.588  5.836   3.256   1.00 34.50  ? 106 VAL A CG2 1 
ATOM   112  N N   . VAL A 1 42  ? 13.717  7.146   -0.137  1.00 40.39  ? 107 VAL A N   1 
ATOM   113  C CA  . VAL A 1 42  ? 13.236  7.459   -1.497  1.00 37.08  ? 107 VAL A CA  1 
ATOM   114  C C   . VAL A 1 42  ? 12.698  8.903   -1.617  1.00 36.40  ? 107 VAL A C   1 
ATOM   115  O O   . VAL A 1 42  ? 13.064  9.650   -2.527  1.00 37.86  ? 107 VAL A O   1 
ATOM   116  C CB  . VAL A 1 42  ? 12.208  6.407   -1.994  1.00 35.14  ? 107 VAL A CB  1 
ATOM   117  C CG1 . VAL A 1 42  ? 11.423  6.922   -3.215  1.00 32.12  ? 107 VAL A CG1 1 
ATOM   118  C CG2 . VAL A 1 42  ? 12.931  5.099   -2.300  1.00 31.55  ? 107 VAL A CG2 1 
ATOM   119  N N   . PHE A 1 43  ? 11.830  9.277   -0.689  1.00 37.65  ? 108 PHE A N   1 
ATOM   120  C CA  . PHE A 1 43  ? 11.250  10.615  -0.634  1.00 40.57  ? 108 PHE A CA  1 
ATOM   121  C C   . PHE A 1 43  ? 12.340  11.706  -0.526  1.00 46.09  ? 108 PHE A C   1 
ATOM   122  O O   . PHE A 1 43  ? 12.258  12.750  -1.178  1.00 49.33  ? 108 PHE A O   1 
ATOM   123  C CB  . PHE A 1 43  ? 10.294  10.684  0.538   1.00 38.49  ? 108 PHE A CB  1 
ATOM   124  C CG  . PHE A 1 43  ? 9.581   11.986  0.666   1.00 44.21  ? 108 PHE A CG  1 
ATOM   125  C CD1 . PHE A 1 43  ? 10.012  12.932  1.604   1.00 45.12  ? 108 PHE A CD1 1 
ATOM   126  C CD2 . PHE A 1 43  ? 8.444   12.279  -0.134  1.00 44.78  ? 108 PHE A CD2 1 
ATOM   127  C CE1 . PHE A 1 43  ? 9.320   14.144  1.743   1.00 48.93  ? 108 PHE A CE1 1 
ATOM   128  C CE2 . PHE A 1 43  ? 7.768   13.495  -0.013  1.00 44.75  ? 108 PHE A CE2 1 
ATOM   129  C CZ  . PHE A 1 43  ? 8.214   14.429  0.926   1.00 46.36  ? 108 PHE A CZ  1 
ATOM   130  N N   . ILE A 1 44  ? 13.373  11.448  0.268   1.00 46.01  ? 109 ILE A N   1 
ATOM   131  C CA  . ILE A 1 44  ? 14.486  12.379  0.371   1.00 46.68  ? 109 ILE A CA  1 
ATOM   132  C C   . ILE A 1 44  ? 15.251  12.441  -0.967  1.00 46.95  ? 109 ILE A C   1 
ATOM   133  O O   . ILE A 1 44  ? 15.557  13.523  -1.456  1.00 46.32  ? 109 ILE A O   1 
ATOM   134  C CB  . ILE A 1 44  ? 15.391  12.007  1.554   1.00 45.34  ? 109 ILE A CB  1 
ATOM   135  C CG1 . ILE A 1 44  ? 14.643  12.283  2.847   1.00 43.29  ? 109 ILE A CG1 1 
ATOM   136  C CG2 . ILE A 1 44  ? 16.719  12.769  1.509   1.00 46.08  ? 109 ILE A CG2 1 
ATOM   137  C CD1 . ILE A 1 44  ? 15.314  11.677  4.059   1.00 47.35  ? 109 ILE A CD1 1 
ATOM   138  N N   . ALA A 1 45  ? 15.523  11.274  -1.554  1.00 45.09  ? 110 ALA A N   1 
ATOM   139  C CA  . ALA A 1 45  ? 16.074  11.177  -2.908  1.00 38.36  ? 110 ALA A CA  1 
ATOM   140  C C   . ALA A 1 45  ? 15.192  11.904  -3.945  1.00 38.59  ? 110 ALA A C   1 
ATOM   141  O O   . ALA A 1 45  ? 15.693  12.588  -4.817  1.00 35.39  ? 110 ALA A O   1 
ATOM   142  C CB  . ALA A 1 45  ? 16.259  9.722   -3.289  1.00 35.06  ? 110 ALA A CB  1 
ATOM   143  N N   . MET A 1 46  ? 13.878  11.778  -3.833  1.00 39.80  ? 111 MET A N   1 
ATOM   144  C CA  . MET A 1 46  ? 12.980  12.517  -4.715  1.00 42.30  ? 111 MET A CA  1 
ATOM   145  C C   . MET A 1 46  ? 13.145  14.018  -4.541  1.00 43.55  ? 111 MET A C   1 
ATOM   146  O O   . MET A 1 46  ? 13.035  14.767  -5.499  1.00 47.39  ? 111 MET A O   1 
ATOM   147  C CB  . MET A 1 46  ? 11.516  12.114  -4.498  1.00 41.61  ? 111 MET A CB  1 
ATOM   148  C CG  . MET A 1 46  ? 11.189  10.710  -5.002  1.00 40.85  ? 111 MET A CG  1 
ATOM   149  S SD  . MET A 1 46  ? 9.497   10.163  -4.752  1.00 39.30  ? 111 MET A SD  1 
ATOM   150  C CE  . MET A 1 46  ? 8.711   10.743  -6.235  1.00 34.61  ? 111 MET A CE  1 
ATOM   151  N N   . GLN A 1 47  ? 13.429  14.444  -3.317  1.00 48.36  ? 112 GLN A N   1 
ATOM   152  C CA  . GLN A 1 47  ? 13.611  15.868  -2.990  1.00 50.39  ? 112 GLN A CA  1 
ATOM   153  C C   . GLN A 1 47  ? 14.861  16.454  -3.646  1.00 49.22  ? 112 GLN A C   1 
ATOM   154  O O   . GLN A 1 47  ? 14.802  17.512  -4.259  1.00 52.15  ? 112 GLN A O   1 
ATOM   155  C CB  . GLN A 1 47  ? 13.685  16.088  -1.467  1.00 55.30  ? 112 GLN A CB  1 
ATOM   156  C CG  . GLN A 1 47  ? 12.422  15.744  -0.678  1.00 58.75  ? 112 GLN A CG  1 
ATOM   157  C CD  . GLN A 1 47  ? 11.139  16.168  -1.391  1.00 65.39  ? 112 GLN A CD  1 
ATOM   158  O OE1 . GLN A 1 47  ? 10.215  15.356  -1.598  1.00 66.27  ? 112 GLN A OE1 1 
ATOM   159  N NE2 . GLN A 1 47  ? 11.081  17.441  -1.791  1.00 65.63  ? 112 GLN A NE2 1 
ATOM   160  N N   . ILE A 1 48  ? 15.980  15.752  -3.517  1.00 44.13  ? 113 ILE A N   1 
ATOM   161  C CA  . ILE A 1 48  ? 17.226  16.207  -4.070  1.00 42.83  ? 113 ILE A CA  1 
ATOM   162  C C   . ILE A 1 48  ? 17.171  16.187  -5.601  1.00 42.68  ? 113 ILE A C   1 
ATOM   163  O O   . ILE A 1 48  ? 17.468  17.194  -6.253  1.00 42.59  ? 113 ILE A O   1 
ATOM   164  C CB  . ILE A 1 48  ? 18.388  15.393  -3.471  1.00 42.94  ? 113 ILE A CB  1 
ATOM   165  C CG1 . ILE A 1 48  ? 18.538  15.769  -2.000  1.00 45.26  ? 113 ILE A CG1 1 
ATOM   166  C CG2 . ILE A 1 48  ? 19.701  15.690  -4.157  1.00 40.80  ? 113 ILE A CG2 1 
ATOM   167  C CD1 . ILE A 1 48  ? 18.587  14.576  -1.072  1.00 46.54  ? 113 ILE A CD1 1 
ATOM   168  N N   . LEU A 1 49  ? 16.751  15.059  -6.158  1.00 41.82  ? 114 LEU A N   1 
ATOM   169  C CA  . LEU A 1 49  ? 16.754  14.837  -7.613  1.00 39.37  ? 114 LEU A CA  1 
ATOM   170  C C   . LEU A 1 49  ? 15.499  15.328  -8.313  1.00 39.55  ? 114 LEU A C   1 
ATOM   171  O O   . LEU A 1 49  ? 15.512  15.490  -9.524  1.00 41.03  ? 114 LEU A O   1 
ATOM   172  C CB  . LEU A 1 49  ? 16.918  13.360  -7.947  1.00 37.70  ? 114 LEU A CB  1 
ATOM   173  C CG  . LEU A 1 49  ? 18.040  12.622  -7.245  1.00 39.76  ? 114 LEU A CG  1 
ATOM   174  C CD1 . LEU A 1 49  ? 17.937  11.114  -7.393  1.00 37.52  ? 114 LEU A CD1 1 
ATOM   175  C CD2 . LEU A 1 49  ? 19.369  13.159  -7.752  1.00 41.27  ? 114 LEU A CD2 1 
ATOM   176  N N   . GLY A 1 50  ? 14.409  15.546  -7.578  1.00 39.46  ? 115 GLY A N   1 
ATOM   177  C CA  . GLY A 1 50  ? 13.117  15.770  -8.243  1.00 39.02  ? 115 GLY A CA  1 
ATOM   178  C C   . GLY A 1 50  ? 12.342  14.486  -8.535  1.00 37.64  ? 115 GLY A C   1 
ATOM   179  O O   . GLY A 1 50  ? 12.928  13.416  -8.758  1.00 35.27  ? 115 GLY A O   1 
ATOM   180  N N   . ASP A 1 51  ? 11.016  14.605  -8.531  1.00 38.20  ? 116 ASP A N   1 
ATOM   181  C CA  . ASP A 1 51  ? 10.090  13.488  -8.732  1.00 40.15  ? 116 ASP A CA  1 
ATOM   182  C C   . ASP A 1 51  ? 10.334  12.683  -10.010 1.00 39.48  ? 116 ASP A C   1 
ATOM   183  O O   . ASP A 1 51  ? 10.513  11.456  -9.986  1.00 40.81  ? 116 ASP A O   1 
ATOM   184  C CB  . ASP A 1 51  ? 8.640   14.015  -8.683  1.00 41.06  ? 116 ASP A CB  1 
ATOM   185  C CG  . ASP A 1 51  ? 8.188   14.375  -7.261  1.00 44.96  ? 116 ASP A CG  1 
ATOM   186  O OD1 . ASP A 1 51  ? 8.897   14.045  -6.260  1.00 45.25  ? 116 ASP A OD1 1 
ATOM   187  O OD2 . ASP A 1 51  ? 7.108   14.992  -7.141  1.00 48.67  ? 116 ASP A OD2 1 
ATOM   188  N N   . GLN A 1 52  ? 10.366  13.393  -11.122 1.00 41.00  ? 117 GLN A N   1 
ATOM   189  C CA  . GLN A 1 52  ? 10.513  12.785  -12.418 1.00 40.62  ? 117 GLN A CA  1 
ATOM   190  C C   . GLN A 1 52  ? 11.716  11.859  -12.527 1.00 38.09  ? 117 GLN A C   1 
ATOM   191  O O   . GLN A 1 52  ? 11.590  10.772  -13.085 1.00 37.32  ? 117 GLN A O   1 
ATOM   192  C CB  . GLN A 1 52  ? 10.560  13.870  -13.483 1.00 49.51  ? 117 GLN A CB  1 
ATOM   193  C CG  . GLN A 1 52  ? 9.196   14.462  -13.793 1.00 57.76  ? 117 GLN A CG  1 
ATOM   194  C CD  . GLN A 1 52  ? 9.267   15.632  -14.761 1.00 71.61  ? 117 GLN A CD  1 
ATOM   195  O OE1 . GLN A 1 52  ? 8.935   16.754  -14.392 1.00 91.24  ? 117 GLN A OE1 1 
ATOM   196  N NE2 . GLN A 1 52  ? 9.704   15.383  -15.998 1.00 74.31  ? 117 GLN A NE2 1 
ATOM   197  N N   . GLU A 1 53  ? 12.869  12.263  -11.991 1.00 37.16  ? 118 GLU A N   1 
ATOM   198  C CA  . GLU A 1 53  ? 14.082  11.451  -12.151 1.00 38.64  ? 118 GLU A CA  1 
ATOM   199  C C   . GLU A 1 53  ? 13.978  10.136  -11.417 1.00 35.04  ? 118 GLU A C   1 
ATOM   200  O O   . GLU A 1 53  ? 14.412  9.090   -11.930 1.00 32.06  ? 118 GLU A O   1 
ATOM   201  C CB  . GLU A 1 53  ? 15.353  12.171  -11.690 1.00 43.75  ? 118 GLU A CB  1 
ATOM   202  C CG  . GLU A 1 53  ? 16.633  11.337  -11.843 1.00 56.11  ? 118 GLU A CG  1 
ATOM   203  C CD  . GLU A 1 53  ? 16.830  10.725  -13.254 1.00 70.40  ? 118 GLU A CD  1 
ATOM   204  O OE1 . GLU A 1 53  ? 16.243  11.220  -14.251 1.00 74.11  ? 118 GLU A OE1 1 
ATOM   205  O OE2 . GLU A 1 53  ? 17.596  9.743   -13.389 1.00 79.91  ? 118 GLU A OE2 1 
ATOM   206  N N   . VAL A 1 54  ? 13.396  10.202  -10.218 1.00 31.96  ? 119 VAL A N   1 
ATOM   207  C CA  . VAL A 1 54  ? 13.207  9.009   -9.409  1.00 30.73  ? 119 VAL A CA  1 
ATOM   208  C C   . VAL A 1 54  ? 12.122  8.197   -10.048 1.00 31.66  ? 119 VAL A C   1 
ATOM   209  O O   . VAL A 1 54  ? 12.352  7.015   -10.282 1.00 35.69  ? 119 VAL A O   1 
ATOM   210  C CB  . VAL A 1 54  ? 12.906  9.291   -7.932  1.00 29.07  ? 119 VAL A CB  1 
ATOM   211  C CG1 . VAL A 1 54  ? 12.481  8.026   -7.227  1.00 26.38  ? 119 VAL A CG1 1 
ATOM   212  C CG2 . VAL A 1 54  ? 14.140  9.887   -7.235  1.00 29.92  ? 119 VAL A CG2 1 
ATOM   213  N N   . MET A 1 55  ? 10.988  8.820   -10.389 1.00 31.70  ? 120 MET A N   1 
ATOM   214  C CA  . MET A 1 55  ? 9.890   8.106   -11.113 1.00 31.83  ? 120 MET A CA  1 
ATOM   215  C C   . MET A 1 55  ? 10.364  7.313   -12.332 1.00 29.59  ? 120 MET A C   1 
ATOM   216  O O   . MET A 1 55  ? 9.969   6.171   -12.510 1.00 29.67  ? 120 MET A O   1 
ATOM   217  C CB  . MET A 1 55  ? 8.786   9.052   -11.536 1.00 37.02  ? 120 MET A CB  1 
ATOM   218  C CG  . MET A 1 55  ? 7.687   9.255   -10.508 1.00 46.09  ? 120 MET A CG  1 
ATOM   219  S SD  . MET A 1 55  ? 6.327   10.235  -11.197 1.00 60.55  ? 120 MET A SD  1 
ATOM   220  C CE  . MET A 1 55  ? 7.094   11.856  -11.193 1.00 53.58  ? 120 MET A CE  1 
ATOM   221  N N   . LEU A 1 56  ? 11.253  7.901   -13.133 1.00 27.18  ? 121 LEU A N   1 
ATOM   222  C CA  . LEU A 1 56  ? 11.810  7.231   -14.300 1.00 27.28  ? 121 LEU A CA  1 
ATOM   223  C C   . LEU A 1 56  ? 12.480  5.886   -14.028 1.00 27.97  ? 121 LEU A C   1 
ATOM   224  O O   . LEU A 1 56  ? 12.487  5.001   -14.891 1.00 29.87  ? 121 LEU A O   1 
ATOM   225  C CB  . LEU A 1 56  ? 12.836  8.122   -14.980 1.00 31.39  ? 121 LEU A CB  1 
ATOM   226  C CG  . LEU A 1 56  ? 12.355  9.242   -15.885 1.00 33.25  ? 121 LEU A CG  1 
ATOM   227  C CD1 . LEU A 1 56  ? 13.584  10.095  -16.198 1.00 33.49  ? 121 LEU A CD1 1 
ATOM   228  C CD2 . LEU A 1 56  ? 11.637  8.723   -17.136 1.00 32.14  ? 121 LEU A CD2 1 
ATOM   229  N N   . TRP A 1 57  ? 13.060  5.740   -12.840 1.00 28.52  ? 122 TRP A N   1 
ATOM   230  C CA  . TRP A 1 57  ? 13.745  4.522   -12.424 1.00 26.56  ? 122 TRP A CA  1 
ATOM   231  C C   . TRP A 1 57  ? 12.934  3.574   -11.494 1.00 27.09  ? 122 TRP A C   1 
ATOM   232  O O   . TRP A 1 57  ? 13.199  2.354   -11.502 1.00 26.88  ? 122 TRP A O   1 
ATOM   233  C CB  . TRP A 1 57  ? 15.100  4.902   -11.806 1.00 27.49  ? 122 TRP A CB  1 
ATOM   234  C CG  . TRP A 1 57  ? 16.072  5.384   -12.852 1.00 25.39  ? 122 TRP A CG  1 
ATOM   235  C CD1 . TRP A 1 57  ? 16.477  6.674   -13.075 1.00 24.28  ? 122 TRP A CD1 1 
ATOM   236  C CD2 . TRP A 1 57  ? 16.699  4.584   -13.854 1.00 26.52  ? 122 TRP A CD2 1 
ATOM   237  N NE1 . TRP A 1 57  ? 17.340  6.717   -14.133 1.00 25.13  ? 122 TRP A NE1 1 
ATOM   238  C CE2 . TRP A 1 57  ? 17.505  5.450   -14.629 1.00 24.84  ? 122 TRP A CE2 1 
ATOM   239  C CE3 . TRP A 1 57  ? 16.679  3.205   -14.154 1.00 27.40  ? 122 TRP A CE3 1 
ATOM   240  C CZ2 . TRP A 1 57  ? 18.282  5.002   -15.691 1.00 25.90  ? 122 TRP A CZ2 1 
ATOM   241  C CZ3 . TRP A 1 57  ? 17.456  2.747   -15.191 1.00 29.57  ? 122 TRP A CZ3 1 
ATOM   242  C CH2 . TRP A 1 57  ? 18.252  3.657   -15.964 1.00 28.37  ? 122 TRP A CH2 1 
ATOM   243  N N   . LEU A 1 58  ? 11.955  4.114   -10.744 1.00 26.04  ? 123 LEU A N   1 
ATOM   244  C CA  . LEU A 1 58  ? 11.171  3.350   -9.756  1.00 26.49  ? 123 LEU A CA  1 
ATOM   245  C C   . LEU A 1 58  ? 9.729   3.005   -10.171 1.00 27.07  ? 123 LEU A C   1 
ATOM   246  O O   . LEU A 1 58  ? 9.105   2.090   -9.616  1.00 25.90  ? 123 LEU A O   1 
ATOM   247  C CB  . LEU A 1 58  ? 11.128  4.081   -8.394  1.00 27.56  ? 123 LEU A CB  1 
ATOM   248  C CG  . LEU A 1 58  ? 12.423  4.427   -7.614  1.00 31.10  ? 123 LEU A CG  1 
ATOM   249  C CD1 . LEU A 1 58  ? 12.186  4.409   -6.112  1.00 30.85  ? 123 LEU A CD1 1 
ATOM   250  C CD2 . LEU A 1 58  ? 13.620  3.539   -7.947  1.00 30.79  ? 123 LEU A CD2 1 
ATOM   251  N N   . ALA A 1 59  ? 9.181   3.758   -11.109 1.00 27.08  ? 124 ALA A N   1 
ATOM   252  C CA  . ALA A 1 59  ? 7.803   3.521   -11.560 1.00 28.24  ? 124 ALA A CA  1 
ATOM   253  C C   . ALA A 1 59  ? 7.635   2.216   -12.315 1.00 28.44  ? 124 ALA A C   1 
ATOM   254  O O   . ALA A 1 59  ? 8.558   1.747   -12.963 1.00 31.21  ? 124 ALA A O   1 
ATOM   255  C CB  . ALA A 1 59  ? 7.275   4.688   -12.386 1.00 26.97  ? 124 ALA A CB  1 
ATOM   256  N N   . TRP A 1 60  ? 6.455   1.619   -12.185 1.00 28.25  ? 125 TRP A N   1 
ATOM   257  C CA  . TRP A 1 60  ? 5.994   0.535   -13.050 1.00 27.77  ? 125 TRP A CA  1 
ATOM   258  C C   . TRP A 1 60  ? 6.452   0.762   -14.531 1.00 28.02  ? 125 TRP A C   1 
ATOM   259  O O   . TRP A 1 60  ? 6.405   1.895   -15.039 1.00 25.87  ? 125 TRP A O   1 
ATOM   260  C CB  . TRP A 1 60  ? 4.459   0.509   -12.979 1.00 27.95  ? 125 TRP A CB  1 
ATOM   261  C CG  . TRP A 1 60  ? 3.874   -0.737  -13.494 1.00 26.41  ? 125 TRP A CG  1 
ATOM   262  C CD1 . TRP A 1 60  ? 3.587   -1.022  -14.779 1.00 24.48  ? 125 TRP A CD1 1 
ATOM   263  C CD2 . TRP A 1 60  ? 3.550   -1.907  -12.719 1.00 26.04  ? 125 TRP A CD2 1 
ATOM   264  N NE1 . TRP A 1 60  ? 3.071   -2.290  -14.863 1.00 25.96  ? 125 TRP A NE1 1 
ATOM   265  C CE2 . TRP A 1 60  ? 3.068   -2.869  -13.615 1.00 26.88  ? 125 TRP A CE2 1 
ATOM   266  C CE3 . TRP A 1 60  ? 3.640   -2.231  -11.353 1.00 26.92  ? 125 TRP A CE3 1 
ATOM   267  C CZ2 . TRP A 1 60  ? 2.654   -4.153  -13.189 1.00 27.54  ? 125 TRP A CZ2 1 
ATOM   268  C CZ3 . TRP A 1 60  ? 3.235   -3.491  -10.927 1.00 25.46  ? 125 TRP A CZ3 1 
ATOM   269  C CH2 . TRP A 1 60  ? 2.749   -4.435  -11.841 1.00 27.42  ? 125 TRP A CH2 1 
ATOM   270  N N   . PRO A 1 61  ? 6.910   -0.305  -15.215 1.00 27.27  ? 126 PRO A N   1 
ATOM   271  C CA  . PRO A 1 61  ? 7.500   -0.103  -16.545 1.00 27.37  ? 126 PRO A CA  1 
ATOM   272  C C   . PRO A 1 61  ? 6.494   0.539   -17.494 1.00 30.68  ? 126 PRO A C   1 
ATOM   273  O O   . PRO A 1 61  ? 5.401   0.000   -17.664 1.00 31.65  ? 126 PRO A O   1 
ATOM   274  C CB  . PRO A 1 61  ? 7.832   -1.523  -17.036 1.00 26.11  ? 126 PRO A CB  1 
ATOM   275  C CG  . PRO A 1 61  ? 7.336   -2.454  -15.990 1.00 27.68  ? 126 PRO A CG  1 
ATOM   276  C CD  . PRO A 1 61  ? 7.013   -1.695  -14.745 1.00 26.54  ? 126 PRO A CD  1 
ATOM   277  N N   . PHE A 1 62  ? 6.842   1.685   -18.087 1.00 31.95  ? 127 PHE A N   1 
ATOM   278  C CA  . PHE A 1 62  ? 5.959   2.354   -19.062 1.00 31.12  ? 127 PHE A CA  1 
ATOM   279  C C   . PHE A 1 62  ? 6.077   1.754   -20.462 1.00 32.26  ? 127 PHE A C   1 
ATOM   280  O O   . PHE A 1 62  ? 5.298   2.089   -21.383 1.00 32.96  ? 127 PHE A O   1 
ATOM   281  C CB  . PHE A 1 62  ? 6.242   3.863   -19.104 1.00 31.10  ? 127 PHE A CB  1 
ATOM   282  C CG  . PHE A 1 62  ? 7.406   4.236   -19.969 1.00 30.58  ? 127 PHE A CG  1 
ATOM   283  C CD1 . PHE A 1 62  ? 8.700   4.215   -19.463 1.00 29.40  ? 127 PHE A CD1 1 
ATOM   284  C CD2 . PHE A 1 62  ? 7.204   4.602   -21.309 1.00 29.60  ? 127 PHE A CD2 1 
ATOM   285  C CE1 . PHE A 1 62  ? 9.775   4.541   -20.300 1.00 30.84  ? 127 PHE A CE1 1 
ATOM   286  C CE2 . PHE A 1 62  ? 8.268   4.938   -22.141 1.00 29.26  ? 127 PHE A CE2 1 
ATOM   287  C CZ  . PHE A 1 62  ? 9.562   4.887   -21.646 1.00 29.68  ? 127 PHE A CZ  1 
ATOM   288  N N   . ASP A 1 63  ? 7.069   0.888   -20.616 1.00 33.25  ? 128 ASP A N   1 
ATOM   289  C CA  . ASP A 1 63  ? 7.478   0.389   -21.904 1.00 34.38  ? 128 ASP A CA  1 
ATOM   290  C C   . ASP A 1 63  ? 7.879   -1.076  -21.732 1.00 33.82  ? 128 ASP A C   1 
ATOM   291  O O   . ASP A 1 63  ? 8.802   -1.375  -20.993 1.00 36.61  ? 128 ASP A O   1 
ATOM   292  C CB  . ASP A 1 63  ? 8.623   1.270   -22.429 1.00 36.28  ? 128 ASP A CB  1 
ATOM   293  C CG  . ASP A 1 63  ? 9.187   0.802   -23.767 1.00 40.74  ? 128 ASP A CG  1 
ATOM   294  O OD1 . ASP A 1 63  ? 8.897   -0.314  -24.249 1.00 43.51  ? 128 ASP A OD1 1 
ATOM   295  O OD2 . ASP A 1 63  ? 9.951   1.589   -24.364 1.00 42.99  ? 128 ASP A OD2 1 
ATOM   296  N N   . PRO A 1 64  ? 7.197   -1.994  -22.450 1.00 34.94  ? 129 PRO A N   1 
ATOM   297  C CA  . PRO A 1 64  ? 7.409   -3.446  -22.344 1.00 32.97  ? 129 PRO A CA  1 
ATOM   298  C C   . PRO A 1 64  ? 8.851   -3.830  -22.444 1.00 32.29  ? 129 PRO A C   1 
ATOM   299  O O   . PRO A 1 64  ? 9.242   -4.813  -21.871 1.00 35.66  ? 129 PRO A O   1 
ATOM   300  C CB  . PRO A 1 64  ? 6.690   -3.996  -23.573 1.00 34.09  ? 129 PRO A CB  1 
ATOM   301  C CG  . PRO A 1 64  ? 5.657   -2.968  -23.906 1.00 33.50  ? 129 PRO A CG  1 
ATOM   302  C CD  . PRO A 1 64  ? 6.293   -1.663  -23.576 1.00 34.39  ? 129 PRO A CD  1 
ATOM   303  N N   . THR A 1 65  ? 9.642   -3.065  -23.184 1.00 34.42  ? 130 THR A N   1 
ATOM   304  C CA  . THR A 1 65  ? 11.087  -3.259  -23.247 1.00 35.86  ? 130 THR A CA  1 
ATOM   305  C C   . THR A 1 65  ? 11.734  -3.296  -21.848 1.00 35.76  ? 130 THR A C   1 
ATOM   306  O O   . THR A 1 65  ? 12.722  -4.005  -21.652 1.00 36.50  ? 130 THR A O   1 
ATOM   307  C CB  . THR A 1 65  ? 11.733  -2.149  -24.086 1.00 38.50  ? 130 THR A CB  1 
ATOM   308  O OG1 . THR A 1 65  ? 11.051  -2.068  -25.329 1.00 41.38  ? 130 THR A OG1 1 
ATOM   309  C CG2 . THR A 1 65  ? 13.191  -2.444  -24.344 1.00 36.68  ? 130 THR A CG2 1 
ATOM   310  N N   . LEU A 1 66  ? 11.137  -2.567  -20.902 1.00 35.77  ? 131 LEU A N   1 
ATOM   311  C CA  . LEU A 1 66  ? 11.609  -2.475  -19.534 1.00 34.57  ? 131 LEU A CA  1 
ATOM   312  C C   . LEU A 1 66  ? 11.049  -3.556  -18.656 1.00 34.86  ? 131 LEU A C   1 
ATOM   313  O O   . LEU A 1 66  ? 11.241  -3.502  -17.439 1.00 38.29  ? 131 LEU A O   1 
ATOM   314  C CB  . LEU A 1 66  ? 11.208  -1.138  -18.912 1.00 33.27  ? 131 LEU A CB  1 
ATOM   315  C CG  . LEU A 1 66  ? 11.626  0.111   -19.673 1.00 36.93  ? 131 LEU A CG  1 
ATOM   316  C CD1 . LEU A 1 66  ? 11.062  1.341   -18.992 1.00 37.94  ? 131 LEU A CD1 1 
ATOM   317  C CD2 . LEU A 1 66  ? 13.136  0.214   -19.773 1.00 31.72  ? 131 LEU A CD2 1 
ATOM   318  N N   . LYS A 1 67  ? 10.368  -4.548  -19.215 1.00 33.64  ? 132 LYS A N   1 
ATOM   319  C CA  . LYS A 1 67  ? 9.555   -5.414  -18.355 1.00 35.79  ? 132 LYS A CA  1 
ATOM   320  C C   . LYS A 1 67  ? 10.351  -6.305  -17.407 1.00 35.59  ? 132 LYS A C   1 
ATOM   321  O O   . LYS A 1 67  ? 9.825   -6.843  -16.454 1.00 40.45  ? 132 LYS A O   1 
ATOM   322  C CB  . LYS A 1 67  ? 8.513   -6.191  -19.154 1.00 35.64  ? 132 LYS A CB  1 
ATOM   323  C CG  . LYS A 1 67  ? 9.085   -7.272  -20.047 1.00 39.87  ? 132 LYS A CG  1 
ATOM   324  C CD  . LYS A 1 67  ? 7.970   -7.896  -20.856 1.00 44.00  ? 132 LYS A CD  1 
ATOM   325  C CE  . LYS A 1 67  ? 8.520   -8.925  -21.823 1.00 48.80  ? 132 LYS A CE  1 
ATOM   326  N NZ  . LYS A 1 67  ? 9.187   -8.288  -22.990 1.00 53.02  ? 132 LYS A NZ  1 
ATOM   327  N N   . PHE A 1 68  ? 11.627  -6.456  -17.678 1.00 39.21  ? 133 PHE A N   1 
ATOM   328  C CA  . PHE A 1 68  ? 12.504  -7.284  -16.857 1.00 40.84  ? 133 PHE A CA  1 
ATOM   329  C C   . PHE A 1 68  ? 13.318  -6.483  -15.817 1.00 41.63  ? 133 PHE A C   1 
ATOM   330  O O   . PHE A 1 68  ? 14.141  -7.040  -15.073 1.00 41.75  ? 133 PHE A O   1 
ATOM   331  C CB  . PHE A 1 68  ? 13.450  -8.056  -17.768 1.00 42.42  ? 133 PHE A CB  1 
ATOM   332  C CG  . PHE A 1 68  ? 12.760  -8.981  -18.725 1.00 41.84  ? 133 PHE A CG  1 
ATOM   333  C CD1 . PHE A 1 68  ? 12.809  -8.732  -20.087 1.00 40.09  ? 133 PHE A CD1 1 
ATOM   334  C CD2 . PHE A 1 68  ? 12.095  -10.116 -18.263 1.00 41.90  ? 133 PHE A CD2 1 
ATOM   335  C CE1 . PHE A 1 68  ? 12.207  -9.590  -20.979 1.00 40.91  ? 133 PHE A CE1 1 
ATOM   336  C CE2 . PHE A 1 68  ? 11.504  -10.981 -19.151 1.00 41.18  ? 133 PHE A CE2 1 
ATOM   337  C CZ  . PHE A 1 68  ? 11.557  -10.716 -20.506 1.00 42.50  ? 133 PHE A CZ  1 
ATOM   338  N N   . GLU A 1 69  ? 13.088  -5.177  -15.769 1.00 38.38  ? 134 GLU A N   1 
ATOM   339  C CA  . GLU A 1 69  ? 13.553  -4.375  -14.679 1.00 36.81  ? 134 GLU A CA  1 
ATOM   340  C C   . GLU A 1 69  ? 12.633  -4.698  -13.467 1.00 38.55  ? 134 GLU A C   1 
ATOM   341  O O   . GLU A 1 69  ? 11.777  -3.891  -13.087 1.00 36.01  ? 134 GLU A O   1 
ATOM   342  C CB  . GLU A 1 69  ? 13.587  -2.892  -15.106 1.00 33.64  ? 134 GLU A CB  1 
ATOM   343  C CG  . GLU A 1 69  ? 14.594  -2.581  -16.235 1.00 32.75  ? 134 GLU A CG  1 
ATOM   344  C CD  . GLU A 1 69  ? 14.954  -1.093  -16.365 1.00 35.31  ? 134 GLU A CD  1 
ATOM   345  O OE1 . GLU A 1 69  ? 14.220  -0.234  -15.842 1.00 39.47  ? 134 GLU A OE1 1 
ATOM   346  O OE2 . GLU A 1 69  ? 15.993  -0.745  -16.978 1.00 34.81  ? 134 GLU A OE2 1 
ATOM   347  N N   . PHE A 1 70  ? 12.824  -5.891  -12.874 1.00 40.59  ? 135 PHE A N   1 
ATOM   348  C CA  . PHE A 1 70  ? 11.866  -6.504  -11.894 1.00 41.84  ? 135 PHE A CA  1 
ATOM   349  C C   . PHE A 1 70  ? 11.513  -5.654  -10.694 1.00 37.81  ? 135 PHE A C   1 
ATOM   350  O O   . PHE A 1 70  ? 10.425  -5.808  -10.138 1.00 39.18  ? 135 PHE A O   1 
ATOM   351  C CB  . PHE A 1 70  ? 12.333  -7.889  -11.370 1.00 48.36  ? 135 PHE A CB  1 
ATOM   352  C CG  . PHE A 1 70  ? 12.575  -8.914  -12.456 1.00 55.74  ? 135 PHE A CG  1 
ATOM   353  C CD1 . PHE A 1 70  ? 13.891  -9.278  -12.807 1.00 57.74  ? 135 PHE A CD1 1 
ATOM   354  C CD2 . PHE A 1 70  ? 11.494  -9.515  -13.149 1.00 57.63  ? 135 PHE A CD2 1 
ATOM   355  C CE1 . PHE A 1 70  ? 14.128  -10.212 -13.825 1.00 59.06  ? 135 PHE A CE1 1 
ATOM   356  C CE2 . PHE A 1 70  ? 11.727  -10.455 -14.165 1.00 58.83  ? 135 PHE A CE2 1 
ATOM   357  C CZ  . PHE A 1 70  ? 13.047  -10.799 -14.504 1.00 60.92  ? 135 PHE A CZ  1 
ATOM   358  N N   . TRP A 1 71  ? 12.425  -4.773  -10.282 1.00 30.99  ? 136 TRP A N   1 
ATOM   359  C CA  . TRP A 1 71  ? 12.197  -3.965  -9.097  1.00 28.95  ? 136 TRP A CA  1 
ATOM   360  C C   . TRP A 1 71  ? 11.016  -3.029  -9.228  1.00 28.85  ? 136 TRP A C   1 
ATOM   361  O O   . TRP A 1 71  ? 10.353  -2.754  -8.246  1.00 32.69  ? 136 TRP A O   1 
ATOM   362  C CB  . TRP A 1 71  ? 13.432  -3.177  -8.723  1.00 27.82  ? 136 TRP A CB  1 
ATOM   363  C CG  . TRP A 1 71  ? 13.798  -2.080  -9.692  1.00 27.77  ? 136 TRP A CG  1 
ATOM   364  C CD1 . TRP A 1 71  ? 13.399  -0.771  -9.644  1.00 26.62  ? 136 TRP A CD1 1 
ATOM   365  C CD2 . TRP A 1 71  ? 14.676  -2.192  -10.823 1.00 27.61  ? 136 TRP A CD2 1 
ATOM   366  N NE1 . TRP A 1 71  ? 13.984  -0.062  -10.682 1.00 27.55  ? 136 TRP A NE1 1 
ATOM   367  C CE2 . TRP A 1 71  ? 14.763  -0.911  -11.415 1.00 25.93  ? 136 TRP A CE2 1 
ATOM   368  C CE3 . TRP A 1 71  ? 15.411  -3.261  -11.387 1.00 28.99  ? 136 TRP A CE3 1 
ATOM   369  C CZ2 . TRP A 1 71  ? 15.521  -0.670  -12.537 1.00 27.22  ? 136 TRP A CZ2 1 
ATOM   370  C CZ3 . TRP A 1 71  ? 16.168  -3.031  -12.499 1.00 26.64  ? 136 TRP A CZ3 1 
ATOM   371  C CH2 . TRP A 1 71  ? 16.226  -1.734  -13.065 1.00 28.77  ? 136 TRP A CH2 1 
ATOM   372  N N   . ARG A 1 72  ? 10.766  -2.540  -10.440 1.00 27.83  ? 137 ARG A N   1 
ATOM   373  C CA  . ARG A 1 72  ? 9.694   -1.594  -10.728 1.00 25.54  ? 137 ARG A CA  1 
ATOM   374  C C   . ARG A 1 72  ? 8.282   -2.088  -10.365 1.00 27.23  ? 137 ARG A C   1 
ATOM   375  O O   . ARG A 1 72  ? 7.409   -1.266  -10.070 1.00 29.83  ? 137 ARG A O   1 
ATOM   376  C CB  . ARG A 1 72  ? 9.741   -1.219  -12.188 1.00 25.20  ? 137 ARG A CB  1 
ATOM   377  C CG  . ARG A 1 72  ? 11.013  -0.529  -12.616 1.00 25.08  ? 137 ARG A CG  1 
ATOM   378  C CD  . ARG A 1 72  ? 10.913  -0.407  -14.110 1.00 24.24  ? 137 ARG A CD  1 
ATOM   379  N NE  . ARG A 1 72  ? 11.923  0.439   -14.714 1.00 24.31  ? 137 ARG A NE  1 
ATOM   380  C CZ  . ARG A 1 72  ? 11.890  1.771   -14.771 1.00 26.16  ? 137 ARG A CZ  1 
ATOM   381  N NH1 . ARG A 1 72  ? 10.907  2.453   -14.237 1.00 24.67  ? 137 ARG A NH1 1 
ATOM   382  N NH2 . ARG A 1 72  ? 12.873  2.434   -15.379 1.00 28.30  ? 137 ARG A NH2 1 
ATOM   383  N N   . TYR A 1 73  ? 8.059   -3.409  -10.356 1.00 29.00  ? 138 TYR A N   1 
ATOM   384  C CA  . TYR A 1 73  ? 6.767   -3.990  -9.954  1.00 29.33  ? 138 TYR A CA  1 
ATOM   385  C C   . TYR A 1 73  ? 6.446   -3.765  -8.475  1.00 31.90  ? 138 TYR A C   1 
ATOM   386  O O   . TYR A 1 73  ? 5.284   -3.966  -8.053  1.00 35.12  ? 138 TYR A O   1 
ATOM   387  C CB  . TYR A 1 73  ? 6.711   -5.478  -10.295 1.00 27.12  ? 138 TYR A CB  1 
ATOM   388  C CG  . TYR A 1 73  ? 6.926   -5.688  -11.751 1.00 27.91  ? 138 TYR A CG  1 
ATOM   389  C CD1 . TYR A 1 73  ? 7.977   -6.479  -12.225 1.00 26.83  ? 138 TYR A CD1 1 
ATOM   390  C CD2 . TYR A 1 73  ? 6.083   -5.052  -12.685 1.00 30.11  ? 138 TYR A CD2 1 
ATOM   391  C CE1 . TYR A 1 73  ? 8.187   -6.634  -13.590 1.00 27.57  ? 138 TYR A CE1 1 
ATOM   392  C CE2 . TYR A 1 73  ? 6.278   -5.201  -14.057 1.00 30.14  ? 138 TYR A CE2 1 
ATOM   393  C CZ  . TYR A 1 73  ? 7.336   -5.977  -14.503 1.00 29.28  ? 138 TYR A CZ  1 
ATOM   394  O OH  . TYR A 1 73  ? 7.494   -6.080  -15.859 1.00 28.32  ? 138 TYR A OH  1 
ATOM   395  N N   . PHE A 1 74  ? 7.473   -3.359  -7.708  1.00 28.79  ? 139 PHE A N   1 
ATOM   396  C CA  . PHE A 1 74  ? 7.378   -3.156  -6.243  1.00 32.11  ? 139 PHE A CA  1 
ATOM   397  C C   . PHE A 1 74  ? 7.771   -1.748  -5.771  1.00 31.17  ? 139 PHE A C   1 
ATOM   398  O O   . PHE A 1 74  ? 7.106   -1.163  -4.883  1.00 30.06  ? 139 PHE A O   1 
ATOM   399  C CB  . PHE A 1 74  ? 8.197   -4.228  -5.485  1.00 34.93  ? 139 PHE A CB  1 
ATOM   400  C CG  . PHE A 1 74  ? 7.886   -5.644  -5.927  1.00 37.27  ? 139 PHE A CG  1 
ATOM   401  C CD1 . PHE A 1 74  ? 8.664   -6.276  -6.908  1.00 36.93  ? 139 PHE A CD1 1 
ATOM   402  C CD2 . PHE A 1 74  ? 6.773   -6.335  -5.407  1.00 38.86  ? 139 PHE A CD2 1 
ATOM   403  C CE1 . PHE A 1 74  ? 8.348   -7.562  -7.343  1.00 38.57  ? 139 PHE A CE1 1 
ATOM   404  C CE2 . PHE A 1 74  ? 6.456   -7.630  -5.848  1.00 36.50  ? 139 PHE A CE2 1 
ATOM   405  C CZ  . PHE A 1 74  ? 7.243   -8.245  -6.799  1.00 37.53  ? 139 PHE A CZ  1 
ATOM   406  N N   . THR A 1 75  ? 8.817   -1.201  -6.390  1.00 27.32  ? 140 THR A N   1 
ATOM   407  C CA  . THR A 1 75  ? 9.374   0.050   -5.970  1.00 27.58  ? 140 THR A CA  1 
ATOM   408  C C   . THR A 1 75  ? 8.455   1.223   -6.200  1.00 28.47  ? 140 THR A C   1 
ATOM   409  O O   . THR A 1 75  ? 8.653   2.254   -5.559  1.00 33.06  ? 140 THR A O   1 
ATOM   410  C CB  . THR A 1 75  ? 10.751  0.346   -6.619  1.00 29.49  ? 140 THR A CB  1 
ATOM   411  O OG1 . THR A 1 75  ? 10.595  0.366   -8.030  1.00 29.31  ? 140 THR A OG1 1 
ATOM   412  C CG2 . THR A 1 75  ? 11.859  -0.698  -6.218  1.00 28.53  ? 140 THR A CG2 1 
ATOM   413  N N   . HIS A 1 76  ? 7.442   1.103   -7.065  1.00 27.28  ? 141 HIS A N   1 
ATOM   414  C CA  . HIS A 1 76  ? 6.418   2.179   -7.176  1.00 23.43  ? 141 HIS A CA  1 
ATOM   415  C C   . HIS A 1 76  ? 5.810   2.460   -5.821  1.00 23.38  ? 141 HIS A C   1 
ATOM   416  O O   . HIS A 1 76  ? 5.439   3.580   -5.562  1.00 24.82  ? 141 HIS A O   1 
ATOM   417  C CB  . HIS A 1 76  ? 5.304   1.837   -8.192  1.00 22.53  ? 141 HIS A CB  1 
ATOM   418  C CG  . HIS A 1 76  ? 4.544   0.591   -7.848  1.00 22.12  ? 141 HIS A CG  1 
ATOM   419  N ND1 . HIS A 1 76  ? 3.528   0.579   -6.912  1.00 20.81  ? 141 HIS A ND1 1 
ATOM   420  C CD2 . HIS A 1 76  ? 4.671   -0.690  -8.284  1.00 22.03  ? 141 HIS A CD2 1 
ATOM   421  C CE1 . HIS A 1 76  ? 3.065   -0.651  -6.785  1.00 20.77  ? 141 HIS A CE1 1 
ATOM   422  N NE2 . HIS A 1 76  ? 3.742   -1.442  -7.604  1.00 20.76  ? 141 HIS A NE2 1 
ATOM   423  N N   . ALA A 1 77  ? 5.714   1.445   -4.954  1.00 26.39  ? 142 ALA A N   1 
ATOM   424  C CA  . ALA A 1 77  ? 5.131   1.607   -3.575  1.00 28.50  ? 142 ALA A CA  1 
ATOM   425  C C   . ALA A 1 77  ? 5.944   2.506   -2.637  1.00 30.93  ? 142 ALA A C   1 
ATOM   426  O O   . ALA A 1 77  ? 5.441   2.945   -1.619  1.00 30.91  ? 142 ALA A O   1 
ATOM   427  C CB  . ALA A 1 77  ? 4.928   0.264   -2.902  1.00 24.54  ? 142 ALA A CB  1 
ATOM   428  N N   . LEU A 1 78  ? 7.209   2.754   -2.977  1.00 33.33  ? 143 LEU A N   1 
ATOM   429  C CA  . LEU A 1 78  ? 8.137   3.449   -2.077  1.00 32.86  ? 143 LEU A CA  1 
ATOM   430  C C   . LEU A 1 78  ? 8.145   4.914   -2.376  1.00 33.19  ? 143 LEU A C   1 
ATOM   431  O O   . LEU A 1 78  ? 8.703   5.670   -1.617  1.00 36.28  ? 143 LEU A O   1 
ATOM   432  C CB  . LEU A 1 78  ? 9.561   2.904   -2.250  1.00 30.70  ? 143 LEU A CB  1 
ATOM   433  C CG  . LEU A 1 78  ? 9.728   1.407   -2.016  1.00 31.79  ? 143 LEU A CG  1 
ATOM   434  C CD1 . LEU A 1 78  ? 11.173  0.989   -2.226  1.00 30.28  ? 143 LEU A CD1 1 
ATOM   435  C CD2 . LEU A 1 78  ? 9.245   1.047   -0.617  1.00 28.92  ? 143 LEU A CD2 1 
ATOM   436  N N   . MET A 1 79  ? 7.532   5.311   -3.484  1.00 34.35  ? 144 MET A N   1 
ATOM   437  C CA  . MET A 1 79  ? 7.559   6.700   -3.935  1.00 34.52  ? 144 MET A CA  1 
ATOM   438  C C   . MET A 1 79  ? 6.392   7.513   -3.412  1.00 34.89  ? 144 MET A C   1 
ATOM   439  O O   . MET A 1 79  ? 5.250   7.158   -3.650  1.00 36.60  ? 144 MET A O   1 
ATOM   440  C CB  . MET A 1 79  ? 7.527   6.770   -5.451  1.00 30.82  ? 144 MET A CB  1 
ATOM   441  C CG  . MET A 1 79  ? 8.808   6.372   -6.133  1.00 34.38  ? 144 MET A CG  1 
ATOM   442  S SD  . MET A 1 79  ? 8.746   6.847   -7.881  1.00 38.10  ? 144 MET A SD  1 
ATOM   443  C CE  . MET A 1 79  ? 7.632   5.586   -8.518  1.00 34.77  ? 144 MET A CE  1 
ATOM   444  N N   . HIS A 1 80  ? 6.680   8.633   -2.751  1.00 36.03  ? 145 HIS A N   1 
ATOM   445  C CA  . HIS A 1 80  ? 5.623   9.583   -2.390  1.00 35.46  ? 145 HIS A CA  1 
ATOM   446  C C   . HIS A 1 80  ? 5.842   10.978  -2.929  1.00 37.36  ? 145 HIS A C   1 
ATOM   447  O O   . HIS A 1 80  ? 6.977   11.420  -3.055  1.00 41.13  ? 145 HIS A O   1 
ATOM   448  C CB  . HIS A 1 80  ? 5.406   9.620   -0.894  1.00 32.14  ? 145 HIS A CB  1 
ATOM   449  C CG  . HIS A 1 80  ? 4.992   8.310   -0.333  1.00 29.02  ? 145 HIS A CG  1 
ATOM   450  N ND1 . HIS A 1 80  ? 5.892   7.300   -0.083  1.00 27.84  ? 145 HIS A ND1 1 
ATOM   451  C CD2 . HIS A 1 80  ? 3.778   7.835   0.014   1.00 27.46  ? 145 HIS A CD2 1 
ATOM   452  C CE1 . HIS A 1 80  ? 5.252   6.266   0.429   1.00 28.84  ? 145 HIS A CE1 1 
ATOM   453  N NE2 . HIS A 1 80  ? 3.964   6.558   0.477   1.00 29.74  ? 145 HIS A NE2 1 
ATOM   454  N N   . PHE A 1 81  ? 4.736   11.654  -3.225  1.00 39.60  ? 146 PHE A N   1 
ATOM   455  C CA  . PHE A 1 81  ? 4.757   12.896  -3.962  1.00 46.76  ? 146 PHE A CA  1 
ATOM   456  C C   . PHE A 1 81  ? 4.512   14.140  -3.113  1.00 56.00  ? 146 PHE A C   1 
ATOM   457  O O   . PHE A 1 81  ? 4.479   15.247  -3.655  1.00 68.10  ? 146 PHE A O   1 
ATOM   458  C CB  . PHE A 1 81  ? 3.785   12.813  -5.147  1.00 45.55  ? 146 PHE A CB  1 
ATOM   459  C CG  . PHE A 1 81  ? 4.073   11.665  -6.070  1.00 44.64  ? 146 PHE A CG  1 
ATOM   460  C CD1 . PHE A 1 81  ? 3.289   10.546  -6.053  1.00 45.35  ? 146 PHE A CD1 1 
ATOM   461  C CD2 . PHE A 1 81  ? 5.176   11.692  -6.930  1.00 45.74  ? 146 PHE A CD2 1 
ATOM   462  C CE1 . PHE A 1 81  ? 3.581   9.485   -6.884  1.00 46.19  ? 146 PHE A CE1 1 
ATOM   463  C CE2 . PHE A 1 81  ? 5.468   10.631  -7.761  1.00 42.71  ? 146 PHE A CE2 1 
ATOM   464  C CZ  . PHE A 1 81  ? 4.664   9.527   -7.741  1.00 42.70  ? 146 PHE A CZ  1 
ATOM   465  N N   . SER A 1 82  ? 4.342   13.964  -1.799  1.00 55.10  ? 147 SER A N   1 
ATOM   466  C CA  . SER A 1 82  ? 4.269   15.090  -0.864  1.00 49.28  ? 147 SER A CA  1 
ATOM   467  C C   . SER A 1 82  ? 4.466   14.617  0.561   1.00 48.39  ? 147 SER A C   1 
ATOM   468  O O   . SER A 1 82  ? 4.177   13.474  0.894   1.00 55.63  ? 147 SER A O   1 
ATOM   469  C CB  . SER A 1 82  ? 2.929   15.803  -0.982  1.00 48.79  ? 147 SER A CB  1 
ATOM   470  O OG  . SER A 1 82  ? 1.922   15.046  -0.341  1.00 53.52  ? 147 SER A OG  1 
ATOM   471  N N   . LEU A 1 83  ? 4.939   15.508  1.414   1.00 49.01  ? 148 LEU A N   1 
ATOM   472  C CA  . LEU A 1 83  ? 5.134   15.203  2.829   1.00 50.55  ? 148 LEU A CA  1 
ATOM   473  C C   . LEU A 1 83  ? 3.884   14.674  3.528   1.00 48.75  ? 148 LEU A C   1 
ATOM   474  O O   . LEU A 1 83  ? 3.979   13.820  4.395   1.00 47.66  ? 148 LEU A O   1 
ATOM   475  C CB  . LEU A 1 83  ? 5.662   16.430  3.558   1.00 53.77  ? 148 LEU A CB  1 
ATOM   476  C CG  . LEU A 1 83  ? 6.085   16.187  4.998   1.00 58.25  ? 148 LEU A CG  1 
ATOM   477  C CD1 . LEU A 1 83  ? 7.298   15.258  5.060   1.00 60.59  ? 148 LEU A CD1 1 
ATOM   478  C CD2 . LEU A 1 83  ? 6.347   17.543  5.621   1.00 58.87  ? 148 LEU A CD2 1 
ATOM   479  N N   . MET A 1 84  ? 2.719   15.189  3.145   1.00 51.32  ? 149 MET A N   1 
ATOM   480  C CA  . MET A 1 84  ? 1.466   14.681  3.685   1.00 56.33  ? 149 MET A CA  1 
ATOM   481  C C   . MET A 1 84  ? 1.199   13.260  3.218   1.00 56.01  ? 149 MET A C   1 
ATOM   482  O O   . MET A 1 84  ? 0.843   12.405  4.026   1.00 60.21  ? 149 MET A O   1 
ATOM   483  C CB  . MET A 1 84  ? 0.283   15.616  3.387   1.00 64.39  ? 149 MET A CB  1 
ATOM   484  C CG  . MET A 1 84  ? -0.283  16.327  4.619   1.00 77.90  ? 149 MET A CG  1 
ATOM   485  S SD  . MET A 1 84  ? 0.884   16.963  5.881   1.00 99.34  ? 149 MET A SD  1 
ATOM   486  C CE  . MET A 1 84  ? 1.929   18.084  4.935   1.00 93.33  ? 149 MET A CE  1 
ATOM   487  N N   . HIS A 1 85  ? 1.411   13.021  1.923   1.00 55.83  ? 150 HIS A N   1 
ATOM   488  C CA  . HIS A 1 85  ? 1.253   11.708  1.288   1.00 52.98  ? 150 HIS A CA  1 
ATOM   489  C C   . HIS A 1 85  ? 2.038   10.675  2.075   1.00 47.12  ? 150 HIS A C   1 
ATOM   490  O O   . HIS A 1 85  ? 1.468   9.648   2.503   1.00 44.83  ? 150 HIS A O   1 
ATOM   491  C CB  . HIS A 1 85  ? 1.716   11.777  -0.189  1.00 60.78  ? 150 HIS A CB  1 
ATOM   492  C CG  . HIS A 1 85  ? 1.449   10.540  -1.013  1.00 69.91  ? 150 HIS A CG  1 
ATOM   493  N ND1 . HIS A 1 85  ? 1.992   10.369  -2.276  1.00 61.92  ? 150 HIS A ND1 1 
ATOM   494  C CD2 . HIS A 1 85  ? 0.698   9.430   -0.774  1.00 71.78  ? 150 HIS A CD2 1 
ATOM   495  C CE1 . HIS A 1 85  ? 1.599   9.206   -2.769  1.00 69.24  ? 150 HIS A CE1 1 
ATOM   496  N NE2 . HIS A 1 85  ? 0.812   8.617   -1.880  1.00 70.72  ? 150 HIS A NE2 1 
ATOM   497  N N   . ILE A 1 86  ? 3.320   10.974  2.305   1.00 40.21  ? 151 ILE A N   1 
ATOM   498  C CA  . ILE A 1 86  ? 4.202   10.046  2.999   1.00 40.02  ? 151 ILE A CA  1 
ATOM   499  C C   . ILE A 1 86  ? 3.813   9.863   4.480   1.00 43.50  ? 151 ILE A C   1 
ATOM   500  O O   . ILE A 1 86  ? 3.721   8.736   4.957   1.00 49.90  ? 151 ILE A O   1 
ATOM   501  C CB  . ILE A 1 86  ? 5.707   10.358  2.801   1.00 36.33  ? 151 ILE A CB  1 
ATOM   502  C CG1 . ILE A 1 86  ? 6.545   9.229   3.413   1.00 38.14  ? 151 ILE A CG1 1 
ATOM   503  C CG2 . ILE A 1 86  ? 6.090   11.699  3.425   1.00 37.26  ? 151 ILE A CG2 1 
ATOM   504  C CD1 . ILE A 1 86  ? 8.046   9.362   3.271   1.00 37.52  ? 151 ILE A CD1 1 
ATOM   505  N N   . LEU A 1 87  ? 3.575   10.954  5.200   1.00 49.46  ? 152 LEU A N   1 
ATOM   506  C CA  . LEU A 1 87  ? 3.262   10.853  6.624   1.00 50.21  ? 152 LEU A CA  1 
ATOM   507  C C   . LEU A 1 87  ? 1.962   10.096  6.858   1.00 47.45  ? 152 LEU A C   1 
ATOM   508  O O   . LEU A 1 87  ? 1.875   9.228   7.718   1.00 44.80  ? 152 LEU A O   1 
ATOM   509  C CB  . LEU A 1 87  ? 3.214   12.237  7.278   1.00 51.57  ? 152 LEU A CB  1 
ATOM   510  C CG  . LEU A 1 87  ? 4.458   12.622  8.070   1.00 52.24  ? 152 LEU A CG  1 
ATOM   511  C CD1 . LEU A 1 87  ? 5.513   13.176  7.127   1.00 48.83  ? 152 LEU A CD1 1 
ATOM   512  C CD2 . LEU A 1 87  ? 4.081   13.623  9.148   1.00 50.92  ? 152 LEU A CD2 1 
ATOM   513  N N   . PHE A 1 88  ? 0.960   10.424  6.070   1.00 48.55  ? 153 PHE A N   1 
ATOM   514  C CA  . PHE A 1 88  ? -0.340  9.793   6.210   1.00 54.26  ? 153 PHE A CA  1 
ATOM   515  C C   . PHE A 1 88  ? -0.214  8.290   5.926   1.00 48.48  ? 153 PHE A C   1 
ATOM   516  O O   . PHE A 1 88  ? -0.627  7.500   6.753   1.00 52.18  ? 153 PHE A O   1 
ATOM   517  C CB  . PHE A 1 88  ? -1.331  10.517  5.299   1.00 62.64  ? 153 PHE A CB  1 
ATOM   518  C CG  . PHE A 1 88  ? -2.749  10.063  5.416   1.00 70.20  ? 153 PHE A CG  1 
ATOM   519  C CD1 . PHE A 1 88  ? -3.591  10.590  6.402   1.00 70.89  ? 153 PHE A CD1 1 
ATOM   520  C CD2 . PHE A 1 88  ? -3.280  9.146   4.480   1.00 74.77  ? 153 PHE A CD2 1 
ATOM   521  C CE1 . PHE A 1 88  ? -4.927  10.184  6.475   1.00 72.21  ? 153 PHE A CE1 1 
ATOM   522  C CE2 . PHE A 1 88  ? -4.616  8.743   4.551   1.00 65.80  ? 153 PHE A CE2 1 
ATOM   523  C CZ  . PHE A 1 88  ? -5.436  9.267   5.542   1.00 68.50  ? 153 PHE A CZ  1 
ATOM   524  N N   . ASN A 1 89  ? 0.425   7.914   4.812   1.00 42.78  ? 154 ASN A N   1 
ATOM   525  C CA  . ASN A 1 89  ? 0.706   6.507   4.484   1.00 38.94  ? 154 ASN A CA  1 
ATOM   526  C C   . ASN A 1 89  ? 1.506   5.741   5.521   1.00 40.18  ? 154 ASN A C   1 
ATOM   527  O O   . ASN A 1 89  ? 1.126   4.614   5.862   1.00 41.48  ? 154 ASN A O   1 
ATOM   528  C CB  . ASN A 1 89  ? 1.369   6.374   3.127   1.00 38.49  ? 154 ASN A CB  1 
ATOM   529  C CG  . ASN A 1 89  ? 0.389   6.595   1.974   1.00 41.82  ? 154 ASN A CG  1 
ATOM   530  O OD1 . ASN A 1 89  ? -0.796  6.823   2.170   1.00 41.12  ? 154 ASN A OD1 1 
ATOM   531  N ND2 . ASN A 1 89  ? 0.899   6.533   0.761   1.00 47.65  ? 154 ASN A ND2 1 
ATOM   532  N N   . LEU A 1 90  ? 2.580   6.353   6.039   1.00 38.35  ? 155 LEU A N   1 
ATOM   533  C CA  . LEU A 1 90  ? 3.465   5.703   7.016   1.00 35.37  ? 155 LEU A CA  1 
ATOM   534  C C   . LEU A 1 90  ? 2.803   5.506   8.364   1.00 36.68  ? 155 LEU A C   1 
ATOM   535  O O   . LEU A 1 90  ? 3.010   4.483   8.989   1.00 38.01  ? 155 LEU A O   1 
ATOM   536  C CB  . LEU A 1 90  ? 4.761   6.456   7.174   1.00 34.64  ? 155 LEU A CB  1 
ATOM   537  C CG  . LEU A 1 90  ? 5.661   6.376   5.954   1.00 34.84  ? 155 LEU A CG  1 
ATOM   538  C CD1 . LEU A 1 90  ? 6.923   7.145   6.258   1.00 36.24  ? 155 LEU A CD1 1 
ATOM   539  C CD2 . LEU A 1 90  ? 6.015   4.954   5.581   1.00 34.34  ? 155 LEU A CD2 1 
ATOM   540  N N   . LEU A 1 91  ? 1.979   6.464   8.784   1.00 37.81  ? 156 LEU A N   1 
ATOM   541  C CA  . LEU A 1 91  ? 1.078   6.305   9.923   1.00 43.87  ? 156 LEU A CA  1 
ATOM   542  C C   . LEU A 1 91  ? 0.288   5.010   9.857   1.00 42.63  ? 156 LEU A C   1 
ATOM   543  O O   . LEU A 1 91  ? 0.525   4.090   10.646  1.00 38.10  ? 156 LEU A O   1 
ATOM   544  C CB  . LEU A 1 91  ? 0.084   7.473   9.977   1.00 56.06  ? 156 LEU A CB  1 
ATOM   545  C CG  . LEU A 1 91  ? 0.344   8.633   10.936  1.00 66.20  ? 156 LEU A CG  1 
ATOM   546  C CD1 . LEU A 1 91  ? -0.356  9.875   10.404  1.00 73.10  ? 156 LEU A CD1 1 
ATOM   547  C CD2 . LEU A 1 91  ? -0.129  8.282   12.348  1.00 65.52  ? 156 LEU A CD2 1 
ATOM   548  N N   . TRP A 1 92  ? -0.650  4.964   8.906   1.00 40.16  ? 157 TRP A N   1 
ATOM   549  C CA  . TRP A 1 92  ? -1.415  3.776   8.590   1.00 38.41  ? 157 TRP A CA  1 
ATOM   550  C C   . TRP A 1 92  ? -0.550  2.525   8.497   1.00 36.70  ? 157 TRP A C   1 
ATOM   551  O O   . TRP A 1 92  ? -0.879  1.501   9.094   1.00 34.92  ? 157 TRP A O   1 
ATOM   552  C CB  . TRP A 1 92  ? -2.127  3.998   7.276   1.00 39.28  ? 157 TRP A CB  1 
ATOM   553  C CG  . TRP A 1 92  ? -3.341  4.850   7.395   1.00 43.27  ? 157 TRP A CG  1 
ATOM   554  C CD1 . TRP A 1 92  ? -3.515  6.123   6.911   1.00 42.57  ? 157 TRP A CD1 1 
ATOM   555  C CD2 . TRP A 1 92  ? -4.579  4.473   7.995   1.00 47.22  ? 157 TRP A CD2 1 
ATOM   556  N NE1 . TRP A 1 92  ? -4.784  6.564   7.194   1.00 42.40  ? 157 TRP A NE1 1 
ATOM   557  C CE2 . TRP A 1 92  ? -5.462  5.570   7.853   1.00 47.36  ? 157 TRP A CE2 1 
ATOM   558  C CE3 . TRP A 1 92  ? -5.033  3.308   8.651   1.00 52.23  ? 157 TRP A CE3 1 
ATOM   559  C CZ2 . TRP A 1 92  ? -6.772  5.542   8.350   1.00 47.69  ? 157 TRP A CZ2 1 
ATOM   560  C CZ3 . TRP A 1 92  ? -6.337  3.282   9.137   1.00 54.32  ? 157 TRP A CZ3 1 
ATOM   561  C CH2 . TRP A 1 92  ? -7.194  4.398   8.977   1.00 51.06  ? 157 TRP A CH2 1 
ATOM   562  N N   . TRP A 1 93  ? 0.561   2.620   7.754   1.00 37.02  ? 158 TRP A N   1 
ATOM   563  C CA  . TRP A 1 93  ? 1.530   1.526   7.649   1.00 34.91  ? 158 TRP A CA  1 
ATOM   564  C C   . TRP A 1 93  ? 2.068   1.111   9.018   1.00 34.10  ? 158 TRP A C   1 
ATOM   565  O O   . TRP A 1 93  ? 2.078   -0.059  9.354   1.00 34.35  ? 158 TRP A O   1 
ATOM   566  C CB  . TRP A 1 93  ? 2.683   1.888   6.708   1.00 31.42  ? 158 TRP A CB  1 
ATOM   567  C CG  . TRP A 1 93  ? 3.773   0.921   6.798   1.00 29.52  ? 158 TRP A CG  1 
ATOM   568  C CD1 . TRP A 1 93  ? 4.876   1.042   7.565   1.00 28.48  ? 158 TRP A CD1 1 
ATOM   569  C CD2 . TRP A 1 93  ? 3.858   -0.373  6.167   1.00 29.84  ? 158 TRP A CD2 1 
ATOM   570  N NE1 . TRP A 1 93  ? 5.662   -0.072  7.447   1.00 28.70  ? 158 TRP A NE1 1 
ATOM   571  C CE2 . TRP A 1 93  ? 5.060   -0.962  6.596   1.00 29.32  ? 158 TRP A CE2 1 
ATOM   572  C CE3 . TRP A 1 93  ? 3.037   -1.088  5.283   1.00 28.22  ? 158 TRP A CE3 1 
ATOM   573  C CZ2 . TRP A 1 93  ? 5.484   -2.226  6.155   1.00 29.79  ? 158 TRP A CZ2 1 
ATOM   574  C CZ3 . TRP A 1 93  ? 3.462   -2.349  4.852   1.00 27.49  ? 158 TRP A CZ3 1 
ATOM   575  C CH2 . TRP A 1 93  ? 4.673   -2.900  5.285   1.00 27.46  ? 158 TRP A CH2 1 
ATOM   576  N N   . TRP A 1 94  ? 2.513   2.085   9.791   1.00 37.63  ? 159 TRP A N   1 
ATOM   577  C CA  . TRP A 1 94  ? 3.023   1.841   11.128  1.00 40.72  ? 159 TRP A CA  1 
ATOM   578  C C   . TRP A 1 94  ? 1.926   1.236   12.017  1.00 42.52  ? 159 TRP A C   1 
ATOM   579  O O   . TRP A 1 94  ? 2.132   0.204   12.640  1.00 41.52  ? 159 TRP A O   1 
ATOM   580  C CB  . TRP A 1 94  ? 3.625   3.123   11.712  1.00 44.15  ? 159 TRP A CB  1 
ATOM   581  C CG  . TRP A 1 94  ? 4.080   2.954   13.121  1.00 51.45  ? 159 TRP A CG  1 
ATOM   582  C CD1 . TRP A 1 94  ? 5.276   2.451   13.553  1.00 48.24  ? 159 TRP A CD1 1 
ATOM   583  C CD2 . TRP A 1 94  ? 3.325   3.268   14.289  1.00 49.94  ? 159 TRP A CD2 1 
ATOM   584  N NE1 . TRP A 1 94  ? 5.300   2.435   14.916  1.00 47.77  ? 159 TRP A NE1 1 
ATOM   585  C CE2 . TRP A 1 94  ? 4.113   2.933   15.392  1.00 50.53  ? 159 TRP A CE2 1 
ATOM   586  C CE3 . TRP A 1 94  ? 2.047   3.802   14.502  1.00 53.34  ? 159 TRP A CE3 1 
ATOM   587  C CZ2 . TRP A 1 94  ? 3.665   3.110   16.709  1.00 58.48  ? 159 TRP A CZ2 1 
ATOM   588  C CZ3 . TRP A 1 94  ? 1.599   3.975   15.805  1.00 58.61  ? 159 TRP A CZ3 1 
ATOM   589  C CH2 . TRP A 1 94  ? 2.404   3.629   16.893  1.00 55.38  ? 159 TRP A CH2 1 
ATOM   590  N N   . TYR A 1 95  ? 0.753   1.851   12.034  1.00 44.88  ? 160 TYR A N   1 
ATOM   591  C CA  . TYR A 1 95  ? -0.361  1.373   12.842  1.00 45.09  ? 160 TYR A CA  1 
ATOM   592  C C   . TYR A 1 95  ? -0.823  -0.059  12.470  1.00 45.01  ? 160 TYR A C   1 
ATOM   593  O O   . TYR A 1 95  ? -0.919  -0.924  13.344  1.00 46.97  ? 160 TYR A O   1 
ATOM   594  C CB  . TYR A 1 95  ? -1.507  2.396   12.826  1.00 48.14  ? 160 TYR A CB  1 
ATOM   595  C CG  . TYR A 1 95  ? -2.672  1.959   13.654  1.00 59.52  ? 160 TYR A CG  1 
ATOM   596  C CD1 . TYR A 1 95  ? -2.546  1.816   15.034  1.00 63.53  ? 160 TYR A CD1 1 
ATOM   597  C CD2 . TYR A 1 95  ? -3.914  1.656   13.058  1.00 67.17  ? 160 TYR A CD2 1 
ATOM   598  C CE1 . TYR A 1 95  ? -3.621  1.386   15.808  1.00 69.60  ? 160 TYR A CE1 1 
ATOM   599  C CE2 . TYR A 1 95  ? -4.992  1.230   13.827  1.00 66.54  ? 160 TYR A CE2 1 
ATOM   600  C CZ  . TYR A 1 95  ? -4.833  1.097   15.202  1.00 66.04  ? 160 TYR A CZ  1 
ATOM   601  O OH  . TYR A 1 95  ? -5.870  0.675   15.982  1.00 69.78  ? 160 TYR A OH  1 
ATOM   602  N N   . LEU A 1 96  ? -1.042  -0.312  11.176  1.00 45.62  ? 161 LEU A N   1 
ATOM   603  C CA  . LEU A 1 96  ? -1.536  -1.620  10.677  1.00 40.24  ? 161 LEU A CA  1 
ATOM   604  C C   . LEU A 1 96  ? -0.439  -2.643  10.345  1.00 37.61  ? 161 LEU A C   1 
ATOM   605  O O   . LEU A 1 96  ? -0.592  -3.858  10.597  1.00 33.73  ? 161 LEU A O   1 
ATOM   606  C CB  . LEU A 1 96  ? -2.434  -1.407  9.453   1.00 40.21  ? 161 LEU A CB  1 
ATOM   607  C CG  . LEU A 1 96  ? -3.685  -0.567  9.703   1.00 39.97  ? 161 LEU A CG  1 
ATOM   608  C CD1 . LEU A 1 96  ? -4.193  -0.055  8.387   1.00 40.77  ? 161 LEU A CD1 1 
ATOM   609  C CD2 . LEU A 1 96  ? -4.748  -1.368  10.424  1.00 41.87  ? 161 LEU A CD2 1 
ATOM   610  N N   . GLY A 1 97  ? 0.652   -2.154  9.755   1.00 34.98  ? 162 GLY A N   1 
ATOM   611  C CA  . GLY A 1 97  ? 1.789   -2.996  9.440   1.00 35.96  ? 162 GLY A CA  1 
ATOM   612  C C   . GLY A 1 97  ? 2.371   -3.523  10.732  1.00 37.39  ? 162 GLY A C   1 
ATOM   613  O O   . GLY A 1 97  ? 2.610   -4.733  10.881  1.00 41.35  ? 162 GLY A O   1 
ATOM   614  N N   . GLY A 1 98  ? 2.561   -2.613  11.675  1.00 34.40  ? 163 GLY A N   1 
ATOM   615  C CA  . GLY A 1 98  ? 2.963   -2.981  13.029  1.00 41.56  ? 163 GLY A CA  1 
ATOM   616  C C   . GLY A 1 98  ? 2.112   -4.085  13.653  1.00 40.67  ? 163 GLY A C   1 
ATOM   617  O O   . GLY A 1 98  ? 2.669   -5.086  14.126  1.00 39.88  ? 163 GLY A O   1 
ATOM   618  N N   . ALA A 1 99  ? 0.777   -3.916  13.622  1.00 39.96  ? 164 ALA A N   1 
ATOM   619  C CA  . ALA A 1 99  ? -0.179  -4.907  14.179  1.00 38.05  ? 164 ALA A CA  1 
ATOM   620  C C   . ALA A 1 99  ? 0.008   -6.278  13.552  1.00 38.17  ? 164 ALA A C   1 
ATOM   621  O O   . ALA A 1 99  ? 0.191   -7.264  14.253  1.00 38.51  ? 164 ALA A O   1 
ATOM   622  C CB  . ALA A 1 99  ? -1.618  -4.450  14.002  1.00 36.97  ? 164 ALA A CB  1 
ATOM   623  N N   . VAL A 1 100 ? -0.044  -6.340  12.231  1.00 36.45  ? 165 VAL A N   1 
ATOM   624  C CA  . VAL A 1 100 ? 0.178   -7.602  11.539  1.00 34.41  ? 165 VAL A CA  1 
ATOM   625  C C   . VAL A 1 100 ? 1.541   -8.156  11.949  1.00 37.76  ? 165 VAL A C   1 
ATOM   626  O O   . VAL A 1 100 ? 1.658   -9.346  12.232  1.00 41.40  ? 165 VAL A O   1 
ATOM   627  C CB  . VAL A 1 100 ? 0.148   -7.447  10.000  1.00 29.95  ? 165 VAL A CB  1 
ATOM   628  C CG1 . VAL A 1 100 ? 0.615   -8.718  9.321   1.00 26.20  ? 165 VAL A CG1 1 
ATOM   629  C CG2 . VAL A 1 100 ? -1.250  -7.052  9.525   1.00 29.44  ? 165 VAL A CG2 1 
ATOM   630  N N   . GLU A 1 101 ? 2.579   -7.321  11.956  1.00 36.26  ? 166 GLU A N   1 
ATOM   631  C CA  . GLU A 1 101 ? 3.904   -7.849  12.226  1.00 37.37  ? 166 GLU A CA  1 
ATOM   632  C C   . GLU A 1 101 ? 4.008   -8.431  13.627  1.00 39.19  ? 166 GLU A C   1 
ATOM   633  O O   . GLU A 1 101 ? 4.630   -9.461  13.812  1.00 43.22  ? 166 GLU A O   1 
ATOM   634  C CB  . GLU A 1 101 ? 4.993   -6.805  12.029  1.00 36.73  ? 166 GLU A CB  1 
ATOM   635  C CG  . GLU A 1 101 ? 6.380   -7.414  12.173  1.00 36.32  ? 166 GLU A CG  1 
ATOM   636  C CD  . GLU A 1 101 ? 7.473   -6.564  11.576  1.00 39.81  ? 166 GLU A CD  1 
ATOM   637  O OE1 . GLU A 1 101 ? 7.259   -5.349  11.340  1.00 39.42  ? 166 GLU A OE1 1 
ATOM   638  O OE2 . GLU A 1 101 ? 8.552   -7.133  11.333  1.00 40.46  ? 166 GLU A OE2 1 
ATOM   639  N N   . LYS A 1 102 ? 3.408   -7.756  14.602  1.00 42.96  ? 167 LYS A N   1 
ATOM   640  C CA  . LYS A 1 102 ? 3.516   -8.135  16.015  1.00 47.16  ? 167 LYS A CA  1 
ATOM   641  C C   . LYS A 1 102 ? 2.761   -9.424  16.359  1.00 47.73  ? 167 LYS A C   1 
ATOM   642  O O   . LYS A 1 102 ? 3.288   -10.243 17.110  1.00 52.69  ? 167 LYS A O   1 
ATOM   643  C CB  . LYS A 1 102 ? 3.083   -6.966  16.903  1.00 54.69  ? 167 LYS A CB  1 
ATOM   644  C CG  . LYS A 1 102 ? 2.585   -7.342  18.293  1.00 71.90  ? 167 LYS A CG  1 
ATOM   645  C CD  . LYS A 1 102 ? 1.754   -6.227  18.941  1.00 83.68  ? 167 LYS A CD  1 
ATOM   646  C CE  . LYS A 1 102 ? 0.532   -5.810  18.110  1.00 81.46  ? 167 LYS A CE  1 
ATOM   647  N NZ  . LYS A 1 102 ? -0.516  -5.126  18.913  1.00 74.84  ? 167 LYS A NZ  1 
ATOM   648  N N   . ARG A 1 103 ? 1.563   -9.590  15.790  1.00 43.42  ? 168 ARG A N   1 
ATOM   649  C CA  . ARG A 1 103 ? 0.689   -10.731 16.030  1.00 40.28  ? 168 ARG A CA  1 
ATOM   650  C C   . ARG A 1 103 ? 0.934   -11.916 15.110  1.00 43.08  ? 168 ARG A C   1 
ATOM   651  O O   . ARG A 1 103 ? 0.803   -13.050 15.527  1.00 52.39  ? 168 ARG A O   1 
ATOM   652  C CB  . ARG A 1 103 ? -0.774  -10.305 15.950  1.00 41.08  ? 168 ARG A CB  1 
ATOM   653  C CG  . ARG A 1 103 ? -1.226  -9.356  17.051  1.00 47.88  ? 168 ARG A CG  1 
ATOM   654  C CD  . ARG A 1 103 ? -1.459  -10.093 18.388  1.00 58.62  ? 168 ARG A CD  1 
ATOM   655  N NE  . ARG A 1 103 ? -1.038  -9.276  19.540  1.00 70.03  ? 168 ARG A NE  1 
ATOM   656  C CZ  . ARG A 1 103 ? 0.139   -9.357  20.189  1.00 73.64  ? 168 ARG A CZ  1 
ATOM   657  N NH1 . ARG A 1 103 ? 1.070   -10.266 19.867  1.00 74.32  ? 168 ARG A NH1 1 
ATOM   658  N NH2 . ARG A 1 103 ? 0.390   -8.513  21.189  1.00 70.44  ? 168 ARG A NH2 1 
ATOM   659  N N   . LEU A 1 104 ? 1.281   -11.670 13.853  1.00 41.55  ? 169 LEU A N   1 
ATOM   660  C CA  . LEU A 1 104 ? 1.390   -12.735 12.858  1.00 37.56  ? 169 LEU A CA  1 
ATOM   661  C C   . LEU A 1 104 ? 2.784   -12.892 12.306  1.00 36.82  ? 169 LEU A C   1 
ATOM   662  O O   . LEU A 1 104 ? 3.069   -13.852 11.580  1.00 37.88  ? 169 LEU A O   1 
ATOM   663  C CB  . LEU A 1 104 ? 0.429   -12.490 11.699  1.00 37.78  ? 169 LEU A CB  1 
ATOM   664  C CG  . LEU A 1 104 ? -1.070  -12.568 11.944  1.00 36.84  ? 169 LEU A CG  1 
ATOM   665  C CD1 . LEU A 1 104 ? -1.699  -12.435 10.580  1.00 33.67  ? 169 LEU A CD1 1 
ATOM   666  C CD2 . LEU A 1 104 ? -1.454  -13.887 12.599  1.00 33.82  ? 169 LEU A CD2 1 
ATOM   667  N N   . GLY A 1 105 ? 3.645   -11.928 12.617  1.00 36.97  ? 170 GLY A N   1 
ATOM   668  C CA  . GLY A 1 105 ? 5.043   -12.037 12.290  1.00 29.41  ? 170 GLY A CA  1 
ATOM   669  C C   . GLY A 1 105 ? 5.419   -11.358 11.005  1.00 34.40  ? 170 GLY A C   1 
ATOM   670  O O   . GLY A 1 105 ? 4.559   -10.954 10.182  1.00 33.44  ? 170 GLY A O   1 
ATOM   671  N N   . SER A 1 106 ? 6.740   -11.263 10.850  1.00 32.59  ? 171 SER A N   1 
ATOM   672  C CA  . SER A 1 106 ? 7.408   -10.575 9.783   1.00 33.14  ? 171 SER A CA  1 
ATOM   673  C C   . SER A 1 106 ? 7.070   -11.068 8.403   1.00 34.17  ? 171 SER A C   1 
ATOM   674  O O   . SER A 1 106 ? 6.829   -10.264 7.491   1.00 36.39  ? 171 SER A O   1 
ATOM   675  C CB  . SER A 1 106 ? 8.921   -10.696 9.985   1.00 33.75  ? 171 SER A CB  1 
ATOM   676  O OG  . SER A 1 106 ? 9.357   -9.707  10.910  1.00 39.89  ? 171 SER A OG  1 
ATOM   677  N N   . GLY A 1 107 ? 7.126   -12.383 8.249   1.00 33.54  ? 172 GLY A N   1 
ATOM   678  C CA  . GLY A 1 107 ? 6.856   -13.075 6.990   1.00 35.90  ? 172 GLY A CA  1 
ATOM   679  C C   . GLY A 1 107 ? 5.487   -12.740 6.427   1.00 38.50  ? 172 GLY A C   1 
ATOM   680  O O   . GLY A 1 107 ? 5.357   -12.482 5.222   1.00 43.93  ? 172 GLY A O   1 
ATOM   681  N N   . LYS A 1 108 ? 4.474   -12.716 7.288   1.00 37.58  ? 173 LYS A N   1 
ATOM   682  C CA  . LYS A 1 108 ? 3.112   -12.410 6.864   1.00 37.55  ? 173 LYS A CA  1 
ATOM   683  C C   . LYS A 1 108 ? 3.020   -10.992 6.309   1.00 37.10  ? 173 LYS A C   1 
ATOM   684  O O   . LYS A 1 108 ? 2.386   -10.765 5.281   1.00 39.79  ? 173 LYS A O   1 
ATOM   685  C CB  . LYS A 1 108 ? 2.141   -12.589 8.022   1.00 37.96  ? 173 LYS A CB  1 
ATOM   686  C CG  . LYS A 1 108 ? 0.677   -12.393 7.652   1.00 42.88  ? 173 LYS A CG  1 
ATOM   687  C CD  . LYS A 1 108 ? 0.257   -13.191 6.416   1.00 44.72  ? 173 LYS A CD  1 
ATOM   688  C CE  . LYS A 1 108 ? 0.065   -14.673 6.735   1.00 44.89  ? 173 LYS A CE  1 
ATOM   689  N NZ  . LYS A 1 108 ? -0.517  -15.434 5.589   1.00 49.95  ? 173 LYS A NZ  1 
ATOM   690  N N   . LEU A 1 109 ? 3.679   -10.046 6.969   1.00 35.51  ? 174 LEU A N   1 
ATOM   691  C CA  . LEU A 1 109 ? 3.659   -8.660  6.529   1.00 31.79  ? 174 LEU A CA  1 
ATOM   692  C C   . LEU A 1 109 ? 4.376   -8.499  5.187   1.00 32.93  ? 174 LEU A C   1 
ATOM   693  O O   . LEU A 1 109 ? 3.868   -7.805  4.288   1.00 34.96  ? 174 LEU A O   1 
ATOM   694  C CB  . LEU A 1 109 ? 4.243   -7.747  7.608   1.00 29.58  ? 174 LEU A CB  1 
ATOM   695  C CG  . LEU A 1 109 ? 4.259   -6.270  7.240   1.00 27.77  ? 174 LEU A CG  1 
ATOM   696  C CD1 . LEU A 1 109 ? 2.857   -5.789  6.958   1.00 26.89  ? 174 LEU A CD1 1 
ATOM   697  C CD2 . LEU A 1 109 ? 4.903   -5.437  8.323   1.00 27.26  ? 174 LEU A CD2 1 
ATOM   698  N N   . ILE A 1 110 ? 5.530   -9.156  5.052   1.00 30.45  ? 175 ILE A N   1 
ATOM   699  C CA  . ILE A 1 110 ? 6.292   -9.147  3.810   1.00 34.50  ? 175 ILE A CA  1 
ATOM   700  C C   . ILE A 1 110 ? 5.421   -9.626  2.635   1.00 35.64  ? 175 ILE A C   1 
ATOM   701  O O   . ILE A 1 110 ? 5.371   -8.971  1.589   1.00 36.41  ? 175 ILE A O   1 
ATOM   702  C CB  . ILE A 1 110 ? 7.579   -10.016 3.891   1.00 35.33  ? 175 ILE A CB  1 
ATOM   703  C CG1 . ILE A 1 110 ? 8.628   -9.335  4.740   1.00 36.31  ? 175 ILE A CG1 1 
ATOM   704  C CG2 . ILE A 1 110 ? 8.191   -10.298 2.517   1.00 33.19  ? 175 ILE A CG2 1 
ATOM   705  C CD1 . ILE A 1 110 ? 9.753   -10.270 5.100   1.00 39.41  ? 175 ILE A CD1 1 
ATOM   706  N N   . VAL A 1 111 ? 4.761   -10.769 2.814   1.00 34.19  ? 176 VAL A N   1 
ATOM   707  C CA  . VAL A 1 111 ? 4.026   -11.394 1.726   1.00 34.70  ? 176 VAL A CA  1 
ATOM   708  C C   . VAL A 1 111 ? 2.794   -10.583 1.348   1.00 33.87  ? 176 VAL A C   1 
ATOM   709  O O   . VAL A 1 111 ? 2.521   -10.433 0.166   1.00 38.67  ? 176 VAL A O   1 
ATOM   710  C CB  . VAL A 1 111 ? 3.644   -12.835 2.047   1.00 36.39  ? 176 VAL A CB  1 
ATOM   711  C CG1 . VAL A 1 111 ? 2.732   -13.413 0.962   1.00 38.19  ? 176 VAL A CG1 1 
ATOM   712  C CG2 . VAL A 1 111 ? 4.894   -13.688 2.243   1.00 36.50  ? 176 VAL A CG2 1 
ATOM   713  N N   . ILE A 1 112 ? 2.069   -10.062 2.344   1.00 33.71  ? 177 ILE A N   1 
ATOM   714  C CA  . ILE A 1 112 ? 0.960   -9.107  2.099   1.00 33.39  ? 177 ILE A CA  1 
ATOM   715  C C   . ILE A 1 112 ? 1.442   -7.858  1.306   1.00 35.02  ? 177 ILE A C   1 
ATOM   716  O O   . ILE A 1 112 ? 0.777   -7.406  0.368   1.00 34.94  ? 177 ILE A O   1 
ATOM   717  C CB  . ILE A 1 112 ? 0.308   -8.651  3.401   1.00 30.59  ? 177 ILE A CB  1 
ATOM   718  C CG1 . ILE A 1 112 ? -0.410  -9.807  4.078   1.00 32.30  ? 177 ILE A CG1 1 
ATOM   719  C CG2 . ILE A 1 112 ? -0.677  -7.519  3.140   1.00 33.07  ? 177 ILE A CG2 1 
ATOM   720  C CD1 . ILE A 1 112 ? -0.744  -9.547  5.552   1.00 33.49  ? 177 ILE A CD1 1 
ATOM   721  N N   . THR A 1 113 ? 2.589   -7.328  1.708   1.00 31.82  ? 178 THR A N   1 
ATOM   722  C CA  . THR A 1 113 ? 3.216   -6.173  1.103   1.00 30.54  ? 178 THR A CA  1 
ATOM   723  C C   . THR A 1 113 ? 3.578   -6.430  -0.363  1.00 30.37  ? 178 THR A C   1 
ATOM   724  O O   . THR A 1 113 ? 3.156   -5.672  -1.262  1.00 28.92  ? 178 THR A O   1 
ATOM   725  C CB  . THR A 1 113 ? 4.431   -5.725  1.979   1.00 30.60  ? 178 THR A CB  1 
ATOM   726  O OG1 . THR A 1 113 ? 3.908   -5.218  3.216   1.00 29.68  ? 178 THR A OG1 1 
ATOM   727  C CG2 . THR A 1 113 ? 5.304   -4.659  1.296   1.00 28.59  ? 178 THR A CG2 1 
ATOM   728  N N   . LEU A 1 114 ? 4.329   -7.507  -0.599  1.00 31.25  ? 179 LEU A N   1 
ATOM   729  C CA  . LEU A 1 114 ? 4.749   -7.893  -1.942  1.00 30.35  ? 179 LEU A CA  1 
ATOM   730  C C   . LEU A 1 114 ? 3.594   -8.230  -2.877  1.00 31.11  ? 179 LEU A C   1 
ATOM   731  O O   . LEU A 1 114 ? 3.597   -7.766  -4.003  1.00 33.04  ? 179 LEU A O   1 
ATOM   732  C CB  . LEU A 1 114 ? 5.760   -9.026  -1.870  1.00 31.90  ? 179 LEU A CB  1 
ATOM   733  C CG  . LEU A 1 114 ? 7.093   -8.603  -1.253  1.00 36.06  ? 179 LEU A CG  1 
ATOM   734  C CD1 . LEU A 1 114 ? 7.893   -9.879  -1.036  1.00 39.78  ? 179 LEU A CD1 1 
ATOM   735  C CD2 . LEU A 1 114 ? 7.889   -7.540  -2.021  1.00 33.84  ? 179 LEU A CD2 1 
ATOM   736  N N   . ILE A 1 115 ? 2.597   -8.991  -2.414  1.00 31.33  ? 180 ILE A N   1 
ATOM   737  C CA  . ILE A 1 115 ? 1.457   -9.374  -3.276  1.00 33.59  ? 180 ILE A CA  1 
ATOM   738  C C   . ILE A 1 115 ? 0.618   -8.146  -3.615  1.00 32.19  ? 180 ILE A C   1 
ATOM   739  O O   . ILE A 1 115 ? 0.283   -7.923  -4.774  1.00 31.39  ? 180 ILE A O   1 
ATOM   740  C CB  . ILE A 1 115 ? 0.568   -10.484 -2.650  1.00 37.60  ? 180 ILE A CB  1 
ATOM   741  C CG1 . ILE A 1 115 ? 1.302   -11.829 -2.628  1.00 39.22  ? 180 ILE A CG1 1 
ATOM   742  C CG2 . ILE A 1 115 ? -0.757  -10.641 -3.395  1.00 34.33  ? 180 ILE A CG2 1 
ATOM   743  C CD1 . ILE A 1 115 ? 0.566   -12.865 -1.788  1.00 44.11  ? 180 ILE A CD1 1 
ATOM   744  N N   . SER A 1 116 ? 0.318   -7.343  -2.597  1.00 31.35  ? 181 SER A N   1 
ATOM   745  C CA  . SER A 1 116 ? -0.467  -6.127  -2.754  1.00 30.68  ? 181 SER A CA  1 
ATOM   746  C C   . SER A 1 116 ? 0.252   -5.061  -3.562  1.00 30.59  ? 181 SER A C   1 
ATOM   747  O O   . SER A 1 116 ? -0.366  -4.449  -4.422  1.00 31.90  ? 181 SER A O   1 
ATOM   748  C CB  . SER A 1 116 ? -0.887  -5.567  -1.408  1.00 31.57  ? 181 SER A CB  1 
ATOM   749  O OG  . SER A 1 116 ? 0.249   -5.158  -0.672  1.00 35.24  ? 181 SER A OG  1 
ATOM   750  N N   . ALA A 1 117 ? 1.539   -4.828  -3.309  1.00 28.76  ? 182 ALA A N   1 
ATOM   751  C CA  . ALA A 1 117 ? 2.272   -3.869  -4.144  1.00 27.26  ? 182 ALA A CA  1 
ATOM   752  C C   . ALA A 1 117 ? 2.203   -4.319  -5.615  1.00 28.76  ? 182 ALA A C   1 
ATOM   753  O O   . ALA A 1 117 ? 1.823   -3.545  -6.474  1.00 29.88  ? 182 ALA A O   1 
ATOM   754  C CB  . ALA A 1 117 ? 3.701   -3.680  -3.669  1.00 24.22  ? 182 ALA A CB  1 
ATOM   755  N N   . LEU A 1 118 ? 2.506   -5.584  -5.884  1.00 30.06  ? 183 LEU A N   1 
ATOM   756  C CA  . LEU A 1 118 ? 2.409   -6.148  -7.211  1.00 33.37  ? 183 LEU A CA  1 
ATOM   757  C C   . LEU A 1 118 ? 1.012   -6.039  -7.855  1.00 35.28  ? 183 LEU A C   1 
ATOM   758  O O   . LEU A 1 118 ? 0.881   -5.571  -9.005  1.00 32.37  ? 183 LEU A O   1 
ATOM   759  C CB  . LEU A 1 118 ? 2.821   -7.623  -7.180  1.00 41.08  ? 183 LEU A CB  1 
ATOM   760  C CG  . LEU A 1 118 ? 3.088   -8.326  -8.534  1.00 44.17  ? 183 LEU A CG  1 
ATOM   761  C CD1 . LEU A 1 118 ? 4.358   -9.141  -8.434  1.00 51.39  ? 183 LEU A CD1 1 
ATOM   762  C CD2 . LEU A 1 118 ? 1.960   -9.249  -8.938  1.00 46.04  ? 183 LEU A CD2 1 
ATOM   763  N N   . LEU A 1 119 ? -0.013  -6.486  -7.129  1.00 30.75  ? 184 LEU A N   1 
ATOM   764  C CA  . LEU A 1 119 ? -1.373  -6.485  -7.653  1.00 29.40  ? 184 LEU A CA  1 
ATOM   765  C C   . LEU A 1 119 ? -2.049  -5.118  -7.756  1.00 29.71  ? 184 LEU A C   1 
ATOM   766  O O   . LEU A 1 119 ? -2.774  -4.864  -8.712  1.00 31.98  ? 184 LEU A O   1 
ATOM   767  C CB  . LEU A 1 119 ? -2.259  -7.557  -6.984  1.00 30.14  ? 184 LEU A CB  1 
ATOM   768  C CG  . LEU A 1 119 ? -1.811  -9.018  -7.267  1.00 29.17  ? 184 LEU A CG  1 
ATOM   769  C CD1 . LEU A 1 119 ? -2.693  -10.049 -6.586  1.00 30.77  ? 184 LEU A CD1 1 
ATOM   770  C CD2 . LEU A 1 119 ? -1.771  -9.326  -8.759  1.00 31.52  ? 184 LEU A CD2 1 
ATOM   771  N N   . SER A 1 120 ? -1.813  -4.228  -6.808  1.00 28.78  ? 185 SER A N   1 
ATOM   772  C CA  . SER A 1 120 ? -2.380  -2.866  -6.886  1.00 29.53  ? 185 SER A CA  1 
ATOM   773  C C   . SER A 1 120 ? -1.736  -1.988  -7.980  1.00 29.37  ? 185 SER A C   1 
ATOM   774  O O   . SER A 1 120 ? -2.415  -1.163  -8.590  1.00 30.57  ? 185 SER A O   1 
ATOM   775  C CB  . SER A 1 120 ? -2.316  -2.156  -5.540  1.00 29.90  ? 185 SER A CB  1 
ATOM   776  O OG  . SER A 1 120 ? -0.958  -2.034  -5.151  1.00 36.26  ? 185 SER A OG  1 
ATOM   777  N N   . GLY A 1 121 ? -0.450  -2.185  -8.238  1.00 26.21  ? 186 GLY A N   1 
ATOM   778  C CA  . GLY A 1 121 ? 0.221   -1.486  -9.305  1.00 25.61  ? 186 GLY A CA  1 
ATOM   779  C C   . GLY A 1 121 ? -0.289  -2.004  -10.636 1.00 26.56  ? 186 GLY A C   1 
ATOM   780  O O   . GLY A 1 121 ? -0.558  -1.229  -11.552 1.00 25.19  ? 186 GLY A O   1 
ATOM   781  N N   . TYR A 1 122 ? -0.435  -3.322  -10.734 1.00 29.59  ? 187 TYR A N   1 
ATOM   782  C CA  . TYR A 1 122 ? -0.902  -3.973  -11.966 1.00 32.13  ? 187 TYR A CA  1 
ATOM   783  C C   . TYR A 1 122 ? -2.251  -3.396  -12.354 1.00 32.61  ? 187 TYR A C   1 
ATOM   784  O O   . TYR A 1 122 ? -2.429  -2.898  -13.458 1.00 37.56  ? 187 TYR A O   1 
ATOM   785  C CB  . TYR A 1 122 ? -0.984  -5.496  -11.812 1.00 31.70  ? 187 TYR A CB  1 
ATOM   786  C CG  . TYR A 1 122 ? -1.533  -6.140  -13.046 1.00 34.32  ? 187 TYR A CG  1 
ATOM   787  C CD1 . TYR A 1 122 ? -0.710  -6.363  -14.159 1.00 33.49  ? 187 TYR A CD1 1 
ATOM   788  C CD2 . TYR A 1 122 ? -2.909  -6.502  -13.139 1.00 35.96  ? 187 TYR A CD2 1 
ATOM   789  C CE1 . TYR A 1 122 ? -1.217  -6.936  -15.329 1.00 34.42  ? 187 TYR A CE1 1 
ATOM   790  C CE2 . TYR A 1 122 ? -3.425  -7.067  -14.311 1.00 34.98  ? 187 TYR A CE2 1 
ATOM   791  C CZ  . TYR A 1 122 ? -2.578  -7.276  -15.397 1.00 35.66  ? 187 TYR A CZ  1 
ATOM   792  O OH  . TYR A 1 122 ? -3.074  -7.822  -16.548 1.00 39.81  ? 187 TYR A OH  1 
ATOM   793  N N   . VAL A 1 123 ? -3.190  -3.418  -11.417 1.00 32.33  ? 188 VAL A N   1 
ATOM   794  C CA  . VAL A 1 123 ? -4.535  -2.893  -11.684 1.00 28.34  ? 188 VAL A CA  1 
ATOM   795  C C   . VAL A 1 123 ? -4.485  -1.402  -11.969 1.00 27.84  ? 188 VAL A C   1 
ATOM   796  O O   . VAL A 1 123 ? -5.172  -0.920  -12.876 1.00 28.87  ? 188 VAL A O   1 
ATOM   797  C CB  . VAL A 1 123 ? -5.474  -3.211  -10.523 1.00 26.42  ? 188 VAL A CB  1 
ATOM   798  C CG1 . VAL A 1 123 ? -6.754  -2.420  -10.636 1.00 24.78  ? 188 VAL A CG1 1 
ATOM   799  C CG2 . VAL A 1 123 ? -5.719  -4.720  -10.440 1.00 24.14  ? 188 VAL A CG2 1 
ATOM   800  N N   . GLN A 1 124 ? -3.631  -0.690  -11.233 1.00 26.58  ? 189 GLN A N   1 
ATOM   801  C CA  . GLN A 1 124 ? -3.535  0.749   -11.383 1.00 28.22  ? 189 GLN A CA  1 
ATOM   802  C C   . GLN A 1 124 ? -2.933  1.115   -12.722 1.00 30.97  ? 189 GLN A C   1 
ATOM   803  O O   . GLN A 1 124 ? -3.327  2.133   -13.323 1.00 33.93  ? 189 GLN A O   1 
ATOM   804  C CB  . GLN A 1 124 ? -2.683  1.373   -10.297 1.00 29.83  ? 189 GLN A CB  1 
ATOM   805  C CG  . GLN A 1 124 ? -2.547  2.873   -10.403 1.00 26.05  ? 189 GLN A CG  1 
ATOM   806  C CD  . GLN A 1 124 ? -3.885  3.546   -10.407 1.00 25.88  ? 189 GLN A CD  1 
ATOM   807  O OE1 . GLN A 1 124 ? -4.764  3.197   -9.597  1.00 24.64  ? 189 GLN A OE1 1 
ATOM   808  N NE2 . GLN A 1 124 ? -4.059  4.513   -11.322 1.00 24.07  ? 189 GLN A NE2 1 
ATOM   809  N N   . GLN A 1 125 ? -1.980  0.309   -13.182 1.00 29.92  ? 190 GLN A N   1 
ATOM   810  C CA  . GLN A 1 125 ? -1.398  0.527   -14.496 1.00 31.24  ? 190 GLN A CA  1 
ATOM   811  C C   . GLN A 1 125 ? -2.520  0.463   -15.568 1.00 34.41  ? 190 GLN A C   1 
ATOM   812  O O   . GLN A 1 125 ? -2.524  1.244   -16.515 1.00 34.70  ? 190 GLN A O   1 
ATOM   813  C CB  . GLN A 1 125 ? -0.347  -0.529  -14.798 1.00 28.64  ? 190 GLN A CB  1 
ATOM   814  C CG  . GLN A 1 125 ? 0.524   -0.156  -15.959 1.00 33.56  ? 190 GLN A CG  1 
ATOM   815  C CD  . GLN A 1 125 ? -0.116  -0.431  -17.286 1.00 35.79  ? 190 GLN A CD  1 
ATOM   816  O OE1 . GLN A 1 125 ? -0.884  -1.357  -17.408 1.00 43.21  ? 190 GLN A OE1 1 
ATOM   817  N NE2 . GLN A 1 125 ? 0.215   0.364   -18.298 1.00 40.47  ? 190 GLN A NE2 1 
ATOM   818  N N   . LYS A 1 126 ? -3.439  -0.499  -15.416 1.00 33.74  ? 191 LYS A N   1 
ATOM   819  C CA  . LYS A 1 126 ? -4.534  -0.719  -16.335 1.00 31.42  ? 191 LYS A CA  1 
ATOM   820  C C   . LYS A 1 126 ? -5.521  0.436   -16.277 1.00 31.90  ? 191 LYS A C   1 
ATOM   821  O O   . LYS A 1 126 ? -5.983  0.897   -17.311 1.00 30.49  ? 191 LYS A O   1 
ATOM   822  C CB  . LYS A 1 126 ? -5.250  -2.013  -16.011 1.00 30.34  ? 191 LYS A CB  1 
ATOM   823  C CG  . LYS A 1 126 ? -4.395  -3.253  -16.182 1.00 29.84  ? 191 LYS A CG  1 
ATOM   824  C CD  . LYS A 1 126 ? -3.827  -3.375  -17.576 1.00 32.37  ? 191 LYS A CD  1 
ATOM   825  C CE  . LYS A 1 126 ? -3.546  -4.841  -17.882 1.00 36.37  ? 191 LYS A CE  1 
ATOM   826  N NZ  . LYS A 1 126 ? -3.029  -5.012  -19.274 1.00 38.49  ? 191 LYS A NZ  1 
ATOM   827  N N   . PHE A 1 127 ? -5.804  0.938   -15.085 1.00 30.64  ? 192 PHE A N   1 
ATOM   828  C CA  . PHE A 1 127 ? -6.766  2.010   -14.971 1.00 30.47  ? 192 PHE A CA  1 
ATOM   829  C C   . PHE A 1 127 ? -6.265  3.282   -15.597 1.00 33.13  ? 192 PHE A C   1 
ATOM   830  O O   . PHE A 1 127 ? -7.029  3.978   -16.252 1.00 39.47  ? 192 PHE A O   1 
ATOM   831  C CB  . PHE A 1 127 ? -7.149  2.270   -13.511 1.00 28.58  ? 192 PHE A CB  1 
ATOM   832  C CG  . PHE A 1 127 ? -8.235  1.398   -13.002 1.00 26.92  ? 192 PHE A CG  1 
ATOM   833  C CD1 . PHE A 1 127 ? -8.409  0.091   -13.482 1.00 29.60  ? 192 PHE A CD1 1 
ATOM   834  C CD2 . PHE A 1 127 ? -9.105  1.873   -12.059 1.00 27.78  ? 192 PHE A CD2 1 
ATOM   835  C CE1 . PHE A 1 127 ? -9.448  -0.731  -13.014 1.00 30.87  ? 192 PHE A CE1 1 
ATOM   836  C CE2 . PHE A 1 127 ? -10.142 1.061   -11.558 1.00 30.45  ? 192 PHE A CE2 1 
ATOM   837  C CZ  . PHE A 1 127 ? -10.316 -0.246  -12.039 1.00 30.24  ? 192 PHE A CZ  1 
ATOM   838  N N   . SER A 1 128 ? -4.999  3.609   -15.384 1.00 34.80  ? 193 SER A N   1 
ATOM   839  C CA  . SER A 1 128 ? -4.532  4.967   -15.654 1.00 35.03  ? 193 SER A CA  1 
ATOM   840  C C   . SER A 1 128 ? -3.083  5.053   -16.126 1.00 32.57  ? 193 SER A C   1 
ATOM   841  O O   . SER A 1 128 ? -2.537  6.142   -16.209 1.00 32.29  ? 193 SER A O   1 
ATOM   842  C CB  . SER A 1 128 ? -4.748  5.881   -14.429 1.00 38.83  ? 193 SER A CB  1 
ATOM   843  O OG  . SER A 1 128 ? -6.130  6.050   -14.134 1.00 44.54  ? 193 SER A OG  1 
ATOM   844  N N   . GLY A 1 129 ? -2.470  3.928   -16.457 1.00 28.43  ? 194 GLY A N   1 
ATOM   845  C CA  . GLY A 1 129 ? -1.114  3.959   -16.912 1.00 27.94  ? 194 GLY A CA  1 
ATOM   846  C C   . GLY A 1 129 ? -0.126  3.909   -15.761 1.00 29.78  ? 194 GLY A C   1 
ATOM   847  O O   . GLY A 1 129 ? -0.533  3.775   -14.600 1.00 30.79  ? 194 GLY A O   1 
ATOM   848  N N   . PRO A 1 130 ? 1.175   4.049   -16.075 1.00 28.92  ? 195 PRO A N   1 
ATOM   849  C CA  . PRO A 1 130 ? 2.274   3.662   -15.175 1.00 28.67  ? 195 PRO A CA  1 
ATOM   850  C C   . PRO A 1 130 ? 2.768   4.737   -14.216 1.00 31.46  ? 195 PRO A C   1 
ATOM   851  O O   . PRO A 1 130 ? 3.587   4.412   -13.359 1.00 39.77  ? 195 PRO A O   1 
ATOM   852  C CB  . PRO A 1 130 ? 3.391   3.288   -16.143 1.00 27.70  ? 195 PRO A CB  1 
ATOM   853  C CG  . PRO A 1 130 ? 3.174   4.236   -17.302 1.00 28.56  ? 195 PRO A CG  1 
ATOM   854  C CD  . PRO A 1 130 ? 1.678   4.470   -17.407 1.00 29.84  ? 195 PRO A CD  1 
ATOM   855  N N   . TRP A 1 131 ? 2.288   5.980   -14.325 1.00 28.93  ? 196 TRP A N   1 
ATOM   856  C CA  . TRP A 1 131 ? 2.792   7.074   -13.493 1.00 28.60  ? 196 TRP A CA  1 
ATOM   857  C C   . TRP A 1 131 ? 1.957   7.256   -12.241 1.00 29.89  ? 196 TRP A C   1 
ATOM   858  O O   . TRP A 1 131 ? 1.004   8.055   -12.195 1.00 33.06  ? 196 TRP A O   1 
ATOM   859  C CB  . TRP A 1 131 ? 2.942   8.395   -14.275 1.00 28.12  ? 196 TRP A CB  1 
ATOM   860  C CG  . TRP A 1 131 ? 3.709   8.200   -15.513 1.00 29.98  ? 196 TRP A CG  1 
ATOM   861  C CD1 . TRP A 1 131 ? 3.252   8.343   -16.771 1.00 28.22  ? 196 TRP A CD1 1 
ATOM   862  C CD2 . TRP A 1 131 ? 5.067   7.712   -15.622 1.00 32.38  ? 196 TRP A CD2 1 
ATOM   863  N NE1 . TRP A 1 131 ? 4.239   8.018   -17.676 1.00 29.61  ? 196 TRP A NE1 1 
ATOM   864  C CE2 . TRP A 1 131 ? 5.362   7.620   -17.004 1.00 32.13  ? 196 TRP A CE2 1 
ATOM   865  C CE3 . TRP A 1 131 ? 6.066   7.373   -14.686 1.00 32.32  ? 196 TRP A CE3 1 
ATOM   866  C CZ2 . TRP A 1 131 ? 6.625   7.197   -17.492 1.00 34.35  ? 196 TRP A CZ2 1 
ATOM   867  C CZ3 . TRP A 1 131 ? 7.334   6.957   -15.163 1.00 35.95  ? 196 TRP A CZ3 1 
ATOM   868  C CH2 . TRP A 1 131 ? 7.598   6.869   -16.563 1.00 37.86  ? 196 TRP A CH2 1 
ATOM   869  N N   . PHE A 1 132 ? 2.337   6.492   -11.227 1.00 27.40  ? 197 PHE A N   1 
ATOM   870  C CA  . PHE A 1 132 ? 1.740   6.512   -9.912  1.00 26.59  ? 197 PHE A CA  1 
ATOM   871  C C   . PHE A 1 132 ? 2.769   6.027   -8.868  1.00 27.22  ? 197 PHE A C   1 
ATOM   872  O O   . PHE A 1 132 ? 3.752   5.334   -9.201  1.00 27.53  ? 197 PHE A O   1 
ATOM   873  C CB  . PHE A 1 132 ? 0.487   5.613   -9.880  1.00 25.76  ? 197 PHE A CB  1 
ATOM   874  C CG  . PHE A 1 132 ? 0.767   4.169   -10.191 1.00 23.60  ? 197 PHE A CG  1 
ATOM   875  C CD1 . PHE A 1 132 ? 1.021   3.268   -9.168  1.00 21.67  ? 197 PHE A CD1 1 
ATOM   876  C CD2 . PHE A 1 132 ? 0.756   3.721   -11.504 1.00 21.71  ? 197 PHE A CD2 1 
ATOM   877  C CE1 . PHE A 1 132 ? 1.310   1.953   -9.474  1.00 21.72  ? 197 PHE A CE1 1 
ATOM   878  C CE2 . PHE A 1 132 ? 1.012   2.408   -11.807 1.00 21.02  ? 197 PHE A CE2 1 
ATOM   879  C CZ  . PHE A 1 132 ? 1.297   1.523   -10.790 1.00 21.04  ? 197 PHE A CZ  1 
ATOM   880  N N   . GLY A 1 133 ? 2.505   6.343   -7.610  1.00 26.41  ? 198 GLY A N   1 
ATOM   881  C CA  . GLY A 1 133 ? 3.344   5.914   -6.524  1.00 27.55  ? 198 GLY A CA  1 
ATOM   882  C C   . GLY A 1 133 ? 2.643   6.115   -5.210  1.00 30.05  ? 198 GLY A C   1 
ATOM   883  O O   . GLY A 1 133 ? 1.646   6.838   -5.137  1.00 29.87  ? 198 GLY A O   1 
ATOM   884  N N   . GLY A 1 134 ? 3.178   5.468   -4.173  1.00 29.64  ? 199 GLY A N   1 
ATOM   885  C CA  . GLY A 1 134 ? 2.618   5.568   -2.838  1.00 29.65  ? 199 GLY A CA  1 
ATOM   886  C C   . GLY A 1 134 ? 2.384   4.209   -2.249  1.00 29.24  ? 199 GLY A C   1 
ATOM   887  O O   . GLY A 1 134 ? 2.224   3.227   -2.969  1.00 31.27  ? 199 GLY A O   1 
ATOM   888  N N   . LEU A 1 135 ? 2.341   4.104   -1.003  1.00 29.74  ? 200 LEU A N   1 
ATOM   889  C CA  . LEU A 1 135 ? 2.060   2.983   -0.179  1.00 32.17  ? 200 LEU A CA  1 
ATOM   890  C C   . LEU A 1 135 ? 0.607   2.600   0.005   1.00 32.23  ? 200 LEU A C   1 
ATOM   891  O O   . LEU A 1 135 ? 0.375   1.463   0.462   1.00 33.47  ? 200 LEU A O   1 
ATOM   892  C CB  . LEU A 1 135 ? 2.872   3.006   1.088   1.00 31.89  ? 200 LEU A CB  1 
ATOM   893  C CG  . LEU A 1 135 ? 3.193   1.742   1.834   1.00 32.63  ? 200 LEU A CG  1 
ATOM   894  C CD1 . LEU A 1 135 ? 3.693   0.607   1.003   1.00 32.94  ? 200 LEU A CD1 1 
ATOM   895  C CD2 . LEU A 1 135 ? 4.078   1.947   3.019   1.00 32.63  ? 200 LEU A CD2 1 
ATOM   896  N N   . SER A 1 136 ? -0.316  3.448   -0.298  1.00 32.08  ? 201 SER A N   1 
ATOM   897  C CA  . SER A 1 136 ? -1.735  3.451   -0.245  1.00 31.48  ? 201 SER A CA  1 
ATOM   898  C C   . SER A 1 136 ? -2.413  2.144   -0.651  1.00 31.32  ? 201 SER A C   1 
ATOM   899  O O   . SER A 1 136 ? -3.355  1.756   0.009   1.00 34.35  ? 201 SER A O   1 
ATOM   900  C CB  . SER A 1 136 ? -2.417  4.576   -0.988  1.00 31.85  ? 201 SER A CB  1 
ATOM   901  O OG  . SER A 1 136 ? -2.270  4.594   -2.370  1.00 34.14  ? 201 SER A OG  1 
ATOM   902  N N   . GLY A 1 137 ? -1.902  1.530   -1.666  1.00 28.76  ? 202 GLY A N   1 
ATOM   903  C CA  . GLY A 1 137 ? -2.321  0.259   -2.144  1.00 28.64  ? 202 GLY A CA  1 
ATOM   904  C C   . GLY A 1 137 ? -1.957  -0.845  -1.140  1.00 27.20  ? 202 GLY A C   1 
ATOM   905  O O   . GLY A 1 137 ? -2.834  -1.613  -0.843  1.00 26.88  ? 202 GLY A O   1 
ATOM   906  N N   . VAL A 1 138 ? -0.733  -1.024  -0.766  1.00 26.38  ? 203 VAL A N   1 
ATOM   907  C CA  . VAL A 1 138 ? -0.373  -1.914  0.354   1.00 26.00  ? 203 VAL A CA  1 
ATOM   908  C C   . VAL A 1 138 ? -1.168  -1.599  1.624   1.00 26.09  ? 203 VAL A C   1 
ATOM   909  O O   . VAL A 1 138 ? -1.531  -2.514  2.366   1.00 27.91  ? 203 VAL A O   1 
ATOM   910  C CB  . VAL A 1 138 ? 1.140   -1.856  0.674   1.00 28.03  ? 203 VAL A CB  1 
ATOM   911  C CG1 . VAL A 1 138 ? 1.475   -2.653  1.942   1.00 25.27  ? 203 VAL A CG1 1 
ATOM   912  C CG2 . VAL A 1 138 ? 1.975   -2.328  -0.522  1.00 27.22  ? 203 VAL A CG2 1 
ATOM   913  N N   . VAL A 1 139 ? -1.441  -0.308  1.863   1.00 27.14  ? 204 VAL A N   1 
ATOM   914  C CA  . VAL A 1 139 ? -2.198  0.157   3.039   1.00 26.04  ? 204 VAL A CA  1 
ATOM   915  C C   . VAL A 1 139 ? -3.644  -0.284  2.987   1.00 28.10  ? 204 VAL A C   1 
ATOM   916  O O   . VAL A 1 139 ? -4.195  -0.737  3.999   1.00 31.31  ? 204 VAL A O   1 
ATOM   917  C CB  . VAL A 1 139 ? -2.111  1.678   3.239   1.00 27.60  ? 204 VAL A CB  1 
ATOM   918  C CG1 . VAL A 1 139 ? -3.197  2.188   4.177   1.00 27.59  ? 204 VAL A CG1 1 
ATOM   919  C CG2 . VAL A 1 139 ? -0.759  2.063   3.802   1.00 29.02  ? 204 VAL A CG2 1 
ATOM   920  N N   . PHE A 1 140 ? -4.274  -0.167  1.825   1.00 28.37  ? 205 PHE A N   1 
ATOM   921  C CA  . PHE A 1 140 ? -5.640  -0.663  1.699   1.00 27.48  ? 205 PHE A CA  1 
ATOM   922  C C   . PHE A 1 140 ? -5.744  -2.180  1.855   1.00 27.57  ? 205 PHE A C   1 
ATOM   923  O O   . PHE A 1 140 ? -6.734  -2.705  2.409   1.00 27.35  ? 205 PHE A O   1 
ATOM   924  C CB  . PHE A 1 140 ? -6.266  -0.173  0.423   1.00 29.45  ? 205 PHE A CB  1 
ATOM   925  C CG  . PHE A 1 140 ? -6.998  1.103   0.596   1.00 33.50  ? 205 PHE A CG  1 
ATOM   926  C CD1 . PHE A 1 140 ? -8.339  1.099   0.961   1.00 36.16  ? 205 PHE A CD1 1 
ATOM   927  C CD2 . PHE A 1 140 ? -6.356  2.318   0.420   1.00 36.78  ? 205 PHE A CD2 1 
ATOM   928  C CE1 . PHE A 1 140 ? -9.019  2.287   1.141   1.00 38.24  ? 205 PHE A CE1 1 
ATOM   929  C CE2 . PHE A 1 140 ? -7.038  3.519   0.598   1.00 37.78  ? 205 PHE A CE2 1 
ATOM   930  C CZ  . PHE A 1 140 ? -8.372  3.500   0.955   1.00 36.90  ? 205 PHE A CZ  1 
ATOM   931  N N   . ALA A 1 141 ? -4.727  -2.885  1.365   1.00 26.11  ? 206 ALA A N   1 
ATOM   932  C CA  . ALA A 1 141 ? -4.653  -4.300  1.588   1.00 27.67  ? 206 ALA A CA  1 
ATOM   933  C C   . ALA A 1 141 ? -4.582  -4.588  3.106   1.00 32.56  ? 206 ALA A C   1 
ATOM   934  O O   . ALA A 1 141 ? -5.274  -5.481  3.622   1.00 35.47  ? 206 ALA A O   1 
ATOM   935  C CB  . ALA A 1 141 ? -3.453  -4.886  0.871   1.00 26.23  ? 206 ALA A CB  1 
ATOM   936  N N   . LEU A 1 142 ? -3.744  -3.838  3.816   1.00 30.96  ? 207 LEU A N   1 
ATOM   937  C CA  . LEU A 1 142 ? -3.596  -4.051  5.251   1.00 31.79  ? 207 LEU A CA  1 
ATOM   938  C C   . LEU A 1 142 ? -4.918  -3.814  5.931   1.00 34.83  ? 207 LEU A C   1 
ATOM   939  O O   . LEU A 1 142 ? -5.338  -4.657  6.715   1.00 37.13  ? 207 LEU A O   1 
ATOM   940  C CB  . LEU A 1 142 ? -2.490  -3.175  5.854   1.00 30.94  ? 207 LEU A CB  1 
ATOM   941  C CG  . LEU A 1 142 ? -1.045  -3.672  5.609   1.00 31.82  ? 207 LEU A CG  1 
ATOM   942  C CD1 . LEU A 1 142 ? -0.071  -2.563  5.997   1.00 30.00  ? 207 LEU A CD1 1 
ATOM   943  C CD2 . LEU A 1 142 ? -0.717  -5.004  6.305   1.00 30.28  ? 207 LEU A CD2 1 
ATOM   944  N N   . MET A 1 143 ? -5.575  -2.693  5.601   1.00 35.92  ? 208 MET A N   1 
ATOM   945  C CA  . MET A 1 143 ? -6.920  -2.360  6.116   1.00 36.98  ? 208 MET A CA  1 
ATOM   946  C C   . MET A 1 143 ? -7.934  -3.459  5.808   1.00 35.52  ? 208 MET A C   1 
ATOM   947  O O   . MET A 1 143 ? -8.660  -3.866  6.691   1.00 38.30  ? 208 MET A O   1 
ATOM   948  C CB  . MET A 1 143 ? -7.431  -1.005  5.594   1.00 41.49  ? 208 MET A CB  1 
ATOM   949  C CG  . MET A 1 143 ? -6.799  0.204   6.258   1.00 48.59  ? 208 MET A CG  1 
ATOM   950  S SD  . MET A 1 143 ? -7.438  1.851   5.868   1.00 66.45  ? 208 MET A SD  1 
ATOM   951  C CE  . MET A 1 143 ? -7.143  1.937   4.122   1.00 58.39  ? 208 MET A CE  1 
ATOM   952  N N   . GLY A 1 144 ? -7.969  -3.945  4.571   1.00 33.70  ? 209 GLY A N   1 
ATOM   953  C CA  . GLY A 1 144 ? -8.818  -5.078  4.219   1.00 30.86  ? 209 GLY A CA  1 
ATOM   954  C C   . GLY A 1 144 ? -8.474  -6.335  5.011   1.00 33.35  ? 209 GLY A C   1 
ATOM   955  O O   . GLY A 1 144 ? -9.364  -7.055  5.511   1.00 31.52  ? 209 GLY A O   1 
ATOM   956  N N   . TYR A 1 145 ? -7.173  -6.596  5.154   1.00 33.48  ? 210 TYR A N   1 
ATOM   957  C CA  . TYR A 1 145 ? -6.695  -7.782  5.883   1.00 31.94  ? 210 TYR A CA  1 
ATOM   958  C C   . TYR A 1 145 ? -7.030  -7.747  7.397   1.00 33.08  ? 210 TYR A C   1 
ATOM   959  O O   . TYR A 1 145 ? -7.567  -8.691  7.941   1.00 28.59  ? 210 TYR A O   1 
ATOM   960  C CB  . TYR A 1 145 ? -5.192  -7.949  5.692   1.00 31.16  ? 210 TYR A CB  1 
ATOM   961  C CG  . TYR A 1 145 ? -4.706  -9.226  6.266   1.00 31.07  ? 210 TYR A CG  1 
ATOM   962  C CD1 . TYR A 1 145 ? -4.654  -10.368 5.478   1.00 29.79  ? 210 TYR A CD1 1 
ATOM   963  C CD2 . TYR A 1 145 ? -4.320  -9.320  7.632   1.00 29.43  ? 210 TYR A CD2 1 
ATOM   964  C CE1 . TYR A 1 145 ? -4.221  -11.582 6.011   1.00 30.30  ? 210 TYR A CE1 1 
ATOM   965  C CE2 . TYR A 1 145 ? -3.899  -10.536 8.171   1.00 28.62  ? 210 TYR A CE2 1 
ATOM   966  C CZ  . TYR A 1 145 ? -3.850  -11.655 7.354   1.00 29.95  ? 210 TYR A CZ  1 
ATOM   967  O OH  . TYR A 1 145 ? -3.453  -12.862 7.845   1.00 28.94  ? 210 TYR A OH  1 
ATOM   968  N N   . VAL A 1 146 ? -6.659  -6.651  8.059   1.00 36.97  ? 211 VAL A N   1 
ATOM   969  C CA  . VAL A 1 146 ? -6.809  -6.492  9.505   1.00 36.46  ? 211 VAL A CA  1 
ATOM   970  C C   . VAL A 1 146 ? -8.292  -6.574  9.833   1.00 39.65  ? 211 VAL A C   1 
ATOM   971  O O   . VAL A 1 146 ? -8.668  -7.286  10.765  1.00 44.64  ? 211 VAL A O   1 
ATOM   972  C CB  . VAL A 1 146 ? -6.193  -5.161  10.037  1.00 31.98  ? 211 VAL A CB  1 
ATOM   973  C CG1 . VAL A 1 146 ? -6.526  -4.916  11.482  1.00 30.04  ? 211 VAL A CG1 1 
ATOM   974  C CG2 . VAL A 1 146 ? -4.693  -5.166  9.912   1.00 32.90  ? 211 VAL A CG2 1 
ATOM   975  N N   . TRP A 1 147 ? -9.118  -5.841  9.082   1.00 39.46  ? 212 TRP A N   1 
ATOM   976  C CA  . TRP A 1 147 ? -10.562 -5.825  9.305   1.00 39.92  ? 212 TRP A CA  1 
ATOM   977  C C   . TRP A 1 147 ? -11.221 -7.225  9.122   1.00 40.58  ? 212 TRP A C   1 
ATOM   978  O O   . TRP A 1 147 ? -11.946 -7.691  10.003  1.00 41.43  ? 212 TRP A O   1 
ATOM   979  C CB  . TRP A 1 147 ? -11.242 -4.745  8.459   1.00 41.33  ? 212 TRP A CB  1 
ATOM   980  C CG  . TRP A 1 147 ? -12.717 -4.813  8.553   1.00 50.21  ? 212 TRP A CG  1 
ATOM   981  C CD1 . TRP A 1 147 ? -13.485 -4.338  9.575   1.00 54.41  ? 212 TRP A CD1 1 
ATOM   982  C CD2 . TRP A 1 147 ? -13.631 -5.450  7.630   1.00 52.93  ? 212 TRP A CD2 1 
ATOM   983  N NE1 . TRP A 1 147 ? -14.817 -4.627  9.348   1.00 54.08  ? 212 TRP A NE1 1 
ATOM   984  C CE2 . TRP A 1 147 ? -14.935 -5.310  8.166   1.00 55.83  ? 212 TRP A CE2 1 
ATOM   985  C CE3 . TRP A 1 147 ? -13.476 -6.122  6.407   1.00 52.15  ? 212 TRP A CE3 1 
ATOM   986  C CZ2 . TRP A 1 147 ? -16.084 -5.797  7.507   1.00 55.30  ? 212 TRP A CZ2 1 
ATOM   987  C CZ3 . TRP A 1 147 ? -14.618 -6.610  5.761   1.00 53.00  ? 212 TRP A CZ3 1 
ATOM   988  C CH2 . TRP A 1 147 ? -15.902 -6.441  6.313   1.00 54.41  ? 212 TRP A CH2 1 
ATOM   989  N N   . LEU A 1 148 ? -10.972 -7.889  7.995   1.00 39.00  ? 213 LEU A N   1 
ATOM   990  C CA  . LEU A 1 148 ? -11.569 -9.198  7.784   1.00 40.29  ? 213 LEU A CA  1 
ATOM   991  C C   . LEU A 1 148 ? -11.002 -10.241 8.751   1.00 42.00  ? 213 LEU A C   1 
ATOM   992  O O   . LEU A 1 148 ? -11.764 -11.083 9.231   1.00 43.39  ? 213 LEU A O   1 
ATOM   993  C CB  . LEU A 1 148 ? -11.502 -9.657  6.314   1.00 41.90  ? 213 LEU A CB  1 
ATOM   994  C CG  . LEU A 1 148 ? -12.325 -10.879 5.816   1.00 45.12  ? 213 LEU A CG  1 
ATOM   995  C CD1 . LEU A 1 148 ? -12.543 -10.869 4.315   1.00 43.66  ? 213 LEU A CD1 1 
ATOM   996  C CD2 . LEU A 1 148 ? -11.640 -12.194 6.115   1.00 50.99  ? 213 LEU A CD2 1 
ATOM   997  N N   . ARG A 1 149 ? -9.697  -10.191 9.057   1.00 43.47  ? 214 ARG A N   1 
ATOM   998  C CA  . ARG A 1 149 ? -9.131  -11.089 10.087  1.00 45.59  ? 214 ARG A CA  1 
ATOM   999  C C   . ARG A 1 149 ? -9.766  -10.869 11.445  1.00 46.80  ? 214 ARG A C   1 
ATOM   1000 O O   . ARG A 1 149 ? -9.968  -11.818 12.156  1.00 48.32  ? 214 ARG A O   1 
ATOM   1001 C CB  . ARG A 1 149 ? -7.618  -10.962 10.271  1.00 48.03  ? 214 ARG A CB  1 
ATOM   1002 C CG  . ARG A 1 149 ? -6.737  -11.779 9.351   1.00 50.89  ? 214 ARG A CG  1 
ATOM   1003 C CD  . ARG A 1 149 ? -7.132  -13.225 9.225   1.00 51.87  ? 214 ARG A CD  1 
ATOM   1004 N NE  . ARG A 1 149 ? -6.781  -14.021 10.393  1.00 53.74  ? 214 ARG A NE  1 
ATOM   1005 C CZ  . ARG A 1 149 ? -5.597  -14.583 10.628  1.00 51.93  ? 214 ARG A CZ  1 
ATOM   1006 N NH1 . ARG A 1 149 ? -4.547  -14.422 9.811   1.00 50.67  ? 214 ARG A NH1 1 
ATOM   1007 N NH2 . ARG A 1 149 ? -5.467  -15.307 11.718  1.00 54.50  ? 214 ARG A NH2 1 
ATOM   1008 N N   . GLY A 1 150 ? -10.057 -9.615  11.797  1.00 50.05  ? 215 GLY A N   1 
ATOM   1009 C CA  . GLY A 1 150 ? -10.694 -9.283  13.061  1.00 51.42  ? 215 GLY A CA  1 
ATOM   1010 C C   . GLY A 1 150 ? -12.079 -9.884  13.206  1.00 57.42  ? 215 GLY A C   1 
ATOM   1011 O O   . GLY A 1 150 ? -12.425 -10.426 14.266  1.00 59.06  ? 215 GLY A O   1 
ATOM   1012 N N   . GLU A 1 151 ? -12.876 -9.786  12.141  1.00 61.25  ? 216 GLU A N   1 
ATOM   1013 C CA  . GLU A 1 151 ? -14.233 -10.328 12.157  1.00 62.92  ? 216 GLU A CA  1 
ATOM   1014 C C   . GLU A 1 151 ? -14.197 -11.833 12.275  1.00 65.57  ? 216 GLU A C   1 
ATOM   1015 O O   . GLU A 1 151 ? -14.534 -12.389 13.334  1.00 71.08  ? 216 GLU A O   1 
ATOM   1016 C CB  . GLU A 1 151 ? -15.050 -9.905  10.931  1.00 59.45  ? 216 GLU A CB  1 
ATOM   1017 C CG  . GLU A 1 151 ? -15.065 -8.415  10.679  1.00 59.56  ? 216 GLU A CG  1 
ATOM   1018 C CD  . GLU A 1 151 ? -15.667 -7.596  11.801  1.00 65.15  ? 216 GLU A CD  1 
ATOM   1019 O OE1 . GLU A 1 151 ? -15.977 -8.115  12.899  1.00 71.25  ? 216 GLU A OE1 1 
ATOM   1020 O OE2 . GLU A 1 151 ? -15.859 -6.387  11.572  1.00 77.10  ? 216 GLU A OE2 1 
ATOM   1021 N N   . ARG A 1 152 ? -13.739 -12.474 11.202  1.00 61.97  ? 217 ARG A N   1 
ATOM   1022 C CA  . ARG A 1 152 ? -13.720 -13.929 11.103  1.00 65.75  ? 217 ARG A CA  1 
ATOM   1023 C C   . ARG A 1 152 ? -12.891 -14.645 12.172  1.00 65.17  ? 217 ARG A C   1 
ATOM   1024 O O   . ARG A 1 152 ? -13.171 -15.782 12.503  1.00 68.15  ? 217 ARG A O   1 
ATOM   1025 C CB  . ARG A 1 152 ? -13.261 -14.360 9.711   1.00 59.64  ? 217 ARG A CB  1 
ATOM   1026 C CG  . ARG A 1 152 ? -14.311 -14.104 8.666   1.00 59.71  ? 217 ARG A CG  1 
ATOM   1027 C CD  . ARG A 1 152 ? -13.893 -14.597 7.311   1.00 62.75  ? 217 ARG A CD  1 
ATOM   1028 N NE  . ARG A 1 152 ? -13.388 -15.955 7.369   1.00 68.42  ? 217 ARG A NE  1 
ATOM   1029 C CZ  . ARG A 1 152 ? -14.089 -17.042 7.088   1.00 79.33  ? 217 ARG A CZ  1 
ATOM   1030 N NH1 . ARG A 1 152 ? -15.362 -16.969 6.704   1.00 84.48  ? 217 ARG A NH1 1 
ATOM   1031 N NH2 . ARG A 1 152 ? -13.502 -18.223 7.185   1.00 92.27  ? 217 ARG A NH2 1 
ATOM   1032 N N   . ASP A 1 153 ? -11.887 -13.968 12.709  1.00 68.08  ? 218 ASP A N   1 
ATOM   1033 C CA  . ASP A 1 153 ? -10.829 -14.636 13.452  1.00 73.31  ? 218 ASP A CA  1 
ATOM   1034 C C   . ASP A 1 153 ? -10.366 -13.695 14.578  1.00 73.63  ? 218 ASP A C   1 
ATOM   1035 O O   . ASP A 1 153 ? -9.171  -13.317 14.639  1.00 71.14  ? 218 ASP A O   1 
ATOM   1036 C CB  . ASP A 1 153 ? -9.687  -14.971 12.463  1.00 79.43  ? 218 ASP A CB  1 
ATOM   1037 C CG  . ASP A 1 153 ? -8.740  -16.040 12.971  1.00 87.86  ? 218 ASP A CG  1 
ATOM   1038 O OD1 . ASP A 1 153 ? -8.221  -15.949 14.112  1.00 92.24  ? 218 ASP A OD1 1 
ATOM   1039 O OD2 . ASP A 1 153 ? -8.500  -16.979 12.189  1.00 94.77  ? 218 ASP A OD2 1 
ATOM   1040 N N   . PRO A 1 154 ? -11.304 -13.294 15.476  1.00 74.54  ? 219 PRO A N   1 
ATOM   1041 C CA  . PRO A 1 154 ? -10.897 -12.357 16.546  1.00 73.38  ? 219 PRO A CA  1 
ATOM   1042 C C   . PRO A 1 154 ? -9.674  -12.858 17.353  1.00 72.76  ? 219 PRO A C   1 
ATOM   1043 O O   . PRO A 1 154 ? -8.918  -12.048 17.894  1.00 71.16  ? 219 PRO A O   1 
ATOM   1044 C CB  . PRO A 1 154 ? -12.165 -12.239 17.415  1.00 71.12  ? 219 PRO A CB  1 
ATOM   1045 C CG  . PRO A 1 154 ? -13.289 -12.674 16.534  1.00 69.10  ? 219 PRO A CG  1 
ATOM   1046 C CD  . PRO A 1 154 ? -12.703 -13.740 15.651  1.00 70.92  ? 219 PRO A CD  1 
ATOM   1047 N N   . GLN A 1 155 ? -9.503  -14.185 17.370  1.00 75.39  ? 220 GLN A N   1 
ATOM   1048 C CA  . GLN A 1 155 ? -8.367  -14.930 17.937  1.00 79.59  ? 220 GLN A CA  1 
ATOM   1049 C C   . GLN A 1 155 ? -7.003  -14.305 17.664  1.00 84.71  ? 220 GLN A C   1 
ATOM   1050 O O   . GLN A 1 155 ? -6.201  -14.123 18.591  1.00 85.98  ? 220 GLN A O   1 
ATOM   1051 C CB  . GLN A 1 155 ? -8.309  -16.363 17.370  1.00 86.83  ? 220 GLN A CB  1 
ATOM   1052 C CG  . GLN A 1 155 ? -9.632  -17.069 17.117  1.00 99.74  ? 220 GLN A CG  1 
ATOM   1053 C CD  . GLN A 1 155 ? -10.174 -17.735 18.365  1.00 118.93 ? 220 GLN A CD  1 
ATOM   1054 O OE1 . GLN A 1 155 ? -11.130 -17.249 18.979  1.00 137.39 ? 220 GLN A OE1 1 
ATOM   1055 N NE2 . GLN A 1 155 ? -9.556  -18.852 18.759  1.00 121.09 ? 220 GLN A NE2 1 
ATOM   1056 N N   . SER A 1 156 ? -6.755  -13.994 16.386  1.00 86.26  ? 221 SER A N   1 
ATOM   1057 C CA  . SER A 1 156 ? -5.466  -13.494 15.885  1.00 73.98  ? 221 SER A CA  1 
ATOM   1058 C C   . SER A 1 156 ? -4.904  -12.283 16.654  1.00 72.21  ? 221 SER A C   1 
ATOM   1059 O O   . SER A 1 156 ? -3.723  -11.974 16.527  1.00 78.95  ? 221 SER A O   1 
ATOM   1060 C CB  . SER A 1 156 ? -5.562  -13.198 14.377  1.00 72.56  ? 221 SER A CB  1 
ATOM   1061 O OG  . SER A 1 156 ? -6.633  -12.315 14.084  1.00 64.86  ? 221 SER A OG  1 
ATOM   1062 N N   . GLY A 1 157 ? -5.744  -11.627 17.461  1.00 65.87  ? 222 GLY A N   1 
ATOM   1063 C CA  . GLY A 1 157 ? -5.344  -10.480 18.266  1.00 60.30  ? 222 GLY A CA  1 
ATOM   1064 C C   . GLY A 1 157 ? -5.162  -9.237  17.422  1.00 62.49  ? 222 GLY A C   1 
ATOM   1065 O O   . GLY A 1 157 ? -4.382  -8.355  17.778  1.00 64.23  ? 222 GLY A O   1 
ATOM   1066 N N   . ILE A 1 158 ? -5.853  -9.199  16.276  1.00 70.28  ? 223 ILE A N   1 
ATOM   1067 C CA  . ILE A 1 158 ? -5.919  -8.022  15.387  1.00 69.24  ? 223 ILE A CA  1 
ATOM   1068 C C   . ILE A 1 158 ? -7.352  -7.788  14.943  1.00 64.80  ? 223 ILE A C   1 
ATOM   1069 O O   . ILE A 1 158 ? -8.125  -8.728  14.762  1.00 63.74  ? 223 ILE A O   1 
ATOM   1070 C CB  . ILE A 1 158 ? -5.013  -8.113  14.114  1.00 70.20  ? 223 ILE A CB  1 
ATOM   1071 C CG1 . ILE A 1 158 ? -5.543  -9.141  13.107  1.00 66.25  ? 223 ILE A CG1 1 
ATOM   1072 C CG2 . ILE A 1 158 ? -3.546  -8.367  14.463  1.00 67.61  ? 223 ILE A CG2 1 
ATOM   1073 C CD1 . ILE A 1 158 ? -4.980  -8.934  11.727  1.00 61.65  ? 223 ILE A CD1 1 
ATOM   1074 N N   . TYR A 1 159 ? -7.686  -6.518  14.774  1.00 67.67  ? 224 TYR A N   1 
ATOM   1075 C CA  . TYR A 1 159 ? -9.002  -6.095  14.295  1.00 71.77  ? 224 TYR A CA  1 
ATOM   1076 C C   . TYR A 1 159 ? -8.959  -4.632  13.877  1.00 65.43  ? 224 TYR A C   1 
ATOM   1077 O O   . TYR A 1 159 ? -8.103  -3.853  14.331  1.00 60.85  ? 224 TYR A O   1 
ATOM   1078 C CB  . TYR A 1 159 ? -10.086 -6.298  15.366  1.00 80.07  ? 224 TYR A CB  1 
ATOM   1079 C CG  . TYR A 1 159 ? -9.855  -5.482  16.615  1.00 94.37  ? 224 TYR A CG  1 
ATOM   1080 C CD1 . TYR A 1 159 ? -10.438 -4.213  16.765  1.00 96.78  ? 224 TYR A CD1 1 
ATOM   1081 C CD2 . TYR A 1 159 ? -9.042  -5.973  17.648  1.00 102.86 ? 224 TYR A CD2 1 
ATOM   1082 C CE1 . TYR A 1 159 ? -10.210 -3.455  17.906  1.00 104.40 ? 224 TYR A CE1 1 
ATOM   1083 C CE2 . TYR A 1 159 ? -8.816  -5.226  18.796  1.00 109.80 ? 224 TYR A CE2 1 
ATOM   1084 C CZ  . TYR A 1 159 ? -9.400  -3.971  18.917  1.00 110.92 ? 224 TYR A CZ  1 
ATOM   1085 O OH  . TYR A 1 159 ? -9.177  -3.237  20.053  1.00 125.47 ? 224 TYR A OH  1 
ATOM   1086 N N   . LEU A 1 160 ? -9.894  -4.263  13.016  1.00 60.10  ? 225 LEU A N   1 
ATOM   1087 C CA  . LEU A 1 160 ? -10.042 -2.875  12.626  1.00 62.80  ? 225 LEU A CA  1 
ATOM   1088 C C   . LEU A 1 160 ? -11.294 -2.301  13.290  1.00 64.77  ? 225 LEU A C   1 
ATOM   1089 O O   . LEU A 1 160 ? -12.369 -2.919  13.290  1.00 65.67  ? 225 LEU A O   1 
ATOM   1090 C CB  . LEU A 1 160 ? -10.075 -2.730  11.092  1.00 59.00  ? 225 LEU A CB  1 
ATOM   1091 C CG  . LEU A 1 160 ? -9.694  -1.398  10.454  1.00 52.81  ? 225 LEU A CG  1 
ATOM   1092 C CD1 . LEU A 1 160 ? -8.261  -1.036  10.791  1.00 51.13  ? 225 LEU A CD1 1 
ATOM   1093 C CD2 . LEU A 1 160 ? -9.917  -1.419  8.952   1.00 50.23  ? 225 LEU A CD2 1 
ATOM   1094 N N   . GLN A 1 161 ? -11.109 -1.128  13.882  1.00 69.93  ? 226 GLN A N   1 
ATOM   1095 C CA  . GLN A 1 161 ? -12.158 -0.367  14.521  1.00 76.51  ? 226 GLN A CA  1 
ATOM   1096 C C   . GLN A 1 161 ? -13.158 0.163   13.473  1.00 77.14  ? 226 GLN A C   1 
ATOM   1097 O O   . GLN A 1 161 ? -12.797 0.415   12.311  1.00 71.71  ? 226 GLN A O   1 
ATOM   1098 C CB  . GLN A 1 161 ? -11.502 0.759   15.341  1.00 86.41  ? 226 GLN A CB  1 
ATOM   1099 C CG  . GLN A 1 161 ? -12.448 1.756   16.002  1.00 98.85  ? 226 GLN A CG  1 
ATOM   1100 C CD  . GLN A 1 161 ? -11.734 2.999   16.504  1.00 106.63 ? 226 GLN A CD  1 
ATOM   1101 O OE1 . GLN A 1 161 ? -10.509 3.017   16.641  1.00 111.68 ? 226 GLN A OE1 1 
ATOM   1102 N NE2 . GLN A 1 161 ? -12.501 4.048   16.783  1.00 108.40 ? 226 GLN A NE2 1 
ATOM   1103 N N   . ARG A 1 162 ? -14.410 0.316   13.907  1.00 78.40  ? 227 ARG A N   1 
ATOM   1104 C CA  . ARG A 1 162 ? -15.528 0.782   13.081  1.00 82.86  ? 227 ARG A CA  1 
ATOM   1105 C C   . ARG A 1 162 ? -15.258 2.192   12.525  1.00 77.20  ? 227 ARG A C   1 
ATOM   1106 O O   . ARG A 1 162 ? -15.595 2.506   11.380  1.00 76.17  ? 227 ARG A O   1 
ATOM   1107 C CB  . ARG A 1 162 ? -16.813 0.770   13.936  1.00 91.74  ? 227 ARG A CB  1 
ATOM   1108 C CG  . ARG A 1 162 ? -18.117 0.391   13.222  1.00 101.48 ? 227 ARG A CG  1 
ATOM   1109 C CD  . ARG A 1 162 ? -19.315 1.112   13.844  1.00 109.44 ? 227 ARG A CD  1 
ATOM   1110 N NE  . ARG A 1 162 ? -20.442 1.282   12.909  1.00 114.45 ? 227 ARG A NE  1 
ATOM   1111 C CZ  . ARG A 1 162 ? -21.692 0.856   13.106  1.00 123.52 ? 227 ARG A CZ  1 
ATOM   1112 N NH1 . ARG A 1 162 ? -22.048 0.217   14.224  1.00 123.49 ? 227 ARG A NH1 1 
ATOM   1113 N NH2 . ARG A 1 162 ? -22.603 1.086   12.167  1.00 130.50 ? 227 ARG A NH2 1 
ATOM   1114 N N   . GLY A 1 163 ? -14.644 3.028   13.354  1.00 78.29  ? 228 GLY A N   1 
ATOM   1115 C CA  . GLY A 1 163 ? -14.279 4.386   12.970  1.00 81.58  ? 228 GLY A CA  1 
ATOM   1116 C C   . GLY A 1 163 ? -13.229 4.471   11.869  1.00 81.12  ? 228 GLY A C   1 
ATOM   1117 O O   . GLY A 1 163 ? -13.095 5.511   11.214  1.00 82.00  ? 228 GLY A O   1 
ATOM   1118 N N   . LEU A 1 164 ? -12.494 3.378   11.664  1.00 72.61  ? 229 LEU A N   1 
ATOM   1119 C CA  . LEU A 1 164 ? -11.404 3.345   10.702  1.00 65.13  ? 229 LEU A CA  1 
ATOM   1120 C C   . LEU A 1 164 ? -11.835 2.772   9.368   1.00 67.95  ? 229 LEU A C   1 
ATOM   1121 O O   . LEU A 1 164 ? -11.420 3.292   8.319   1.00 69.18  ? 229 LEU A O   1 
ATOM   1122 C CB  . LEU A 1 164 ? -10.200 2.594   11.270  1.00 57.26  ? 229 LEU A CB  1 
ATOM   1123 C CG  . LEU A 1 164 ? -9.645  3.163   12.577  1.00 57.43  ? 229 LEU A CG  1 
ATOM   1124 C CD1 . LEU A 1 164 ? -8.383  2.418   12.972  1.00 60.02  ? 229 LEU A CD1 1 
ATOM   1125 C CD2 . LEU A 1 164 ? -9.389  4.666   12.505  1.00 54.21  ? 229 LEU A CD2 1 
ATOM   1126 N N   . ILE A 1 165 ? -12.660 1.717   9.408   1.00 68.84  ? 230 ILE A N   1 
ATOM   1127 C CA  . ILE A 1 165 ? -13.198 1.107   8.178   1.00 74.34  ? 230 ILE A CA  1 
ATOM   1128 C C   . ILE A 1 165 ? -14.221 2.014   7.503   1.00 76.61  ? 230 ILE A C   1 
ATOM   1129 O O   . ILE A 1 165 ? -14.480 1.873   6.304   1.00 82.56  ? 230 ILE A O   1 
ATOM   1130 C CB  . ILE A 1 165 ? -13.772 -0.323  8.392   1.00 73.05  ? 230 ILE A CB  1 
ATOM   1131 C CG1 . ILE A 1 165 ? -13.892 -1.099  7.049   1.00 74.24  ? 230 ILE A CG1 1 
ATOM   1132 C CG2 . ILE A 1 165 ? -15.104 -0.271  9.137   1.00 64.23  ? 230 ILE A CG2 1 
ATOM   1133 C CD1 . ILE A 1 165 ? -12.631 -1.198  6.188   1.00 64.55  ? 230 ILE A CD1 1 
ATOM   1134 N N   . ILE A 1 166 ? -14.801 2.928   8.280   1.00 76.61  ? 231 ILE A N   1 
ATOM   1135 C CA  . ILE A 1 166 ? -15.672 3.963   7.729   1.00 77.03  ? 231 ILE A CA  1 
ATOM   1136 C C   . ILE A 1 166 ? -14.830 5.000   7.000   1.00 69.53  ? 231 ILE A C   1 
ATOM   1137 O O   . ILE A 1 166 ? -15.119 5.331   5.848   1.00 72.10  ? 231 ILE A O   1 
ATOM   1138 C CB  . ILE A 1 166 ? -16.624 4.612   8.778   1.00 85.44  ? 231 ILE A CB  1 
ATOM   1139 C CG1 . ILE A 1 166 ? -15.848 5.410   9.852   1.00 87.33  ? 231 ILE A CG1 1 
ATOM   1140 C CG2 . ILE A 1 166 ? -17.580 3.559   9.352   1.00 83.09  ? 231 ILE A CG2 1 
ATOM   1141 C CD1 . ILE A 1 166 ? -16.683 6.169   10.869  1.00 89.40  ? 231 ILE A CD1 1 
ATOM   1142 N N   . PHE A 1 167 ? -13.775 5.467   7.661   1.00 60.68  ? 232 PHE A N   1 
ATOM   1143 C CA  . PHE A 1 167 ? -12.879 6.439   7.067   1.00 66.88  ? 232 PHE A CA  1 
ATOM   1144 C C   . PHE A 1 167 ? -12.189 5.847   5.832   1.00 66.52  ? 232 PHE A C   1 
ATOM   1145 O O   . PHE A 1 167 ? -11.966 6.545   4.849   1.00 64.66  ? 232 PHE A O   1 
ATOM   1146 C CB  . PHE A 1 167 ? -11.866 6.967   8.090   1.00 67.96  ? 232 PHE A CB  1 
ATOM   1147 C CG  . PHE A 1 167 ? -10.788 7.796   7.482   1.00 70.60  ? 232 PHE A CG  1 
ATOM   1148 C CD1 . PHE A 1 167 ? -11.069 9.062   6.933   1.00 76.09  ? 232 PHE A CD1 1 
ATOM   1149 C CD2 . PHE A 1 167 ? -9.496  7.308   7.411   1.00 69.00  ? 232 PHE A CD2 1 
ATOM   1150 C CE1 . PHE A 1 167 ? -10.060 9.821   6.334   1.00 78.77  ? 232 PHE A CE1 1 
ATOM   1151 C CE2 . PHE A 1 167 ? -8.486  8.071   6.824   1.00 71.43  ? 232 PHE A CE2 1 
ATOM   1152 C CZ  . PHE A 1 167 ? -8.763  9.326   6.286   1.00 71.18  ? 232 PHE A CZ  1 
ATOM   1153 N N   . ALA A 1 168 ? -11.877 4.555   5.897   1.00 61.21  ? 233 ALA A N   1 
ATOM   1154 C CA  . ALA A 1 168 ? -11.314 3.832   4.769   1.00 52.70  ? 233 ALA A CA  1 
ATOM   1155 C C   . ALA A 1 168 ? -12.257 3.879   3.567   1.00 51.88  ? 233 ALA A C   1 
ATOM   1156 O O   . ALA A 1 168 ? -11.834 4.163   2.459   1.00 47.43  ? 233 ALA A O   1 
ATOM   1157 C CB  . ALA A 1 168 ? -11.022 2.399   5.179   1.00 51.41  ? 233 ALA A CB  1 
ATOM   1158 N N   . LEU A 1 169 ? -13.540 3.612   3.814   1.00 56.89  ? 234 LEU A N   1 
ATOM   1159 C CA  . LEU A 1 169 ? -14.587 3.675   2.790   1.00 65.59  ? 234 LEU A CA  1 
ATOM   1160 C C   . LEU A 1 169 ? -14.822 5.087   2.255   1.00 70.46  ? 234 LEU A C   1 
ATOM   1161 O O   . LEU A 1 169 ? -15.116 5.275   1.071   1.00 65.74  ? 234 LEU A O   1 
ATOM   1162 C CB  . LEU A 1 169 ? -15.901 3.084   3.319   1.00 65.16  ? 234 LEU A CB  1 
ATOM   1163 C CG  . LEU A 1 169 ? -15.975 1.572   3.108   1.00 68.68  ? 234 LEU A CG  1 
ATOM   1164 C CD1 . LEU A 1 169 ? -17.189 0.964   3.804   1.00 61.28  ? 234 LEU A CD1 1 
ATOM   1165 C CD2 . LEU A 1 169 ? -15.924 1.234   1.611   1.00 67.70  ? 234 LEU A CD2 1 
ATOM   1166 N N   . ILE A 1 170 ? -14.709 6.064   3.151   1.00 75.28  ? 235 ILE A N   1 
ATOM   1167 C CA  . ILE A 1 170 ? -14.735 7.475   2.793   1.00 72.69  ? 235 ILE A CA  1 
ATOM   1168 C C   . ILE A 1 170 ? -13.515 7.825   1.933   1.00 66.31  ? 235 ILE A C   1 
ATOM   1169 O O   . ILE A 1 170 ? -13.651 8.514   0.930   1.00 64.44  ? 235 ILE A O   1 
ATOM   1170 C CB  . ILE A 1 170 ? -14.810 8.362   4.067   1.00 78.09  ? 235 ILE A CB  1 
ATOM   1171 C CG1 . ILE A 1 170 ? -16.206 8.270   4.729   1.00 81.60  ? 235 ILE A CG1 1 
ATOM   1172 C CG2 . ILE A 1 170 ? -14.380 9.812   3.797   1.00 81.57  ? 235 ILE A CG2 1 
ATOM   1173 C CD1 . ILE A 1 170 ? -17.387 8.771   3.910   1.00 82.46  ? 235 ILE A CD1 1 
ATOM   1174 N N   . TRP A 1 171 ? -12.341 7.338   2.339   1.00 56.78  ? 236 TRP A N   1 
ATOM   1175 C CA  . TRP A 1 171 ? -11.077 7.599   1.658   1.00 53.15  ? 236 TRP A CA  1 
ATOM   1176 C C   . TRP A 1 171 ? -11.128 7.095   0.219   1.00 51.28  ? 236 TRP A C   1 
ATOM   1177 O O   . TRP A 1 171 ? -10.715 7.833   -0.685  1.00 50.12  ? 236 TRP A O   1 
ATOM   1178 C CB  . TRP A 1 171 ? -9.905  7.030   2.492   1.00 52.39  ? 236 TRP A CB  1 
ATOM   1179 C CG  . TRP A 1 171 ? -8.505  7.035   1.918   1.00 52.05  ? 236 TRP A CG  1 
ATOM   1180 C CD1 . TRP A 1 171 ? -8.064  7.650   0.763   1.00 52.83  ? 236 TRP A CD1 1 
ATOM   1181 C CD2 . TRP A 1 171 ? -7.351  6.405   2.494   1.00 51.63  ? 236 TRP A CD2 1 
ATOM   1182 N NE1 . TRP A 1 171 ? -6.722  7.413   0.580   1.00 50.13  ? 236 TRP A NE1 1 
ATOM   1183 C CE2 . TRP A 1 171 ? -6.258  6.654   1.628   1.00 53.93  ? 236 TRP A CE2 1 
ATOM   1184 C CE3 . TRP A 1 171 ? -7.134  5.639   3.651   1.00 54.50  ? 236 TRP A CE3 1 
ATOM   1185 C CZ2 . TRP A 1 171 ? -4.947  6.174   1.902   1.00 54.32  ? 236 TRP A CZ2 1 
ATOM   1186 C CZ3 . TRP A 1 171 ? -5.818  5.165   3.923   1.00 55.97  ? 236 TRP A CZ3 1 
ATOM   1187 C CH2 . TRP A 1 171 ? -4.752  5.432   3.042   1.00 50.82  ? 236 TRP A CH2 1 
ATOM   1188 N N   . ILE A 1 172 ? -11.680 5.892   0.006   1.00 53.00  ? 237 ILE A N   1 
ATOM   1189 C CA  . ILE A 1 172 ? -11.892 5.335   -1.360  1.00 59.31  ? 237 ILE A CA  1 
ATOM   1190 C C   . ILE A 1 172 ? -12.826 6.188   -2.240  1.00 60.55  ? 237 ILE A C   1 
ATOM   1191 O O   . ILE A 1 172 ? -12.455 6.597   -3.352  1.00 62.33  ? 237 ILE A O   1 
ATOM   1192 C CB  . ILE A 1 172 ? -12.488 3.905   -1.369  1.00 62.77  ? 237 ILE A CB  1 
ATOM   1193 C CG1 . ILE A 1 172 ? -11.651 2.917   -0.585  1.00 69.47  ? 237 ILE A CG1 1 
ATOM   1194 C CG2 . ILE A 1 172 ? -12.584 3.371   -2.788  1.00 60.78  ? 237 ILE A CG2 1 
ATOM   1195 C CD1 . ILE A 1 172 ? -12.479 1.796   0.030   1.00 80.49  ? 237 ILE A CD1 1 
ATOM   1196 N N   . VAL A 1 173 ? -14.046 6.409   -1.751  1.00 60.60  ? 238 VAL A N   1 
ATOM   1197 C CA  . VAL A 1 173 ? -15.089 7.102   -2.514  1.00 61.77  ? 238 VAL A CA  1 
ATOM   1198 C C   . VAL A 1 173 ? -14.668 8.548   -2.815  1.00 66.28  ? 238 VAL A C   1 
ATOM   1199 O O   . VAL A 1 173 ? -14.880 9.047   -3.924  1.00 64.58  ? 238 VAL A O   1 
ATOM   1200 C CB  . VAL A 1 173 ? -16.471 7.026   -1.819  1.00 59.52  ? 238 VAL A CB  1 
ATOM   1201 C CG1 . VAL A 1 173 ? -16.885 5.576   -1.593  1.00 54.93  ? 238 VAL A CG1 1 
ATOM   1202 C CG2 . VAL A 1 173 ? -16.456 7.751   -0.485  1.00 65.71  ? 238 VAL A CG2 1 
ATOM   1203 N N   . ALA A 1 174 ? -14.026 9.192   -1.832  1.00 68.89  ? 239 ALA A N   1 
ATOM   1204 C CA  . ALA A 1 174 ? -13.445 10.530  -1.990  1.00 65.97  ? 239 ALA A CA  1 
ATOM   1205 C C   . ALA A 1 174 ? -12.429 10.551  -3.133  1.00 69.62  ? 239 ALA A C   1 
ATOM   1206 O O   . ALA A 1 174 ? -12.241 11.575  -3.763  1.00 69.39  ? 239 ALA A O   1 
ATOM   1207 C CB  . ALA A 1 174 ? -12.787 10.985  -0.690  1.00 63.34  ? 239 ALA A CB  1 
ATOM   1208 N N   . GLY A 1 175 ? -11.760 9.422   -3.365  1.00 71.93  ? 240 GLY A N   1 
ATOM   1209 C CA  . GLY A 1 175 ? -10.882 9.245   -4.519  1.00 71.16  ? 240 GLY A CA  1 
ATOM   1210 C C   . GLY A 1 175 ? -11.596 9.254   -5.860  1.00 67.76  ? 240 GLY A C   1 
ATOM   1211 O O   . GLY A 1 175 ? -11.111 9.893   -6.785  1.00 61.40  ? 240 GLY A O   1 
ATOM   1212 N N   . TRP A 1 176 ? -12.739 8.561   -5.960  1.00 71.46  ? 241 TRP A N   1 
ATOM   1213 C CA  . TRP A 1 176 ? -13.517 8.419   -7.210  1.00 78.45  ? 241 TRP A CA  1 
ATOM   1214 C C   . TRP A 1 176 ? -14.069 9.729   -7.536  1.00 83.54  ? 241 TRP A C   1 
ATOM   1215 O O   . TRP A 1 176 ? -14.234 10.155  -8.671  1.00 85.69  ? 241 TRP A O   1 
ATOM   1216 C CB  . TRP A 1 176 ? -14.772 7.586   -6.971  1.00 76.89  ? 241 TRP A CB  1 
ATOM   1217 C CG  . TRP A 1 176 ? -14.482 6.155   -6.561  1.00 75.14  ? 241 TRP A CG  1 
ATOM   1218 C CD1 . TRP A 1 176 ? -13.286 5.513   -6.664  1.00 72.66  ? 241 TRP A CD1 1 
ATOM   1219 C CD2 . TRP A 1 176 ? -15.411 5.180   -6.016  1.00 79.89  ? 241 TRP A CD2 1 
ATOM   1220 N NE1 . TRP A 1 176 ? -13.395 4.218   -6.208  1.00 72.23  ? 241 TRP A NE1 1 
ATOM   1221 C CE2 . TRP A 1 176 ? -14.682 3.980   -5.808  1.00 77.75  ? 241 TRP A CE2 1 
ATOM   1222 C CE3 . TRP A 1 176 ? -16.780 5.206   -5.677  1.00 85.70  ? 241 TRP A CE3 1 
ATOM   1223 C CZ2 . TRP A 1 176 ? -15.272 2.807   -5.270  1.00 79.42  ? 241 TRP A CZ2 1 
ATOM   1224 C CZ3 . TRP A 1 176 ? -17.372 4.031   -5.137  1.00 85.49  ? 241 TRP A CZ3 1 
ATOM   1225 C CH2 . TRP A 1 176 ? -16.608 2.856   -4.939  1.00 82.54  ? 241 TRP A CH2 1 
ATOM   1226 N N   . PHE A 1 177 ? -14.476 10.377  -6.503  1.00 89.76  ? 242 PHE A N   1 
ATOM   1227 C CA  . PHE A 1 177 ? -15.167 11.486  -6.888  1.00 93.87  ? 242 PHE A CA  1 
ATOM   1228 C C   . PHE A 1 177 ? -14.212 12.655  -7.036  1.00 101.53 ? 242 PHE A C   1 
ATOM   1229 O O   . PHE A 1 177 ? -14.638 13.765  -6.884  1.00 104.65 ? 242 PHE A O   1 
ATOM   1230 C CB  . PHE A 1 177 ? -16.351 11.723  -5.981  1.00 86.07  ? 242 PHE A CB  1 
ATOM   1231 C CG  . PHE A 1 177 ? -17.292 10.539  -5.885  1.00 92.81  ? 242 PHE A CG  1 
ATOM   1232 C CD1 . PHE A 1 177 ? -17.500 9.649   -6.958  1.00 101.29 ? 242 PHE A CD1 1 
ATOM   1233 C CD2 . PHE A 1 177 ? -18.035 10.342  -4.712  1.00 94.26  ? 242 PHE A CD2 1 
ATOM   1234 C CE1 . PHE A 1 177 ? -18.387 8.572   -6.827  1.00 104.65 ? 242 PHE A CE1 1 
ATOM   1235 C CE2 . PHE A 1 177 ? -18.927 9.275   -4.583  1.00 99.01  ? 242 PHE A CE2 1 
ATOM   1236 C CZ  . PHE A 1 177 ? -19.105 8.391   -5.641  1.00 100.21 ? 242 PHE A CZ  1 
ATOM   1237 N N   . ASP A 1 178 ? -12.935 12.404  -7.363  1.00 107.61 ? 243 ASP A N   1 
ATOM   1238 C CA  . ASP A 1 178 ? -11.899 13.459  -7.599  1.00 112.76 ? 243 ASP A CA  1 
ATOM   1239 C C   . ASP A 1 178 ? -11.782 14.617  -6.580  1.00 109.51 ? 243 ASP A C   1 
ATOM   1240 O O   . ASP A 1 178 ? -11.430 15.739  -6.939  1.00 116.06 ? 243 ASP A O   1 
ATOM   1241 C CB  . ASP A 1 178 ? -12.012 14.015  -9.032  1.00 130.13 ? 243 ASP A CB  1 
ATOM   1242 C CG  . ASP A 1 178 ? -13.262 14.885  -9.251  1.00 147.12 ? 243 ASP A CG  1 
ATOM   1243 O OD1 . ASP A 1 178 ? -13.624 15.703  -8.370  1.00 149.06 ? 243 ASP A OD1 1 
ATOM   1244 O OD2 . ASP A 1 178 ? -13.881 14.757  -10.332 1.00 162.38 ? 243 ASP A OD2 1 
ATOM   1245 N N   . LEU A 1 179 ? -12.056 14.325  -5.314  1.00 105.80 ? 244 LEU A N   1 
ATOM   1246 C CA  . LEU A 1 179 ? -12.221 15.348  -4.265  1.00 102.08 ? 244 LEU A CA  1 
ATOM   1247 C C   . LEU A 1 179 ? -11.088 16.341  -4.007  1.00 101.69 ? 244 LEU A C   1 
ATOM   1248 O O   . LEU A 1 179 ? -9.978  15.977  -3.616  1.00 93.80  ? 244 LEU A O   1 
ATOM   1249 C CB  . LEU A 1 179 ? -12.675 14.718  -2.948  1.00 95.88  ? 244 LEU A CB  1 
ATOM   1250 C CG  . LEU A 1 179 ? -14.168 14.903  -2.666  1.00 90.36  ? 244 LEU A CG  1 
ATOM   1251 C CD1 . LEU A 1 179 ? -15.049 14.243  -3.729  1.00 86.68  ? 244 LEU A CD1 1 
ATOM   1252 C CD2 . LEU A 1 179 ? -14.490 14.381  -1.272  1.00 82.02  ? 244 LEU A CD2 1 
ATOM   1253 N N   . PHE A 1 180 ? -11.432 17.611  -4.222  1.00 104.90 ? 245 PHE A N   1 
ATOM   1254 C CA  . PHE A 1 180 ? -10.608 18.787  -3.894  1.00 102.46 ? 245 PHE A CA  1 
ATOM   1255 C C   . PHE A 1 180 ? -9.316  18.894  -4.684  1.00 107.49 ? 245 PHE A C   1 
ATOM   1256 O O   . PHE A 1 180 ? -8.339  19.502  -4.223  1.00 112.12 ? 245 PHE A O   1 
ATOM   1257 C CB  . PHE A 1 180 ? -10.396 18.926  -2.374  1.00 95.54  ? 245 PHE A CB  1 
ATOM   1258 C CG  . PHE A 1 180 ? -11.658 19.264  -1.635  1.00 98.25  ? 245 PHE A CG  1 
ATOM   1259 C CD1 . PHE A 1 180 ? -12.152 20.573  -1.622  1.00 97.15  ? 245 PHE A CD1 1 
ATOM   1260 C CD2 . PHE A 1 180 ? -12.389 18.267  -0.989  1.00 104.05 ? 245 PHE A CD2 1 
ATOM   1261 C CE1 . PHE A 1 180 ? -13.336 20.883  -0.962  1.00 97.68  ? 245 PHE A CE1 1 
ATOM   1262 C CE2 . PHE A 1 180 ? -13.580 18.569  -0.334  1.00 106.11 ? 245 PHE A CE2 1 
ATOM   1263 C CZ  . PHE A 1 180 ? -14.052 19.878  -0.319  1.00 102.22 ? 245 PHE A CZ  1 
ATOM   1264 N N   . GLY A 1 181 ? -9.348  18.319  -5.891  1.00 107.91 ? 246 GLY A N   1 
ATOM   1265 C CA  . GLY A 1 181 ? -8.234  18.360  -6.855  1.00 116.13 ? 246 GLY A CA  1 
ATOM   1266 C C   . GLY A 1 181 ? -7.374  17.100  -6.930  1.00 111.39 ? 246 GLY A C   1 
ATOM   1267 O O   . GLY A 1 181 ? -6.587  16.921  -7.874  1.00 109.34 ? 246 GLY A O   1 
ATOM   1268 N N   . MET A 1 182 ? -7.543  16.228  -5.936  1.00 103.55 ? 247 MET A N   1 
ATOM   1269 C CA  . MET A 1 182 ? -6.660  15.099  -5.705  1.00 92.26  ? 247 MET A CA  1 
ATOM   1270 C C   . MET A 1 182 ? -6.688  14.105  -6.843  1.00 88.47  ? 247 MET A C   1 
ATOM   1271 O O   . MET A 1 182 ? -7.709  13.937  -7.521  1.00 93.82  ? 247 MET A O   1 
ATOM   1272 C CB  . MET A 1 182 ? -7.009  14.420  -4.388  1.00 91.97  ? 247 MET A CB  1 
ATOM   1273 C CG  . MET A 1 182 ? -5.802  13.964  -3.598  1.00 100.24 ? 247 MET A CG  1 
ATOM   1274 S SD  . MET A 1 182 ? -6.072  14.287  -1.834  1.00 111.21 ? 247 MET A SD  1 
ATOM   1275 C CE  . MET A 1 182 ? -6.036  16.081  -1.765  1.00 97.96  ? 247 MET A CE  1 
ATOM   1276 N N   . SER A 1 183 ? -5.537  13.474  -7.045  1.00 77.09  ? 248 SER A N   1 
ATOM   1277 C CA  . SER A 1 183 ? -5.287  12.635  -8.195  1.00 61.97  ? 248 SER A CA  1 
ATOM   1278 C C   . SER A 1 183 ? -4.960  11.254  -7.676  1.00 55.09  ? 248 SER A C   1 
ATOM   1279 O O   . SER A 1 183 ? -3.834  10.783  -7.696  1.00 55.63  ? 248 SER A O   1 
ATOM   1280 C CB  . SER A 1 183 ? -4.155  13.219  -9.009  1.00 61.09  ? 248 SER A CB  1 
ATOM   1281 O OG  . SER A 1 183 ? -4.126  12.566  -10.242 1.00 68.12  ? 248 SER A OG  1 
ATOM   1282 N N   . MET A 1 184 ? -5.979  10.621  -7.146  1.00 51.53  ? 249 MET A N   1 
ATOM   1283 C CA  . MET A 1 184 ? -5.757  9.391   -6.426  1.00 48.33  ? 249 MET A CA  1 
ATOM   1284 C C   . MET A 1 184 ? -5.639  8.199   -7.354  1.00 40.86  ? 249 MET A C   1 
ATOM   1285 O O   . MET A 1 184 ? -6.356  8.100   -8.347  1.00 41.98  ? 249 MET A O   1 
ATOM   1286 C CB  . MET A 1 184 ? -6.859  9.166   -5.407  1.00 54.13  ? 249 MET A CB  1 
ATOM   1287 C CG  . MET A 1 184 ? -6.690  10.037  -4.176  1.00 64.01  ? 249 MET A CG  1 
ATOM   1288 S SD  . MET A 1 184 ? -7.756  9.453   -2.857  1.00 69.34  ? 249 MET A SD  1 
ATOM   1289 C CE  . MET A 1 184 ? -7.136  10.553  -1.573  1.00 76.20  ? 249 MET A CE  1 
ATOM   1290 N N   . ALA A 1 185 ? -4.703  7.316   -7.038  1.00 35.78  ? 250 ALA A N   1 
ATOM   1291 C CA  . ALA A 1 185 ? -4.587  6.028   -7.692  1.00 36.44  ? 250 ALA A CA  1 
ATOM   1292 C C   . ALA A 1 185 ? -5.758  5.087   -7.270  1.00 43.31  ? 250 ALA A C   1 
ATOM   1293 O O   . ALA A 1 185 ? -5.667  4.299   -6.295  1.00 44.03  ? 250 ALA A O   1 
ATOM   1294 C CB  . ALA A 1 185 ? -3.233  5.429   -7.417  1.00 31.92  ? 250 ALA A CB  1 
ATOM   1295 N N   . ASN A 1 186 ? -6.869  5.189   -8.013  1.00 43.81  ? 251 ASN A N   1 
ATOM   1296 C CA  . ASN A 1 186 ? -8.100  4.472   -7.656  1.00 40.54  ? 251 ASN A CA  1 
ATOM   1297 C C   . ASN A 1 186 ? -8.052  2.949   -7.869  1.00 37.96  ? 251 ASN A C   1 
ATOM   1298 O O   . ASN A 1 186 ? -8.589  2.191   -7.076  1.00 39.51  ? 251 ASN A O   1 
ATOM   1299 C CB  . ASN A 1 186 ? -9.329  5.120   -8.309  1.00 41.70  ? 251 ASN A CB  1 
ATOM   1300 C CG  . ASN A 1 186 ? -9.558  6.555   -7.837  1.00 39.81  ? 251 ASN A CG  1 
ATOM   1301 O OD1 . ASN A 1 186 ? -9.710  6.796   -6.653  1.00 44.91  ? 251 ASN A OD1 1 
ATOM   1302 N ND2 . ASN A 1 186 ? -9.574  7.509   -8.763  1.00 38.01  ? 251 ASN A ND2 1 
ATOM   1303 N N   . GLY A 1 187 ? -7.381  2.499   -8.915  1.00 35.88  ? 252 GLY A N   1 
ATOM   1304 C CA  . GLY A 1 187 ? -7.207  1.061   -9.146  1.00 34.41  ? 252 GLY A CA  1 
ATOM   1305 C C   . GLY A 1 187 ? -6.372  0.437   -8.042  1.00 33.04  ? 252 GLY A C   1 
ATOM   1306 O O   . GLY A 1 187 ? -6.641  -0.675  -7.600  1.00 29.89  ? 252 GLY A O   1 
ATOM   1307 N N   . ALA A 1 188 ? -5.367  1.174   -7.580  1.00 32.91  ? 253 ALA A N   1 
ATOM   1308 C CA  . ALA A 1 188 ? -4.512  0.699   -6.505  1.00 33.57  ? 253 ALA A CA  1 
ATOM   1309 C C   . ALA A 1 188 ? -5.332  0.506   -5.237  1.00 32.27  ? 253 ALA A C   1 
ATOM   1310 O O   . ALA A 1 188 ? -5.222  -0.524  -4.599  1.00 33.61  ? 253 ALA A O   1 
ATOM   1311 C CB  . ALA A 1 188 ? -3.358  1.670   -6.261  1.00 35.22  ? 253 ALA A CB  1 
ATOM   1312 N N   . HIS A 1 189 ? -6.151  1.493   -4.884  1.00 31.53  ? 254 HIS A N   1 
ATOM   1313 C CA  . HIS A 1 189 ? -7.015  1.411   -3.689  1.00 33.37  ? 254 HIS A CA  1 
ATOM   1314 C C   . HIS A 1 189 ? -7.933  0.168   -3.661  1.00 33.70  ? 254 HIS A C   1 
ATOM   1315 O O   . HIS A 1 189 ? -7.928  -0.627  -2.717  1.00 30.65  ? 254 HIS A O   1 
ATOM   1316 C CB  . HIS A 1 189 ? -7.823  2.713   -3.491  1.00 36.05  ? 254 HIS A CB  1 
ATOM   1317 C CG  . HIS A 1 189 ? -6.993  3.920   -3.118  1.00 39.48  ? 254 HIS A CG  1 
ATOM   1318 N ND1 . HIS A 1 189 ? -7.544  5.180   -2.967  1.00 40.13  ? 254 HIS A ND1 1 
ATOM   1319 C CD2 . HIS A 1 189 ? -5.660  4.065   -2.892  1.00 40.02  ? 254 HIS A CD2 1 
ATOM   1320 C CE1 . HIS A 1 189 ? -6.591  6.041   -2.648  1.00 42.72  ? 254 HIS A CE1 1 
ATOM   1321 N NE2 . HIS A 1 189 ? -5.439  5.389   -2.583  1.00 42.15  ? 254 HIS A NE2 1 
ATOM   1322 N N   . ILE A 1 190 ? -8.673  -0.031  -4.729  1.00 36.45  ? 255 ILE A N   1 
ATOM   1323 C CA  . ILE A 1 190 ? -9.579  -1.179  -4.809  1.00 42.77  ? 255 ILE A CA  1 
ATOM   1324 C C   . ILE A 1 190 ? -8.852  -2.523  -4.959  1.00 37.39  ? 255 ILE A C   1 
ATOM   1325 O O   . ILE A 1 190 ? -9.240  -3.515  -4.338  1.00 35.61  ? 255 ILE A O   1 
ATOM   1326 C CB  . ILE A 1 190 ? -10.665 -0.993  -5.914  1.00 48.08  ? 255 ILE A CB  1 
ATOM   1327 C CG1 . ILE A 1 190 ? -11.624 0.140   -5.510  1.00 55.71  ? 255 ILE A CG1 1 
ATOM   1328 C CG2 . ILE A 1 190 ? -11.480 -2.270  -6.126  1.00 46.44  ? 255 ILE A CG2 1 
ATOM   1329 C CD1 . ILE A 1 190 ? -11.108 1.558   -5.762  1.00 55.44  ? 255 ILE A CD1 1 
ATOM   1330 N N   . ALA A 1 191 ? -7.822  -2.573  -5.790  1.00 32.56  ? 256 ALA A N   1 
ATOM   1331 C CA  . ALA A 1 191 ? -7.139  -3.841  -5.965  1.00 31.93  ? 256 ALA A CA  1 
ATOM   1332 C C   . ALA A 1 191 ? -6.465  -4.278  -4.654  1.00 32.99  ? 256 ALA A C   1 
ATOM   1333 O O   . ALA A 1 191 ? -6.509  -5.455  -4.281  1.00 31.71  ? 256 ALA A O   1 
ATOM   1334 C CB  . ALA A 1 191 ? -6.146  -3.746  -7.083  1.00 28.91  ? 256 ALA A CB  1 
ATOM   1335 N N   . GLY A 1 192 ? -5.877  -3.304  -3.956  1.00 35.34  ? 257 GLY A N   1 
ATOM   1336 C CA  . GLY A 1 192 ? -5.231  -3.532  -2.654  1.00 34.45  ? 257 GLY A CA  1 
ATOM   1337 C C   . GLY A 1 192 ? -6.261  -3.968  -1.634  1.00 32.36  ? 257 GLY A C   1 
ATOM   1338 O O   . GLY A 1 192 ? -6.096  -5.006  -1.006  1.00 34.25  ? 257 GLY A O   1 
ATOM   1339 N N   . LEU A 1 193 ? -7.347  -3.210  -1.508  1.00 30.36  ? 258 LEU A N   1 
ATOM   1340 C CA  . LEU A 1 193 ? -8.435  -3.590  -0.621  1.00 29.31  ? 258 LEU A CA  1 
ATOM   1341 C C   . LEU A 1 193 ? -8.853  -5.016  -0.819  1.00 30.62  ? 258 LEU A C   1 
ATOM   1342 O O   . LEU A 1 193 ? -9.000  -5.761  0.163   1.00 32.55  ? 258 LEU A O   1 
ATOM   1343 C CB  . LEU A 1 193 ? -9.657  -2.705  -0.822  1.00 28.53  ? 258 LEU A CB  1 
ATOM   1344 C CG  . LEU A 1 193 ? -10.728 -2.997  0.235   1.00 30.04  ? 258 LEU A CG  1 
ATOM   1345 C CD1 . LEU A 1 193 ? -10.258 -2.556  1.638   1.00 31.18  ? 258 LEU A CD1 1 
ATOM   1346 C CD2 . LEU A 1 193 ? -12.036 -2.366  -0.165  1.00 27.00  ? 258 LEU A CD2 1 
ATOM   1347 N N   . ALA A 1 194 ? -9.008  -5.387  -2.091  1.00 30.24  ? 259 ALA A N   1 
ATOM   1348 C CA  . ALA A 1 194 ? -9.454  -6.731  -2.502  1.00 30.22  ? 259 ALA A CA  1 
ATOM   1349 C C   . ALA A 1 194 ? -8.433  -7.806  -2.209  1.00 29.58  ? 259 ALA A C   1 
ATOM   1350 O O   . ALA A 1 194 ? -8.797  -8.883  -1.799  1.00 28.23  ? 259 ALA A O   1 
ATOM   1351 C CB  . ALA A 1 194 ? -9.767  -6.751  -4.000  1.00 27.79  ? 259 ALA A CB  1 
ATOM   1352 N N   . VAL A 1 195 ? -7.160  -7.541  -2.497  1.00 31.25  ? 260 VAL A N   1 
ATOM   1353 C CA  . VAL A 1 195 ? -6.102  -8.509  -2.189  1.00 32.16  ? 260 VAL A CA  1 
ATOM   1354 C C   . VAL A 1 195 ? -6.151  -8.854  -0.688  1.00 33.74  ? 260 VAL A C   1 
ATOM   1355 O O   . VAL A 1 195 ? -6.096  -10.019 -0.314  1.00 35.73  ? 260 VAL A O   1 
ATOM   1356 C CB  . VAL A 1 195 ? -4.722  -7.964  -2.594  1.00 32.56  ? 260 VAL A CB  1 
ATOM   1357 C CG1 . VAL A 1 195 ? -3.601  -8.706  -1.907  1.00 32.97  ? 260 VAL A CG1 1 
ATOM   1358 C CG2 . VAL A 1 195 ? -4.539  -8.095  -4.087  1.00 36.81  ? 260 VAL A CG2 1 
ATOM   1359 N N   . GLY A 1 196 ? -6.281  -7.829  0.152   1.00 33.02  ? 261 GLY A N   1 
ATOM   1360 C CA  . GLY A 1 196 ? -6.194  -7.977  1.591   1.00 34.39  ? 261 GLY A CA  1 
ATOM   1361 C C   . GLY A 1 196 ? -7.391  -8.731  2.130   1.00 34.46  ? 261 GLY A C   1 
ATOM   1362 O O   . GLY A 1 196 ? -7.224  -9.615  2.953   1.00 33.54  ? 261 GLY A O   1 
ATOM   1363 N N   . LEU A 1 197 ? -8.591  -8.374  1.661   1.00 35.75  ? 262 LEU A N   1 
ATOM   1364 C CA  . LEU A 1 197 ? -9.810  -9.134  1.977   1.00 35.94  ? 262 LEU A CA  1 
ATOM   1365 C C   . LEU A 1 197 ? -9.591  -10.592 1.627   1.00 36.00  ? 262 LEU A C   1 
ATOM   1366 O O   . LEU A 1 197 ? -9.772  -11.450 2.490   1.00 36.80  ? 262 LEU A O   1 
ATOM   1367 C CB  . LEU A 1 197 ? -11.051 -8.576  1.255   1.00 32.80  ? 262 LEU A CB  1 
ATOM   1368 C CG  . LEU A 1 197 ? -11.459 -7.182  1.723   1.00 30.72  ? 262 LEU A CG  1 
ATOM   1369 C CD1 . LEU A 1 197 ? -12.456 -6.560  0.775   1.00 28.43  ? 262 LEU A CD1 1 
ATOM   1370 C CD2 . LEU A 1 197 ? -12.009 -7.216  3.128   1.00 29.36  ? 262 LEU A CD2 1 
ATOM   1371 N N   . ALA A 1 198 ? -9.131  -10.853 0.400   1.00 33.51  ? 263 ALA A N   1 
ATOM   1372 C CA  . ALA A 1 198 ? -8.901  -12.225 -0.065  1.00 33.85  ? 263 ALA A CA  1 
ATOM   1373 C C   . ALA A 1 198 ? -7.928  -13.018 0.816   1.00 35.32  ? 263 ALA A C   1 
ATOM   1374 O O   . ALA A 1 198 ? -8.266  -14.120 1.250   1.00 37.17  ? 263 ALA A O   1 
ATOM   1375 C CB  . ALA A 1 198 ? -8.491  -12.264 -1.536  1.00 30.36  ? 263 ALA A CB  1 
ATOM   1376 N N   . MET A 1 199 ? -6.752  -12.450 1.117   1.00 36.58  ? 264 MET A N   1 
ATOM   1377 C CA  . MET A 1 199 ? -5.710  -13.171 1.882   1.00 33.96  ? 264 MET A CA  1 
ATOM   1378 C C   . MET A 1 199 ? -6.201  -13.441 3.282   1.00 32.98  ? 264 MET A C   1 
ATOM   1379 O O   . MET A 1 199 ? -5.923  -14.490 3.828   1.00 34.71  ? 264 MET A O   1 
ATOM   1380 C CB  . MET A 1 199 ? -4.386  -12.409 1.911   1.00 32.50  ? 264 MET A CB  1 
ATOM   1381 C CG  . MET A 1 199 ? -3.711  -12.329 0.556   1.00 39.07  ? 264 MET A CG  1 
ATOM   1382 S SD  . MET A 1 199 ? -2.144  -11.413 0.538   1.00 49.93  ? 264 MET A SD  1 
ATOM   1383 C CE  . MET A 1 199 ? -1.202  -12.408 1.703   1.00 47.83  ? 264 MET A CE  1 
ATOM   1384 N N   . ALA A 1 200 ? -6.945  -12.483 3.833   1.00 31.55  ? 265 ALA A N   1 
ATOM   1385 C CA  . ALA A 1 200 ? -7.522  -12.575 5.167   1.00 32.06  ? 265 ALA A CA  1 
ATOM   1386 C C   . ALA A 1 200 ? -8.577  -13.652 5.252   1.00 35.58  ? 265 ALA A C   1 
ATOM   1387 O O   . ALA A 1 200 ? -8.727  -14.272 6.309   1.00 33.62  ? 265 ALA A O   1 
ATOM   1388 C CB  . ALA A 1 200 ? -8.118  -11.248 5.563   1.00 27.94  ? 265 ALA A CB  1 
ATOM   1389 N N   . PHE A 1 201 ? -9.317  -13.819 4.144   1.00 39.25  ? 266 PHE A N   1 
ATOM   1390 C CA  . PHE A 1 201 ? -10.309 -14.873 3.979   1.00 44.56  ? 266 PHE A CA  1 
ATOM   1391 C C   . PHE A 1 201 ? -9.619  -16.225 3.943   1.00 42.41  ? 266 PHE A C   1 
ATOM   1392 O O   . PHE A 1 201 ? -9.903  -17.090 4.777   1.00 44.07  ? 266 PHE A O   1 
ATOM   1393 C CB  . PHE A 1 201 ? -11.203 -14.651 2.738   1.00 45.38  ? 266 PHE A CB  1 
ATOM   1394 C CG  . PHE A 1 201 ? -12.367 -15.597 2.667   1.00 50.46  ? 266 PHE A CG  1 
ATOM   1395 C CD1 . PHE A 1 201 ? -13.364 -15.600 3.671   1.00 50.27  ? 266 PHE A CD1 1 
ATOM   1396 C CD2 . PHE A 1 201 ? -12.475 -16.511 1.615   1.00 56.77  ? 266 PHE A CD2 1 
ATOM   1397 C CE1 . PHE A 1 201 ? -14.439 -16.489 3.618   1.00 56.62  ? 266 PHE A CE1 1 
ATOM   1398 C CE2 . PHE A 1 201 ? -13.567 -17.408 1.554   1.00 60.83  ? 266 PHE A CE2 1 
ATOM   1399 C CZ  . PHE A 1 201 ? -14.547 -17.391 2.553   1.00 55.45  ? 266 PHE A CZ  1 
ATOM   1400 N N   . VAL A 1 202 ? -8.688  -16.380 3.006   1.00 43.09  ? 267 VAL A N   1 
ATOM   1401 C CA  . VAL A 1 202 ? -7.812  -17.573 2.950   1.00 46.55  ? 267 VAL A CA  1 
ATOM   1402 C C   . VAL A 1 202 ? -7.182  -17.876 4.313   1.00 44.49  ? 267 VAL A C   1 
ATOM   1403 O O   . VAL A 1 202 ? -7.248  -19.008 4.756   1.00 50.99  ? 267 VAL A O   1 
ATOM   1404 C CB  . VAL A 1 202 ? -6.673  -17.468 1.895   1.00 46.40  ? 267 VAL A CB  1 
ATOM   1405 C CG1 . VAL A 1 202 ? -5.799  -18.714 1.900   1.00 45.25  ? 267 VAL A CG1 1 
ATOM   1406 C CG2 . VAL A 1 202 ? -7.236  -17.285 0.506   1.00 48.68  ? 267 VAL A CG2 1 
ATOM   1407 N N   . ASP A 1 203 ? -6.598  -16.866 4.964   1.00 44.60  ? 268 ASP A N   1 
ATOM   1408 C CA  . ASP A 1 203 ? -5.951  -17.032 6.273   1.00 45.24  ? 268 ASP A CA  1 
ATOM   1409 C C   . ASP A 1 203 ? -6.927  -17.437 7.402   1.00 47.60  ? 268 ASP A C   1 
ATOM   1410 O O   . ASP A 1 203 ? -6.523  -18.022 8.407   1.00 47.91  ? 268 ASP A O   1 
ATOM   1411 C CB  . ASP A 1 203 ? -5.152  -15.776 6.663   1.00 40.92  ? 268 ASP A CB  1 
ATOM   1412 C CG  . ASP A 1 203 ? -3.849  -15.614 5.857   1.00 43.22  ? 268 ASP A CG  1 
ATOM   1413 O OD1 . ASP A 1 203 ? -3.588  -16.442 4.972   1.00 46.52  ? 268 ASP A OD1 1 
ATOM   1414 O OD2 . ASP A 1 203 ? -3.083  -14.646 6.082   1.00 42.11  ? 268 ASP A OD2 1 
ATOM   1415 N N   . SER A 1 204 ? -8.207  -17.130 7.231   1.00 52.58  ? 269 SER A N   1 
ATOM   1416 C CA  . SER A 1 204 ? -9.208  -17.417 8.250   1.00 53.12  ? 269 SER A CA  1 
ATOM   1417 C C   . SER A 1 204 ? -9.803  -18.806 8.129   1.00 58.60  ? 269 SER A C   1 
ATOM   1418 O O   . SER A 1 204 ? -10.181 -19.402 9.131   1.00 68.99  ? 269 SER A O   1 
ATOM   1419 C CB  . SER A 1 204 ? -10.300 -16.379 8.205   1.00 51.33  ? 269 SER A CB  1 
ATOM   1420 O OG  . SER A 1 204 ? -9.761  -15.107 8.506   1.00 56.23  ? 269 SER A OG  1 
ATOM   1421 N N   . LEU A 1 205 ? -9.885  -19.321 6.910   1.00 65.67  ? 270 LEU A N   1 
ATOM   1422 C CA  . LEU A 1 205 ? -10.300 -20.711 6.679   1.00 71.20  ? 270 LEU A CA  1 
ATOM   1423 C C   . LEU A 1 205 ? -9.325  -21.688 7.334   1.00 78.63  ? 270 LEU A C   1 
ATOM   1424 O O   . LEU A 1 205 ? -9.748  -22.678 7.930   1.00 86.45  ? 270 LEU A O   1 
ATOM   1425 C CB  . LEU A 1 205 ? -10.390 -21.016 5.188   1.00 67.07  ? 270 LEU A CB  1 
ATOM   1426 C CG  . LEU A 1 205 ? -11.159 -20.014 4.343   1.00 65.95  ? 270 LEU A CG  1 
ATOM   1427 C CD1 . LEU A 1 205 ? -10.674 -20.069 2.897   1.00 71.57  ? 270 LEU A CD1 1 
ATOM   1428 C CD2 . LEU A 1 205 ? -12.653 -20.251 4.479   1.00 62.25  ? 270 LEU A CD2 1 
ATOM   1429 N N   . ASN A 1 206 ? -8.029  -21.395 7.224   1.00 77.60  ? 271 ASN A N   1 
ATOM   1430 C CA  . ASN A 1 206 ? -6.982  -22.218 7.830   1.00 80.78  ? 271 ASN A CA  1 
ATOM   1431 C C   . ASN A 1 206 ? -6.818  -21.943 9.335   1.00 90.85  ? 271 ASN A C   1 
ATOM   1432 O O   . ASN A 1 206 ? -6.364  -22.819 10.084  1.00 98.09  ? 271 ASN A O   1 
ATOM   1433 C CB  . ASN A 1 206 ? -5.632  -22.027 7.106   1.00 80.60  ? 271 ASN A CB  1 
ATOM   1434 C CG  . ASN A 1 206 ? -5.746  -22.117 5.595   1.00 75.22  ? 271 ASN A CG  1 
ATOM   1435 O OD1 . ASN A 1 206 ? -6.731  -22.627 5.071   1.00 83.70  ? 271 ASN A OD1 1 
ATOM   1436 N ND2 . ASN A 1 206 ? -4.740  -21.611 4.888   1.00 69.66  ? 271 ASN A ND2 1 
ATOM   1437 N N   . ALA A 1 207 ? -7.179  -20.733 9.770   1.00 95.52  ? 272 ALA A N   1 
ATOM   1438 C CA  . ALA A 1 207 ? -7.055  -20.338 11.176  1.00 96.71  ? 272 ALA A CA  1 
ATOM   1439 C C   . ALA A 1 207 ? -8.429  -20.161 11.811  1.00 108.77 ? 272 ALA A C   1 
ATOM   1440 O O   . ALA A 1 207 ? -8.555  -19.662 12.929  1.00 127.53 ? 272 ALA A O   1 
ATOM   1441 C CB  . ALA A 1 207 ? -6.221  -19.072 11.311  1.00 84.67  ? 272 ALA A CB  1 
HETATM 1442 C C   . ACE B 2 1   ? 0.678   10.943  -10.078 1.00 51.52  ? 500 ACE B C   1 
HETATM 1443 O O   . ACE B 2 1   ? 0.479   11.647  -9.087  1.00 51.52  ? 500 ACE B O   1 
HETATM 1444 C CH3 . ACE B 2 1   ? 1.795   11.293  -11.074 1.00 44.06  ? 500 ACE B CH3 1 
ATOM   1445 N N   . ARG B 2 2   ? -0.033  9.842   -10.328 1.00 47.75  ? 501 ARG B N   1 
ATOM   1446 C CA  . ARG B 2 2   ? -1.222  9.489   -9.546  1.00 46.54  ? 501 ARG B CA  1 
ATOM   1447 C C   . ARG B 2 2   ? -0.876  8.971   -8.150  1.00 44.46  ? 501 ARG B C   1 
ATOM   1448 O O   . ARG B 2 2   ? 0.056   8.206   -8.010  1.00 42.34  ? 501 ARG B O   1 
ATOM   1449 C CB  . ARG B 2 2   ? -2.060  8.475   -10.333 1.00 49.71  ? 501 ARG B CB  1 
ATOM   1450 C CG  . ARG B 2 2   ? -3.535  8.609   -10.129 1.00 50.63  ? 501 ARG B CG  1 
ATOM   1451 C CD  . ARG B 2 2   ? -4.045  9.757   -10.930 1.00 49.66  ? 501 ARG B CD  1 
ATOM   1452 N NE  . ARG B 2 2   ? -4.726  9.293   -12.107 1.00 55.35  ? 501 ARG B NE  1 
ATOM   1453 C CZ  . ARG B 2 2   ? -6.048  9.240   -12.221 1.00 57.93  ? 501 ARG B CZ  1 
ATOM   1454 N NH1 . ARG B 2 2   ? -6.579  8.826   -13.352 1.00 60.77  ? 501 ARG B NH1 1 
ATOM   1455 N NH2 . ARG B 2 2   ? -6.843  9.593   -11.214 1.00 58.04  ? 501 ARG B NH2 1 
ATOM   1456 N N   . MET B 2 3   ? -1.553  9.370   -7.063  1.00 42.97  ? 502 MET B N   1 
ATOM   1457 C CA  . MET B 2 3   ? -1.284  9.138   -5.677  1.00 43.73  ? 502 MET B CA  1 
ATOM   1458 C C   . MET B 2 3   ? -2.000  7.945   -5.096  1.00 41.93  ? 502 MET B C   1 
ATOM   1459 O O   . MET B 2 3   ? -3.213  7.914   -4.983  1.00 46.33  ? 502 MET B O   1 
ATOM   1460 C CB  . MET B 2 3   ? -1.519  10.354  -4.827  1.00 49.26  ? 502 MET B CB  1 
ATOM   1461 C CG  . MET B 2 3   ? -0.668  11.559  -5.095  1.00 61.46  ? 502 MET B CG  1 
ATOM   1462 S SD  . MET B 2 3   ? -0.982  12.871  -3.928  1.00 83.20  ? 502 MET B SD  1 
ATOM   1463 C CE  . MET B 2 3   ? 0.491   13.797  -4.022  1.00 88.78  ? 502 MET B CE  1 
HETATM 1464 N N   . 5XU B 2 4   ? -1.217  6.999   -4.642  1.00 37.72  ? 503 5XU B N   1 
HETATM 1465 C CA  . 5XU B 2 4   ? -1.646  5.803   -3.967  1.00 37.53  ? 503 5XU B CA  1 
HETATM 1466 C C   . 5XU B 2 4   ? -1.323  5.907   -2.466  1.00 39.98  ? 503 5XU B C   1 
HETATM 1467 O O   . 5XU B 2 4   ? -0.251  6.403   -2.151  1.00 43.52  ? 503 5XU B O   1 
HETATM 1468 C CB  . 5XU B 2 4   ? -1.075  4.568   -4.605  1.00 35.47  ? 503 5XU B CB  1 
HETATM 1469 O O   . HOH C 3 .   ? 17.530  10.592  -16.276 1.00 38.60  ? 301 HOH A O   1 
HETATM 1470 O O   . HOH C 3 .   ? -9.907  5.604   -4.388  1.00 54.49  ? 302 HOH A O   1 
HETATM 1471 O O   . HOH C 3 .   ? -9.190  11.033  -8.111  1.00 57.57  ? 303 HOH A O   1 
HETATM 1472 O O   . HOH C 3 .   ? 8.391   8.006   -0.516  1.00 44.54  ? 304 HOH A O   1 
HETATM 1473 O O   . HOH C 3 .   ? 0.091   0.344   -5.267  1.00 34.73  ? 305 HOH A O   1 
HETATM 1474 O O   . HOH C 3 .   ? -6.372  1.267   -19.875 1.00 33.72  ? 306 HOH A O   1 
HETATM 1475 O O   . HOH C 3 .   ? 1.826   2.332   -5.891  1.00 22.55  ? 307 HOH A O   1 
HETATM 1476 O O   . HOH C 3 .   ? -0.589  -3.459  -15.799 1.00 35.90  ? 308 HOH A O   1 
HETATM 1477 O O   . HOH C 3 .   ? 8.333   3.248   -16.286 1.00 30.47  ? 309 HOH A O   1 
HETATM 1478 O O   . HOH C 3 .   ? -1.609  -2.996  -20.368 1.00 52.21  ? 310 HOH A O   1 
HETATM 1479 O O   . HOH C 3 .   ? -2.074  5.366   -12.985 1.00 25.51  ? 311 HOH A O   1 
HETATM 1480 O O   . HOH C 3 .   ? 4.615   3.306   -10.990 1.00 25.87  ? 312 HOH A O   1 
HETATM 1481 O O   . HOH C 3 .   ? -1.366  7.899   -13.664 1.00 47.88  ? 313 HOH A O   1 
HETATM 1482 O O   . HOH C 3 .   ? -11.726 -6.398  12.568  1.00 45.37  ? 314 HOH A O   1 
HETATM 1483 O O   . HOH C 3 .   ? 8.091   14.249  -3.516  1.00 44.21  ? 315 HOH A O   1 
HETATM 1484 O O   . HOH C 3 .   ? 0.062   7.367   -15.959 1.00 35.83  ? 316 HOH A O   1 
HETATM 1485 O O   . HOH C 3 .   ? 0.880   0.591   -2.576  1.00 26.90  ? 317 HOH A O   1 
HETATM 1486 O O   . HOH C 3 .   ? -6.971  5.625   -11.281 1.00 17.71  ? 318 HOH A O   1 
HETATM 1487 O O   . HOH C 3 .   ? -4.428  8.121   -1.417  1.00 41.42  ? 319 HOH A O   1 
HETATM 1488 O O   . HOH C 3 .   ? -1.932  -16.207 10.009  1.00 57.21  ? 320 HOH A O   1 
HETATM 1489 O O   . HOH C 3 .   ? -1.055  -7.514  -19.801 1.00 42.40  ? 321 HOH A O   1 
HETATM 1490 O O   . HOH C 3 .   ? 8.270   -1.357  -27.554 1.00 44.82  ? 322 HOH A O   1 
HETATM 1491 O O   . HOH C 3 .   ? -2.957  9.251   0.124   1.00 43.89  ? 323 HOH A O   1 
HETATM 1492 O O   . HOH C 3 .   ? 9.349   -2.933  -1.887  1.00 54.93  ? 324 HOH A O   1 
HETATM 1493 O O   . HOH C 3 .   ? 15.835  -7.279  -9.568  1.00 52.16  ? 325 HOH A O   1 
HETATM 1494 O O   . HOH C 3 .   ? 8.954   10.729  -16.499 1.00 49.51  ? 326 HOH A O   1 
HETATM 1495 O O   . HOH C 3 .   ? 16.134  -6.035  -19.575 1.00 46.94  ? 327 HOH A O   1 
HETATM 1496 O O   . HOH C 3 .   ? 15.403  21.508  -6.230  1.00 65.78  ? 328 HOH A O   1 
HETATM 1497 O O   . HOH C 3 .   ? -14.728 4.259   21.397  1.00 61.22  ? 329 HOH A O   1 
HETATM 1498 O O   . HOH C 3 .   ? 23.656  15.000  -0.807  1.00 48.56  ? 330 HOH A O   1 
# 
